data_4QC0
#
_entry.id   4QC0
#
_cell.length_a   71.510
_cell.length_b   149.220
_cell.length_c   85.830
_cell.angle_alpha   90.00
_cell.angle_beta   103.50
_cell.angle_gamma   90.00
#
_symmetry.space_group_name_H-M   'P 1 21 1'
#
loop_
_entity.id
_entity.type
_entity.pdbx_description
1 polymer 'Toll-like receptor 8'
2 branched beta-D-mannopyranose-(1-4)-2-acetamido-2-deoxy-beta-D-glucopyranose-(1-4)-2-acetamido-2-deoxy-beta-D-glucopyranose
3 branched alpha-D-mannopyranose-(1-3)-beta-D-mannopyranose-(1-4)-2-acetamido-2-deoxy-beta-D-glucopyranose-(1-4)-2-acetamido-2-deoxy-beta-D-glucopyranose
4 non-polymer 2-acetamido-2-deoxy-beta-D-glucopyranose
5 non-polymer 2-butyl-2H-pyrazolo[3,4-c]quinolin-4-amine
6 water water
#
_entity_poly.entity_id   1
_entity_poly.type   'polypeptide(L)'
_entity_poly.pdbx_seq_one_letter_code
;RSPWEENFSRSYPCDEKKQNDSVIAECSNRRLQEVPQTVGKYVTELDLSDNFITHITNESFQGLQNLTKINLNHNPNVQH
QNGNPGIQSNGLNITDGAFLNLKNLRELLLEDNQLPQIPSGLPESLTELSLIQNNIYNITKEGISRLINLKNLYLAWNCY
FNKVCEKTNIEDGVFETLTNLELLSLSFNSLSHVPPKLPSSLRKLFLSNTQIKYISEEDFKGLINLTLLDLSGNCPRCFN
APFPCVPCDGGASINIDRFAFQNLTQLRYLNLSSTSLRKINAAWFKNMPHLKVLDLEFNYLVGEIASGAFLTMLPRLEIL
DLSFNYIKGSYPQHINISRNFSKLLSLRALHLRGYVFQELREDDFQPLMQLPNLSTINLGINFIKQIDFKLFQNFSNLEI
IYLSENRISPLVKDTRQSYANSSSFQRHIRKRRSTDFEFDPHSNFYHFTRPLIKPQCAAYGKALDLSLNSIFFIGPNQFE
NLPDIACLNLSANSNAQVLSGTEFSAIPHVKYLDLTNNRLDFDNASALTELSDLEVLDLSYNSHYFRIAGVTHHLEFIQN
FTNLKVLNLSHNNIYTLTDKYNLESKSLVELVFSGNRLDILWNDDDNRYISIFKGLKNLTRLDLSLNRLKHIPNEAFLNL
PASLTELHINDNMLKFFNWTLLQQFPRLELLDLRGNKLLFLTDSLSDFTSSLRTLLLSHNRISHLPSGFLSEVSSLKHLD
LSSNLLKTINKSALETKTTTKLSMLELHGNPFECTCDIGDFRRWMDEHLNVKIPRLVDVICASPGDQRGKSIVSLELTTC
VSDVTEFLVPR
;
_entity_poly.pdbx_strand_id   A,B
#
# COMPACT_ATOMS: atom_id res chain seq x y z
N ARG A 10 9.90 -35.22 -19.64
CA ARG A 10 9.62 -33.78 -19.34
C ARG A 10 8.77 -33.16 -20.44
N SER A 11 7.47 -33.00 -20.17
CA SER A 11 6.53 -32.54 -21.19
C SER A 11 6.86 -31.10 -21.45
N TYR A 12 6.68 -30.72 -22.71
CA TYR A 12 6.90 -29.35 -23.16
C TYR A 12 5.99 -29.10 -24.34
N PRO A 13 5.27 -27.97 -24.33
CA PRO A 13 5.36 -26.91 -23.33
C PRO A 13 4.45 -27.09 -22.11
N CYS A 14 3.57 -28.09 -22.15
CA CYS A 14 2.55 -28.18 -21.12
C CYS A 14 3.11 -28.72 -19.82
N ASP A 15 2.33 -28.58 -18.77
CA ASP A 15 2.61 -29.17 -17.47
C ASP A 15 1.61 -30.31 -17.24
N GLU A 16 2.10 -31.55 -17.14
CA GLU A 16 1.22 -32.72 -17.03
C GLU A 16 1.01 -33.23 -15.59
N LYS A 17 -0.01 -34.07 -15.40
CA LYS A 17 -0.30 -34.72 -14.11
C LYS A 17 -1.42 -35.79 -14.25
N LYS A 18 -1.61 -36.60 -13.21
CA LYS A 18 -2.60 -37.67 -13.22
C LYS A 18 -4.01 -37.17 -12.84
N GLN A 19 -4.13 -36.63 -11.63
CA GLN A 19 -5.42 -36.19 -11.06
C GLN A 19 -6.65 -36.71 -11.78
N VAL A 23 -6.04 -37.35 -16.65
CA VAL A 23 -4.67 -36.99 -17.00
C VAL A 23 -4.62 -35.69 -17.79
N ILE A 24 -4.19 -34.62 -17.11
CA ILE A 24 -4.44 -33.25 -17.53
C ILE A 24 -3.19 -32.62 -18.12
N ALA A 25 -3.34 -32.00 -19.29
CA ALA A 25 -2.29 -31.18 -19.90
C ALA A 25 -2.59 -29.69 -19.67
N GLU A 26 -1.98 -29.09 -18.64
CA GLU A 26 -2.18 -27.69 -18.30
C GLU A 26 -1.34 -26.82 -19.21
N CYS A 27 -1.94 -26.15 -20.18
CA CYS A 27 -1.13 -25.47 -21.20
C CYS A 27 -1.54 -23.99 -21.36
N SER A 28 -2.01 -23.43 -20.27
CA SER A 28 -2.69 -22.17 -20.30
C SER A 28 -1.71 -21.05 -20.06
N ASN A 29 -1.99 -19.89 -20.64
CA ASN A 29 -1.22 -18.69 -20.31
C ASN A 29 0.27 -18.87 -20.60
N ARG A 30 0.61 -19.26 -21.81
CA ARG A 30 1.98 -19.56 -22.19
C ARG A 30 2.34 -18.96 -23.54
N ARG A 31 1.67 -17.90 -23.96
CA ARG A 31 2.00 -17.25 -25.24
C ARG A 31 2.07 -18.23 -26.40
N LEU A 32 1.17 -19.22 -26.44
CA LEU A 32 1.15 -20.18 -27.54
C LEU A 32 0.54 -19.56 -28.77
N GLN A 33 1.13 -19.88 -29.92
CA GLN A 33 0.70 -19.37 -31.21
C GLN A 33 -0.25 -20.34 -31.89
N GLU A 34 -0.17 -21.60 -31.51
CA GLU A 34 -0.92 -22.65 -32.18
C GLU A 34 -1.03 -23.81 -31.23
N VAL A 35 -2.03 -24.65 -31.48
CA VAL A 35 -2.12 -25.90 -30.78
C VAL A 35 -0.75 -26.53 -30.86
N PRO A 36 -0.12 -26.80 -29.72
CA PRO A 36 1.17 -27.43 -29.80
C PRO A 36 0.99 -28.85 -30.32
N GLN A 37 2.06 -29.41 -30.88
CA GLN A 37 2.01 -30.70 -31.53
C GLN A 37 2.69 -31.79 -30.66
N THR A 38 2.96 -31.47 -29.40
CA THR A 38 3.91 -32.19 -28.61
C THR A 38 3.33 -32.83 -27.33
N VAL A 39 2.02 -33.05 -27.31
CA VAL A 39 1.34 -33.43 -26.06
C VAL A 39 1.22 -34.95 -25.89
N GLY A 40 1.37 -35.43 -24.66
CA GLY A 40 1.35 -36.89 -24.38
C GLY A 40 0.17 -37.70 -24.91
N LYS A 41 0.37 -39.01 -25.07
CA LYS A 41 -0.68 -39.94 -25.50
C LYS A 41 -1.74 -40.10 -24.43
N TYR A 42 -1.30 -40.24 -23.18
CA TYR A 42 -2.19 -40.50 -22.05
C TYR A 42 -3.04 -39.30 -21.62
N VAL A 43 -2.93 -38.18 -22.33
CA VAL A 43 -3.70 -36.98 -21.97
C VAL A 43 -5.14 -37.11 -22.43
N THR A 44 -6.05 -36.78 -21.52
CA THR A 44 -7.48 -36.74 -21.81
C THR A 44 -8.08 -35.32 -21.76
N GLU A 45 -7.41 -34.37 -21.10
CA GLU A 45 -7.93 -33.01 -20.94
C GLU A 45 -6.82 -32.02 -21.26
N LEU A 46 -7.10 -31.08 -22.18
CA LEU A 46 -6.09 -30.13 -22.64
C LEU A 46 -6.58 -28.74 -22.37
N ASP A 47 -5.83 -28.00 -21.56
CA ASP A 47 -6.23 -26.67 -21.24
C ASP A 47 -5.29 -25.65 -21.88
N LEU A 48 -5.84 -24.96 -22.87
CA LEU A 48 -5.08 -24.04 -23.68
C LEU A 48 -5.60 -22.62 -23.51
N SER A 49 -6.26 -22.33 -22.38
CA SER A 49 -6.82 -21.01 -22.18
C SER A 49 -5.72 -19.95 -22.09
N ASP A 50 -6.05 -18.73 -22.50
CA ASP A 50 -5.16 -17.58 -22.32
C ASP A 50 -3.85 -17.64 -23.13
N ASN A 51 -3.96 -18.01 -24.41
CA ASN A 51 -2.83 -18.06 -25.30
C ASN A 51 -3.10 -17.15 -26.51
N PHE A 52 -2.29 -17.26 -27.57
CA PHE A 52 -2.43 -16.36 -28.71
C PHE A 52 -2.85 -17.13 -29.95
N ILE A 53 -3.66 -18.15 -29.74
CA ILE A 53 -4.08 -19.04 -30.79
C ILE A 53 -5.19 -18.37 -31.59
N THR A 54 -5.05 -18.39 -32.91
CA THR A 54 -6.04 -17.79 -33.83
C THR A 54 -6.60 -18.78 -34.85
N HIS A 55 -5.98 -19.95 -35.01
CA HIS A 55 -6.53 -20.94 -35.95
C HIS A 55 -6.69 -22.31 -35.33
N ILE A 56 -7.74 -22.99 -35.75
CA ILE A 56 -8.03 -24.35 -35.33
C ILE A 56 -8.47 -25.05 -36.61
N THR A 57 -7.77 -26.12 -36.99
CA THR A 57 -8.17 -26.96 -38.13
C THR A 57 -8.27 -28.39 -37.68
N ASN A 58 -8.75 -29.25 -38.59
CA ASN A 58 -8.88 -30.69 -38.27
C ASN A 58 -7.53 -31.38 -38.10
N GLU A 59 -6.46 -30.69 -38.50
CA GLU A 59 -5.11 -31.11 -38.14
C GLU A 59 -4.85 -30.88 -36.66
N SER A 60 -5.11 -29.65 -36.21
CA SER A 60 -4.72 -29.17 -34.88
C SER A 60 -4.57 -30.23 -33.81
N PHE A 61 -5.55 -31.13 -33.73
CA PHE A 61 -5.62 -32.11 -32.66
C PHE A 61 -5.47 -33.54 -33.17
N GLN A 62 -4.91 -33.70 -34.37
CA GLN A 62 -5.02 -34.97 -35.12
C GLN A 62 -4.50 -36.20 -34.38
N GLY A 63 -3.33 -36.10 -33.74
CA GLY A 63 -2.76 -37.20 -32.97
C GLY A 63 -3.30 -37.28 -31.55
N LEU A 64 -4.54 -36.86 -31.32
CA LEU A 64 -5.10 -36.74 -29.98
C LEU A 64 -6.55 -37.21 -29.94
N GLN A 65 -6.79 -38.48 -30.25
CA GLN A 65 -8.15 -39.02 -30.28
C GLN A 65 -8.72 -39.25 -28.87
N ASN A 66 -7.85 -39.42 -27.88
CA ASN A 66 -8.32 -39.79 -26.54
C ASN A 66 -8.86 -38.61 -25.71
N LEU A 67 -8.77 -37.38 -26.23
CA LEU A 67 -9.21 -36.19 -25.50
C LEU A 67 -10.71 -36.19 -25.22
N THR A 68 -11.06 -36.15 -23.94
CA THR A 68 -12.45 -35.92 -23.55
C THR A 68 -12.80 -34.47 -23.19
N LYS A 69 -11.82 -33.59 -22.92
CA LYS A 69 -12.10 -32.18 -22.59
C LYS A 69 -11.08 -31.21 -23.16
N ILE A 70 -11.53 -30.28 -23.98
CA ILE A 70 -10.63 -29.21 -24.45
C ILE A 70 -11.05 -27.85 -23.87
N ASN A 71 -10.08 -27.02 -23.49
CA ASN A 71 -10.39 -25.66 -23.06
C ASN A 71 -9.59 -24.59 -23.77
N LEU A 72 -10.32 -23.82 -24.57
CA LEU A 72 -9.73 -22.80 -25.39
C LEU A 72 -10.23 -21.39 -25.05
N ASN A 73 -10.70 -21.24 -23.82
CA ASN A 73 -11.08 -19.92 -23.34
C ASN A 73 -9.98 -18.88 -23.52
N HIS A 74 -10.36 -17.72 -24.02
CA HIS A 74 -9.47 -16.56 -24.08
C HIS A 74 -8.29 -16.78 -25.05
N ASN A 75 -8.67 -16.98 -26.31
CA ASN A 75 -7.75 -17.11 -27.44
C ASN A 75 -8.33 -16.45 -28.67
N PRO A 76 -7.58 -15.56 -29.32
CA PRO A 76 -6.28 -15.02 -28.98
C PRO A 76 -6.42 -14.12 -27.79
N ASN A 77 -5.43 -14.10 -26.91
CA ASN A 77 -5.51 -13.28 -25.70
C ASN A 77 -5.35 -11.76 -26.00
N VAL A 78 -6.31 -11.19 -26.73
CA VAL A 78 -6.23 -9.82 -27.25
C VAL A 78 -5.06 -9.71 -28.23
N GLY A 91 -9.79 -12.66 -32.69
CA GLY A 91 -10.90 -13.55 -33.05
C GLY A 91 -10.43 -14.91 -33.54
N LEU A 92 -10.89 -15.96 -32.88
CA LEU A 92 -10.42 -17.32 -33.13
C LEU A 92 -11.04 -17.87 -34.38
N ASN A 93 -10.24 -18.41 -35.30
CA ASN A 93 -10.74 -18.98 -36.56
C ASN A 93 -10.83 -20.49 -36.46
N ILE A 94 -12.04 -21.03 -36.63
CA ILE A 94 -12.27 -22.47 -36.48
C ILE A 94 -12.89 -23.08 -37.76
N THR A 95 -12.22 -24.06 -38.36
CA THR A 95 -12.72 -24.68 -39.59
C THR A 95 -13.88 -25.59 -39.28
N ASP A 96 -14.90 -25.57 -40.15
CA ASP A 96 -16.08 -26.44 -40.00
C ASP A 96 -15.55 -27.86 -39.82
N GLY A 97 -16.14 -28.61 -38.91
CA GLY A 97 -15.60 -29.94 -38.59
C GLY A 97 -14.19 -30.02 -38.00
N ALA A 98 -13.67 -28.94 -37.43
CA ALA A 98 -12.32 -29.00 -36.82
C ALA A 98 -12.18 -30.08 -35.74
N PHE A 99 -13.22 -30.26 -34.92
CA PHE A 99 -13.16 -31.18 -33.77
C PHE A 99 -13.89 -32.45 -34.10
N LEU A 100 -14.47 -32.47 -35.30
CA LEU A 100 -15.44 -33.49 -35.69
C LEU A 100 -14.85 -34.85 -35.57
N ASN A 101 -13.53 -34.91 -35.78
CA ASN A 101 -12.77 -36.12 -35.59
C ASN A 101 -12.78 -36.62 -34.15
N LEU A 102 -12.50 -35.71 -33.20
CA LEU A 102 -12.26 -36.08 -31.79
C LEU A 102 -13.43 -36.85 -31.19
N LYS A 103 -13.32 -38.18 -31.18
CA LYS A 103 -14.52 -39.02 -31.11
C LYS A 103 -14.93 -39.31 -29.70
N ASN A 104 -14.10 -38.90 -28.73
CA ASN A 104 -14.46 -38.97 -27.31
C ASN A 104 -14.67 -37.61 -26.59
N LEU A 105 -14.65 -36.52 -27.34
CA LEU A 105 -14.80 -35.16 -26.78
C LEU A 105 -16.17 -35.00 -26.15
N ARG A 106 -16.18 -34.85 -24.82
CA ARG A 106 -17.42 -34.60 -24.07
C ARG A 106 -17.59 -33.13 -23.74
N GLU A 107 -16.51 -32.43 -23.40
CA GLU A 107 -16.61 -31.03 -22.95
C GLU A 107 -15.75 -30.06 -23.75
N LEU A 108 -16.37 -29.06 -24.34
CA LEU A 108 -15.64 -28.09 -25.13
C LEU A 108 -15.94 -26.68 -24.62
N LEU A 109 -14.90 -26.05 -24.07
CA LEU A 109 -15.01 -24.67 -23.62
C LEU A 109 -14.44 -23.72 -24.63
N LEU A 110 -15.32 -22.87 -25.17
CA LEU A 110 -14.93 -21.84 -26.12
C LEU A 110 -15.47 -20.50 -25.63
N GLU A 111 -15.04 -20.09 -24.43
CA GLU A 111 -15.43 -18.78 -23.89
C GLU A 111 -14.48 -17.67 -24.30
N ASP A 112 -15.03 -16.51 -24.64
CA ASP A 112 -14.24 -15.32 -24.85
C ASP A 112 -13.31 -15.52 -26.04
N ASN A 113 -13.86 -15.89 -27.18
CA ASN A 113 -13.06 -16.07 -28.37
C ASN A 113 -13.43 -15.14 -29.55
N GLN A 114 -14.31 -14.16 -29.32
CA GLN A 114 -14.83 -13.28 -30.39
C GLN A 114 -15.47 -14.04 -31.56
N LEU A 115 -16.14 -15.15 -31.24
CA LEU A 115 -16.74 -15.97 -32.30
C LEU A 115 -17.99 -15.34 -32.86
N PRO A 116 -18.09 -15.21 -34.18
CA PRO A 116 -19.25 -14.56 -34.76
C PRO A 116 -20.39 -15.52 -34.98
N GLN A 117 -20.16 -16.81 -34.75
CA GLN A 117 -21.16 -17.82 -35.02
C GLN A 117 -20.84 -19.10 -34.25
N ILE A 118 -21.85 -19.92 -33.97
CA ILE A 118 -21.59 -21.28 -33.49
C ILE A 118 -20.75 -21.99 -34.57
N PRO A 119 -19.69 -22.72 -34.16
CA PRO A 119 -18.91 -23.42 -35.15
C PRO A 119 -19.67 -24.62 -35.74
N SER A 120 -19.49 -24.83 -37.04
CA SER A 120 -20.17 -25.86 -37.81
C SER A 120 -19.49 -27.18 -37.59
N GLY A 121 -20.28 -28.25 -37.53
CA GLY A 121 -19.72 -29.59 -37.47
C GLY A 121 -18.98 -29.85 -36.19
N LEU A 122 -19.59 -29.44 -35.09
CA LEU A 122 -19.17 -29.86 -33.77
C LEU A 122 -19.56 -31.33 -33.57
N PRO A 123 -18.77 -32.09 -32.80
CA PRO A 123 -19.06 -33.51 -32.59
C PRO A 123 -20.27 -33.81 -31.73
N GLU A 124 -20.89 -34.93 -32.07
CA GLU A 124 -22.09 -35.47 -31.44
C GLU A 124 -21.81 -36.00 -30.05
N SER A 125 -20.54 -36.26 -29.74
CA SER A 125 -20.21 -36.80 -28.42
C SER A 125 -20.33 -35.79 -27.29
N LEU A 126 -20.53 -34.53 -27.65
CA LEU A 126 -20.48 -33.46 -26.65
C LEU A 126 -21.62 -33.62 -25.68
N THR A 127 -21.29 -33.65 -24.39
CA THR A 127 -22.25 -33.43 -23.33
C THR A 127 -22.23 -32.01 -22.75
N GLU A 128 -21.14 -31.28 -23.00
CA GLU A 128 -20.93 -29.96 -22.41
C GLU A 128 -20.35 -28.99 -23.39
N LEU A 129 -21.00 -27.86 -23.61
CA LEU A 129 -20.51 -26.86 -24.56
C LEU A 129 -20.77 -25.44 -24.03
N SER A 130 -19.72 -24.62 -24.01
CA SER A 130 -19.80 -23.26 -23.48
C SER A 130 -19.30 -22.28 -24.50
N LEU A 131 -20.19 -21.40 -24.91
CA LEU A 131 -19.84 -20.38 -25.86
C LEU A 131 -20.17 -19.04 -25.22
N ILE A 132 -19.88 -18.93 -23.93
CA ILE A 132 -20.06 -17.67 -23.20
C ILE A 132 -19.16 -16.60 -23.79
N GLN A 133 -19.64 -15.37 -23.78
CA GLN A 133 -18.82 -14.21 -24.05
C GLN A 133 -18.26 -14.18 -25.47
N ASN A 134 -19.09 -14.52 -26.44
CA ASN A 134 -18.72 -14.46 -27.83
C ASN A 134 -19.60 -13.47 -28.55
N ASN A 135 -19.46 -13.37 -29.87
CA ASN A 135 -20.34 -12.56 -30.72
C ASN A 135 -21.35 -13.34 -31.53
N ILE A 136 -22.02 -14.29 -30.89
CA ILE A 136 -22.94 -15.20 -31.57
C ILE A 136 -24.36 -14.66 -31.38
N TYR A 137 -25.02 -14.23 -32.46
CA TYR A 137 -26.37 -13.66 -32.37
C TYR A 137 -27.44 -14.51 -33.05
N ASN A 138 -27.02 -15.69 -33.50
CA ASN A 138 -27.85 -16.62 -34.24
C ASN A 138 -27.70 -18.02 -33.68
N ILE A 139 -28.74 -18.54 -33.02
CA ILE A 139 -28.66 -19.85 -32.43
C ILE A 139 -29.39 -20.81 -33.32
N THR A 140 -28.64 -21.49 -34.20
CA THR A 140 -29.22 -22.22 -35.32
C THR A 140 -29.22 -23.74 -35.14
N LYS A 141 -30.12 -24.38 -35.87
CA LYS A 141 -30.21 -25.85 -35.92
C LYS A 141 -28.98 -26.52 -36.51
N GLU A 142 -28.44 -25.96 -37.57
CA GLU A 142 -27.22 -26.51 -38.16
C GLU A 142 -26.18 -26.51 -37.05
N GLY A 143 -26.06 -25.36 -36.41
CA GLY A 143 -25.24 -25.20 -35.22
C GLY A 143 -25.36 -26.28 -34.18
N ILE A 144 -26.57 -26.54 -33.69
CA ILE A 144 -26.75 -27.15 -32.39
C ILE A 144 -27.61 -28.41 -32.38
N SER A 145 -28.68 -28.42 -33.15
CA SER A 145 -29.75 -29.42 -33.03
C SER A 145 -29.25 -30.81 -33.30
N ARG A 146 -28.28 -30.87 -34.21
CA ARG A 146 -27.34 -31.98 -34.34
C ARG A 146 -26.92 -32.62 -33.01
N LEU A 147 -26.42 -31.78 -32.10
CA LEU A 147 -25.70 -32.24 -30.91
C LEU A 147 -26.70 -32.73 -29.88
N ILE A 148 -27.25 -33.89 -30.15
CA ILE A 148 -28.34 -34.43 -29.34
C ILE A 148 -27.92 -35.01 -28.03
N ASN A 149 -26.61 -35.07 -27.73
CA ASN A 149 -26.22 -35.57 -26.40
C ASN A 149 -26.04 -34.52 -25.26
N LEU A 150 -26.23 -33.25 -25.58
CA LEU A 150 -25.88 -32.19 -24.66
C LEU A 150 -26.57 -32.31 -23.30
N LYS A 151 -25.84 -32.14 -22.21
CA LYS A 151 -26.50 -31.99 -20.93
C LYS A 151 -26.47 -30.51 -20.50
N ASN A 152 -25.41 -29.78 -20.89
CA ASN A 152 -25.16 -28.41 -20.42
C ASN A 152 -24.77 -27.54 -21.56
N LEU A 153 -25.55 -26.50 -21.79
CA LEU A 153 -25.29 -25.62 -22.92
C LEU A 153 -25.25 -24.15 -22.48
N TYR A 154 -24.08 -23.52 -22.56
CA TYR A 154 -23.97 -22.14 -22.09
C TYR A 154 -23.80 -21.16 -23.24
N LEU A 155 -24.73 -20.24 -23.34
CA LEU A 155 -24.71 -19.28 -24.43
C LEU A 155 -24.79 -17.86 -23.90
N ALA A 156 -24.45 -17.68 -22.63
CA ALA A 156 -24.64 -16.40 -21.98
C ALA A 156 -23.63 -15.30 -22.41
N TRP A 157 -24.03 -14.06 -22.18
CA TRP A 157 -23.14 -12.93 -22.34
C TRP A 157 -22.66 -12.81 -23.79
N ASN A 158 -23.57 -12.91 -24.74
CA ASN A 158 -23.22 -12.59 -26.14
C ASN A 158 -23.74 -11.20 -26.58
N CYS A 159 -24.83 -10.69 -26.02
CA CYS A 159 -25.28 -9.36 -26.35
C CYS A 159 -25.92 -8.64 -25.15
N TYR A 160 -25.28 -7.57 -24.70
CA TYR A 160 -25.58 -7.02 -23.41
C TYR A 160 -25.02 -5.62 -23.22
N PHE A 161 -25.57 -4.94 -22.23
CA PHE A 161 -25.13 -3.59 -21.85
C PHE A 161 -24.96 -2.69 -23.09
N ASN A 162 -23.85 -1.96 -23.16
CA ASN A 162 -23.59 -1.06 -24.27
C ASN A 162 -22.72 -1.70 -25.34
N LYS A 163 -22.67 -3.03 -25.38
CA LYS A 163 -21.91 -3.71 -26.43
C LYS A 163 -22.63 -3.51 -27.75
N VAL A 164 -21.82 -3.38 -28.80
CA VAL A 164 -22.29 -3.28 -30.18
C VAL A 164 -22.68 -4.67 -30.67
N CYS A 165 -23.99 -4.95 -30.69
CA CYS A 165 -24.50 -6.30 -31.04
C CYS A 165 -25.95 -6.22 -31.52
N GLU A 166 -26.52 -7.35 -31.99
CA GLU A 166 -27.91 -7.35 -32.46
C GLU A 166 -28.80 -8.25 -31.64
N LYS A 167 -30.11 -7.98 -31.68
CA LYS A 167 -31.09 -8.87 -31.10
C LYS A 167 -30.76 -10.32 -31.41
N THR A 168 -30.94 -11.18 -30.41
CA THR A 168 -30.51 -12.57 -30.54
C THR A 168 -31.59 -13.33 -31.29
N ASN A 169 -31.23 -14.04 -32.36
CA ASN A 169 -32.24 -14.81 -33.06
C ASN A 169 -32.11 -16.29 -32.73
N ILE A 170 -33.14 -16.84 -32.12
CA ILE A 170 -33.14 -18.28 -31.84
C ILE A 170 -34.02 -18.99 -32.85
N GLU A 171 -33.42 -19.83 -33.68
CA GLU A 171 -34.20 -20.57 -34.66
C GLU A 171 -35.23 -21.40 -33.93
N ASP A 172 -36.46 -21.31 -34.40
CA ASP A 172 -37.60 -21.94 -33.76
C ASP A 172 -37.47 -23.47 -33.64
N GLY A 173 -37.56 -24.01 -32.43
CA GLY A 173 -37.43 -25.43 -32.20
C GLY A 173 -36.01 -25.97 -32.14
N VAL A 174 -35.02 -25.09 -32.18
CA VAL A 174 -33.60 -25.49 -32.12
C VAL A 174 -33.22 -26.36 -30.91
N PHE A 175 -33.87 -26.15 -29.77
CA PHE A 175 -33.55 -26.87 -28.55
C PHE A 175 -34.36 -28.13 -28.36
N GLU A 176 -35.42 -28.33 -29.15
CA GLU A 176 -36.33 -29.43 -28.81
C GLU A 176 -35.70 -30.78 -29.12
N THR A 177 -34.72 -30.79 -30.01
CA THR A 177 -33.97 -32.00 -30.35
C THR A 177 -33.00 -32.45 -29.25
N LEU A 178 -32.72 -31.59 -28.27
CA LEU A 178 -31.76 -31.90 -27.21
C LEU A 178 -32.50 -32.44 -26.01
N THR A 179 -32.77 -33.74 -26.03
CA THR A 179 -33.75 -34.34 -25.15
C THR A 179 -33.14 -34.91 -23.87
N ASN A 180 -31.82 -34.85 -23.77
CA ASN A 180 -31.13 -34.98 -22.47
C ASN A 180 -30.57 -33.63 -21.93
N LEU A 181 -30.90 -32.50 -22.55
CA LEU A 181 -30.42 -31.23 -22.02
C LEU A 181 -30.97 -30.97 -20.62
N GLU A 182 -30.09 -30.77 -19.65
CA GLU A 182 -30.50 -30.41 -18.29
C GLU A 182 -30.27 -28.94 -17.85
N LEU A 183 -29.24 -28.29 -18.39
CA LEU A 183 -28.97 -26.91 -18.01
C LEU A 183 -28.85 -26.08 -19.28
N LEU A 184 -29.70 -25.08 -19.44
CA LEU A 184 -29.56 -24.13 -20.53
C LEU A 184 -29.43 -22.71 -20.01
N SER A 185 -28.35 -22.02 -20.37
CA SER A 185 -28.20 -20.65 -19.91
C SER A 185 -28.08 -19.76 -21.08
N LEU A 186 -28.99 -18.80 -21.14
CA LEU A 186 -29.00 -17.83 -22.22
C LEU A 186 -28.98 -16.41 -21.67
N SER A 187 -28.44 -16.22 -20.48
CA SER A 187 -28.49 -14.91 -19.84
C SER A 187 -27.66 -13.91 -20.58
N PHE A 188 -27.98 -12.64 -20.43
CA PHE A 188 -27.15 -11.56 -20.99
C PHE A 188 -27.03 -11.62 -22.54
N ASN A 189 -28.22 -11.82 -23.10
CA ASN A 189 -28.50 -11.71 -24.52
C ASN A 189 -29.87 -11.07 -24.65
N SER A 190 -30.09 -10.40 -25.77
CA SER A 190 -31.35 -9.73 -26.03
C SER A 190 -32.44 -10.60 -26.70
N LEU A 191 -33.33 -11.19 -25.90
CA LEU A 191 -34.23 -12.22 -26.39
C LEU A 191 -35.66 -11.78 -26.53
N SER A 192 -36.11 -10.97 -25.59
CA SER A 192 -37.42 -10.32 -25.56
C SER A 192 -38.66 -11.20 -25.33
N HIS A 193 -38.59 -12.50 -25.67
CA HIS A 193 -39.56 -13.47 -25.14
C HIS A 193 -38.88 -14.78 -24.81
N VAL A 194 -39.49 -15.59 -23.96
CA VAL A 194 -38.92 -16.93 -23.71
C VAL A 194 -38.98 -17.75 -24.99
N PRO A 195 -37.92 -18.53 -25.30
CA PRO A 195 -38.03 -19.26 -26.54
C PRO A 195 -38.93 -20.47 -26.39
N PRO A 196 -39.72 -20.79 -27.42
CA PRO A 196 -40.62 -21.95 -27.36
C PRO A 196 -39.89 -23.24 -27.58
N LYS A 197 -40.59 -24.35 -27.28
CA LYS A 197 -40.14 -25.71 -27.59
C LYS A 197 -38.83 -26.10 -26.91
N LEU A 198 -38.86 -26.10 -25.58
CA LEU A 198 -37.70 -26.39 -24.75
C LEU A 198 -37.88 -27.81 -24.27
N PRO A 199 -36.79 -28.57 -24.21
CA PRO A 199 -36.92 -29.97 -23.79
C PRO A 199 -37.27 -30.11 -22.31
N SER A 200 -38.15 -31.06 -22.01
CA SER A 200 -38.68 -31.32 -20.68
C SER A 200 -37.66 -32.01 -19.74
N SER A 201 -36.53 -32.36 -20.31
CA SER A 201 -35.37 -32.81 -19.58
C SER A 201 -34.77 -31.72 -18.67
N LEU A 202 -35.07 -30.45 -18.95
CA LEU A 202 -34.46 -29.34 -18.18
C LEU A 202 -34.59 -29.31 -16.67
N ARG A 203 -33.45 -29.19 -15.99
CA ARG A 203 -33.42 -28.96 -14.56
C ARG A 203 -33.16 -27.47 -14.20
N LYS A 204 -32.34 -26.77 -14.97
CA LYS A 204 -32.01 -25.38 -14.65
C LYS A 204 -32.02 -24.54 -15.89
N LEU A 205 -32.63 -23.37 -15.79
CA LEU A 205 -32.88 -22.51 -16.92
C LEU A 205 -32.57 -21.11 -16.48
N PHE A 206 -31.55 -20.53 -17.13
CA PHE A 206 -31.10 -19.21 -16.79
C PHE A 206 -31.50 -18.23 -17.91
N LEU A 207 -32.36 -17.29 -17.53
CA LEU A 207 -32.84 -16.28 -18.47
C LEU A 207 -32.74 -14.85 -17.90
N SER A 208 -31.66 -14.57 -17.18
CA SER A 208 -31.46 -13.27 -16.56
C SER A 208 -31.03 -12.25 -17.57
N ASN A 209 -31.56 -11.04 -17.41
CA ASN A 209 -31.20 -9.92 -18.28
C ASN A 209 -31.38 -10.19 -19.76
N THR A 210 -32.53 -10.73 -20.14
CA THR A 210 -32.81 -11.06 -21.55
C THR A 210 -33.85 -10.15 -22.17
N GLN A 211 -34.24 -9.12 -21.43
CA GLN A 211 -35.15 -8.08 -21.91
C GLN A 211 -36.51 -8.69 -22.23
N ILE A 212 -36.95 -9.57 -21.35
CA ILE A 212 -38.23 -10.22 -21.42
C ILE A 212 -39.14 -9.49 -20.44
N LYS A 213 -40.34 -9.10 -20.88
CA LYS A 213 -41.22 -8.26 -20.07
C LYS A 213 -42.45 -9.00 -19.62
N TYR A 214 -42.76 -10.09 -20.32
CA TYR A 214 -43.99 -10.82 -20.12
C TYR A 214 -43.70 -12.31 -20.09
N ILE A 215 -44.17 -12.97 -19.03
CA ILE A 215 -44.18 -14.42 -18.94
C ILE A 215 -45.60 -14.95 -19.09
N SER A 216 -45.89 -15.66 -20.17
CA SER A 216 -47.21 -16.31 -20.34
C SER A 216 -47.22 -17.70 -19.70
N GLU A 217 -48.39 -18.31 -19.55
CA GLU A 217 -48.48 -19.63 -18.93
C GLU A 217 -47.97 -20.75 -19.87
N GLU A 218 -47.70 -20.40 -21.12
CA GLU A 218 -47.14 -21.32 -22.12
C GLU A 218 -45.63 -21.55 -21.96
N ASP A 219 -44.90 -20.47 -21.65
CA ASP A 219 -43.41 -20.42 -21.63
C ASP A 219 -42.68 -21.60 -20.95
N PHE A 220 -43.19 -22.02 -19.80
CA PHE A 220 -42.58 -23.09 -19.01
C PHE A 220 -43.49 -24.29 -18.82
N LYS A 221 -44.61 -24.29 -19.54
CA LYS A 221 -45.71 -25.18 -19.23
C LYS A 221 -45.26 -26.63 -19.13
N GLY A 222 -44.34 -27.07 -20.00
CA GLY A 222 -43.89 -28.47 -20.02
C GLY A 222 -42.75 -28.90 -19.09
N LEU A 223 -42.08 -27.96 -18.45
CA LEU A 223 -40.79 -28.20 -17.80
C LEU A 223 -41.01 -28.78 -16.42
N ILE A 224 -41.64 -29.94 -16.36
CA ILE A 224 -41.96 -30.56 -15.08
C ILE A 224 -40.75 -31.00 -14.24
N ASN A 225 -39.57 -31.08 -14.86
CA ASN A 225 -38.35 -31.41 -14.12
C ASN A 225 -37.52 -30.20 -13.54
N LEU A 226 -37.80 -28.97 -13.96
CA LEU A 226 -37.06 -27.79 -13.48
C LEU A 226 -36.91 -27.64 -11.97
N THR A 227 -35.67 -27.60 -11.51
CA THR A 227 -35.28 -27.30 -10.15
C THR A 227 -34.86 -25.80 -9.94
N LEU A 228 -34.42 -25.11 -10.99
CA LEU A 228 -34.03 -23.69 -10.93
C LEU A 228 -34.54 -22.87 -12.12
N LEU A 229 -34.91 -21.64 -11.81
CA LEU A 229 -35.32 -20.72 -12.83
C LEU A 229 -34.81 -19.37 -12.44
N ASP A 230 -34.12 -18.73 -13.39
CA ASP A 230 -33.55 -17.43 -13.16
C ASP A 230 -34.21 -16.47 -14.14
N LEU A 231 -35.08 -15.58 -13.64
CA LEU A 231 -35.64 -14.51 -14.49
C LEU A 231 -35.22 -13.10 -14.07
N SER A 232 -34.12 -13.02 -13.33
CA SER A 232 -33.61 -11.77 -12.82
C SER A 232 -33.25 -10.77 -13.89
N GLY A 233 -33.47 -9.50 -13.59
CA GLY A 233 -32.93 -8.42 -14.42
C GLY A 233 -33.69 -8.22 -15.71
N ASN A 234 -34.93 -8.72 -15.74
CA ASN A 234 -35.90 -8.42 -16.81
C ASN A 234 -36.94 -7.46 -16.20
N CYS A 235 -37.15 -6.34 -16.88
CA CYS A 235 -37.71 -5.13 -16.26
C CYS A 235 -36.91 -4.70 -15.02
N PRO A 236 -35.60 -4.44 -15.22
CA PRO A 236 -34.69 -4.13 -14.14
C PRO A 236 -35.03 -2.84 -13.42
N ARG A 237 -34.68 -2.81 -12.15
CA ARG A 237 -34.73 -1.60 -11.32
C ARG A 237 -33.39 -0.91 -11.52
N CYS A 238 -33.40 0.19 -12.24
CA CYS A 238 -32.17 0.74 -12.74
C CYS A 238 -31.52 1.79 -11.86
N PHE A 239 -32.23 2.33 -10.88
CA PHE A 239 -31.67 3.47 -10.14
C PHE A 239 -30.32 3.09 -9.56
N ASN A 240 -29.31 3.93 -9.75
CA ASN A 240 -27.98 3.66 -9.22
C ASN A 240 -27.40 2.30 -9.58
N ALA A 241 -27.77 1.78 -10.74
CA ALA A 241 -27.10 0.60 -11.28
C ALA A 241 -25.62 0.80 -11.58
N PRO A 242 -24.77 -0.11 -11.11
CA PRO A 242 -23.36 -0.08 -11.49
C PRO A 242 -23.03 -0.64 -12.90
N PHE A 243 -23.96 -0.59 -13.84
CA PHE A 243 -23.75 -1.09 -15.19
C PHE A 243 -24.78 -0.40 -16.11
N PRO A 244 -24.58 -0.39 -17.43
CA PRO A 244 -25.65 0.18 -18.29
C PRO A 244 -27.00 -0.57 -18.13
N CYS A 245 -28.07 0.15 -17.80
CA CYS A 245 -29.32 -0.48 -17.34
C CYS A 245 -30.51 0.14 -18.03
N VAL A 246 -31.35 -0.70 -18.62
CA VAL A 246 -32.49 -0.25 -19.42
C VAL A 246 -33.79 -0.80 -18.83
N PRO A 247 -34.60 0.05 -18.20
CA PRO A 247 -35.83 -0.46 -17.63
C PRO A 247 -36.96 -0.61 -18.65
N CYS A 248 -37.88 -1.51 -18.34
CA CYS A 248 -39.18 -1.56 -19.01
C CYS A 248 -39.87 -0.17 -18.97
N ASP A 249 -40.80 0.04 -19.90
CA ASP A 249 -41.44 1.35 -20.07
C ASP A 249 -41.97 1.83 -18.73
N GLY A 250 -41.65 3.06 -18.39
CA GLY A 250 -41.98 3.66 -17.08
C GLY A 250 -41.47 3.01 -15.78
N GLY A 251 -40.44 2.17 -15.80
CA GLY A 251 -39.98 1.48 -14.55
C GLY A 251 -40.91 0.32 -14.17
N ALA A 252 -41.62 -0.17 -15.17
CA ALA A 252 -42.72 -1.08 -14.96
C ALA A 252 -42.23 -2.40 -14.39
N SER A 253 -43.11 -3.04 -13.65
CA SER A 253 -42.86 -4.38 -13.17
C SER A 253 -42.80 -5.34 -14.33
N ILE A 254 -42.13 -6.46 -14.14
CA ILE A 254 -42.20 -7.57 -15.09
C ILE A 254 -43.60 -8.10 -14.95
N ASN A 255 -44.18 -8.63 -16.01
CA ASN A 255 -45.56 -9.12 -15.96
C ASN A 255 -45.62 -10.63 -16.07
N ILE A 256 -45.90 -11.27 -14.95
CA ILE A 256 -45.90 -12.74 -14.80
C ILE A 256 -47.32 -13.30 -14.61
N ASP A 257 -47.79 -14.07 -15.60
CA ASP A 257 -49.16 -14.59 -15.66
C ASP A 257 -49.41 -15.49 -14.47
N ARG A 258 -50.60 -15.42 -13.91
CA ARG A 258 -50.93 -16.18 -12.73
C ARG A 258 -50.49 -17.64 -12.84
N PHE A 259 -50.57 -18.25 -14.02
CA PHE A 259 -50.36 -19.69 -14.13
C PHE A 259 -48.99 -20.05 -14.72
N ALA A 260 -48.08 -19.09 -14.74
CA ALA A 260 -46.80 -19.23 -15.42
C ALA A 260 -45.96 -20.32 -14.78
N PHE A 261 -46.16 -20.51 -13.47
CA PHE A 261 -45.35 -21.47 -12.72
C PHE A 261 -46.13 -22.72 -12.30
N GLN A 262 -47.27 -22.97 -12.93
CA GLN A 262 -48.23 -23.95 -12.43
C GLN A 262 -47.75 -25.42 -12.49
N ASN A 263 -46.91 -25.74 -13.46
CA ASN A 263 -46.35 -27.09 -13.61
C ASN A 263 -44.89 -27.21 -13.19
N LEU A 264 -44.42 -26.31 -12.34
CA LEU A 264 -43.01 -26.28 -11.94
C LEU A 264 -42.90 -26.83 -10.51
N THR A 265 -43.34 -28.07 -10.32
CA THR A 265 -43.52 -28.66 -8.98
C THR A 265 -42.23 -29.01 -8.30
N GLN A 266 -41.18 -29.21 -9.10
CA GLN A 266 -39.85 -29.51 -8.55
C GLN A 266 -38.95 -28.27 -8.29
N LEU A 267 -39.44 -27.06 -8.57
CA LEU A 267 -38.58 -25.89 -8.38
C LEU A 267 -38.11 -25.77 -6.93
N ARG A 268 -36.82 -25.60 -6.76
CA ARG A 268 -36.17 -25.30 -5.49
C ARG A 268 -35.47 -23.91 -5.47
N TYR A 269 -35.06 -23.39 -6.64
CA TYR A 269 -34.46 -22.05 -6.78
C TYR A 269 -35.17 -21.13 -7.78
N LEU A 270 -35.58 -19.96 -7.29
CA LEU A 270 -36.22 -18.97 -8.12
C LEU A 270 -35.53 -17.64 -7.92
N ASN A 271 -34.96 -17.08 -8.98
CA ASN A 271 -34.30 -15.78 -8.90
C ASN A 271 -35.14 -14.76 -9.63
N LEU A 272 -35.87 -13.92 -8.87
CA LEU A 272 -36.59 -12.78 -9.43
C LEU A 272 -36.02 -11.42 -9.00
N SER A 273 -34.69 -11.34 -8.87
CA SER A 273 -34.04 -10.09 -8.47
C SER A 273 -34.10 -9.07 -9.61
N SER A 274 -34.20 -7.80 -9.27
CA SER A 274 -34.24 -6.71 -10.23
C SER A 274 -35.26 -6.93 -11.35
N THR A 275 -36.47 -7.26 -10.99
CA THR A 275 -37.57 -7.36 -11.94
C THR A 275 -38.67 -6.33 -11.56
N SER A 276 -38.30 -5.32 -10.77
CA SER A 276 -39.14 -4.17 -10.46
C SER A 276 -40.45 -4.55 -9.85
N LEU A 277 -40.46 -5.68 -9.19
CA LEU A 277 -41.63 -6.14 -8.55
C LEU A 277 -41.97 -5.23 -7.41
N ARG A 278 -43.25 -4.82 -7.41
CA ARG A 278 -43.94 -4.23 -6.24
C ARG A 278 -44.83 -5.26 -5.53
N LYS A 279 -45.30 -6.30 -6.20
CA LYS A 279 -46.34 -7.20 -5.64
C LYS A 279 -45.98 -8.63 -5.98
N ILE A 280 -46.10 -9.51 -5.00
CA ILE A 280 -45.87 -10.94 -5.16
C ILE A 280 -47.16 -11.75 -5.09
N ASN A 281 -47.58 -12.30 -6.22
CA ASN A 281 -48.78 -13.11 -6.28
C ASN A 281 -48.54 -14.47 -5.61
N ALA A 282 -49.15 -14.69 -4.47
CA ALA A 282 -48.99 -15.93 -3.70
C ALA A 282 -49.27 -17.15 -4.52
N ALA A 283 -50.27 -17.07 -5.38
CA ALA A 283 -50.60 -18.19 -6.25
C ALA A 283 -49.47 -18.64 -7.13
N TRP A 284 -48.44 -17.82 -7.36
CA TRP A 284 -47.27 -18.28 -8.11
C TRP A 284 -46.68 -19.55 -7.47
N PHE A 285 -46.79 -19.68 -6.14
CA PHE A 285 -46.23 -20.80 -5.36
C PHE A 285 -47.22 -21.83 -4.88
N LYS A 286 -48.45 -21.80 -5.41
CA LYS A 286 -49.43 -22.82 -5.04
C LYS A 286 -48.89 -24.20 -5.32
N ASN A 287 -48.21 -24.36 -6.45
CA ASN A 287 -47.79 -25.67 -6.98
C ASN A 287 -46.32 -25.97 -6.82
N MET A 288 -45.72 -25.32 -5.84
CA MET A 288 -44.27 -25.26 -5.75
C MET A 288 -43.88 -25.55 -4.29
N PRO A 289 -44.26 -26.75 -3.80
CA PRO A 289 -44.11 -27.10 -2.42
C PRO A 289 -42.68 -27.31 -1.95
N HIS A 290 -41.72 -27.40 -2.87
CA HIS A 290 -40.33 -27.66 -2.52
C HIS A 290 -39.45 -26.42 -2.53
N LEU A 291 -40.01 -25.21 -2.68
CA LEU A 291 -39.17 -24.04 -2.86
C LEU A 291 -38.24 -23.85 -1.66
N LYS A 292 -36.93 -23.79 -1.93
CA LYS A 292 -35.85 -23.73 -0.91
C LYS A 292 -35.18 -22.34 -0.87
N VAL A 293 -34.96 -21.72 -2.04
CA VAL A 293 -34.20 -20.46 -2.12
C VAL A 293 -34.98 -19.50 -3.00
N LEU A 294 -35.36 -18.36 -2.43
CA LEU A 294 -36.02 -17.33 -3.18
C LEU A 294 -35.24 -16.01 -3.08
N ASP A 295 -34.87 -15.49 -4.23
CA ASP A 295 -34.07 -14.28 -4.37
C ASP A 295 -34.93 -13.16 -4.94
N LEU A 296 -35.11 -12.14 -4.13
CA LEU A 296 -35.97 -11.05 -4.48
C LEU A 296 -35.33 -9.70 -4.25
N GLU A 297 -34.04 -9.65 -4.52
CA GLU A 297 -33.27 -8.42 -4.34
C GLU A 297 -33.62 -7.39 -5.42
N PHE A 298 -33.28 -6.14 -5.17
CA PHE A 298 -33.44 -5.04 -6.10
C PHE A 298 -34.82 -4.95 -6.72
N ASN A 299 -35.84 -5.04 -5.88
CA ASN A 299 -37.21 -4.86 -6.30
C ASN A 299 -37.76 -3.64 -5.58
N TYR A 300 -39.07 -3.43 -5.55
CA TYR A 300 -39.68 -2.39 -4.70
C TYR A 300 -40.61 -3.01 -3.64
N LEU A 301 -40.08 -3.83 -2.74
CA LEU A 301 -40.91 -4.66 -1.91
C LEU A 301 -41.05 -4.29 -0.44
N VAL A 302 -40.82 -3.02 -0.10
CA VAL A 302 -41.08 -2.54 1.25
C VAL A 302 -42.53 -2.88 1.67
N GLY A 303 -43.50 -2.53 0.83
CA GLY A 303 -44.92 -2.80 1.11
C GLY A 303 -45.22 -4.28 1.31
N GLU A 304 -44.71 -5.12 0.44
CA GLU A 304 -44.93 -6.56 0.54
C GLU A 304 -44.18 -7.24 1.68
N ILE A 305 -43.14 -6.61 2.21
CA ILE A 305 -42.48 -7.15 3.39
C ILE A 305 -43.31 -6.87 4.63
N ALA A 306 -43.96 -5.69 4.68
CA ALA A 306 -44.93 -5.41 5.74
C ALA A 306 -46.21 -6.27 5.65
N SER A 307 -46.69 -6.60 4.46
CA SER A 307 -47.96 -7.38 4.33
C SER A 307 -47.68 -8.86 4.04
N GLY A 308 -47.41 -9.21 2.78
CA GLY A 308 -46.76 -10.47 2.45
C GLY A 308 -47.56 -11.74 2.55
N ALA A 309 -48.60 -11.81 1.72
CA ALA A 309 -49.45 -12.99 1.61
C ALA A 309 -48.65 -14.19 1.19
N PHE A 310 -47.74 -13.97 0.25
CA PHE A 310 -46.91 -15.06 -0.31
C PHE A 310 -46.03 -15.80 0.71
N LEU A 311 -45.85 -15.29 1.93
CA LEU A 311 -44.99 -15.99 2.94
C LEU A 311 -45.69 -17.24 3.50
N THR A 312 -47.02 -17.29 3.35
CA THR A 312 -47.78 -18.42 3.84
C THR A 312 -47.63 -19.59 2.89
N MET A 313 -47.16 -19.33 1.67
CA MET A 313 -47.03 -20.35 0.63
C MET A 313 -45.67 -21.07 0.62
N LEU A 314 -44.77 -20.68 1.54
CA LEU A 314 -43.39 -21.08 1.46
C LEU A 314 -42.92 -21.75 2.74
N PRO A 315 -43.61 -22.82 3.16
CA PRO A 315 -43.21 -23.35 4.43
C PRO A 315 -41.90 -24.18 4.37
N ARG A 316 -41.41 -24.58 3.18
CA ARG A 316 -40.11 -25.29 3.06
C ARG A 316 -38.93 -24.35 2.70
N LEU A 317 -39.18 -23.06 2.51
CA LEU A 317 -38.12 -22.12 2.18
C LEU A 317 -37.07 -22.01 3.27
N GLU A 318 -35.82 -22.16 2.85
CA GLU A 318 -34.66 -22.09 3.71
C GLU A 318 -33.91 -20.76 3.58
N ILE A 319 -33.87 -20.13 2.41
CA ILE A 319 -33.13 -18.88 2.26
C ILE A 319 -33.94 -17.83 1.55
N LEU A 320 -34.08 -16.69 2.17
CA LEU A 320 -34.85 -15.63 1.61
C LEU A 320 -33.99 -14.33 1.50
N ASP A 321 -33.89 -13.79 0.29
CA ASP A 321 -33.06 -12.61 0.05
C ASP A 321 -33.90 -11.45 -0.42
N LEU A 322 -34.07 -10.47 0.45
CA LEU A 322 -34.85 -9.28 0.16
C LEU A 322 -33.98 -8.06 0.28
N SER A 323 -32.72 -8.19 -0.13
CA SER A 323 -31.76 -7.16 -0.01
C SER A 323 -32.00 -6.10 -1.10
N PHE A 324 -31.69 -4.85 -0.78
CA PHE A 324 -31.86 -3.68 -1.65
C PHE A 324 -33.27 -3.46 -2.24
N ASN A 325 -34.27 -3.37 -1.36
CA ASN A 325 -35.63 -3.02 -1.71
C ASN A 325 -35.98 -1.63 -1.08
N TYR A 326 -34.99 -0.94 -0.57
CA TYR A 326 -35.18 0.41 -0.03
C TYR A 326 -35.92 1.30 -1.02
N ILE A 327 -36.68 2.23 -0.44
CA ILE A 327 -37.37 3.25 -1.18
C ILE A 327 -36.37 4.38 -1.36
N LYS A 328 -36.13 4.75 -2.59
CA LYS A 328 -35.23 5.89 -2.90
C LYS A 328 -35.60 7.11 -2.05
N GLY A 329 -34.62 7.68 -1.36
CA GLY A 329 -34.80 8.90 -0.60
C GLY A 329 -35.42 8.74 0.79
N SER A 330 -35.96 7.58 1.14
CA SER A 330 -36.51 7.38 2.47
C SER A 330 -35.47 6.94 3.48
N TYR A 331 -35.68 7.27 4.74
CA TYR A 331 -34.87 6.82 5.89
C TYR A 331 -35.85 6.63 7.02
N PRO A 332 -36.66 5.55 6.95
CA PRO A 332 -37.67 5.32 7.97
C PRO A 332 -37.11 5.06 9.36
N GLN A 333 -37.84 5.50 10.37
CA GLN A 333 -37.46 5.25 11.74
C GLN A 333 -37.21 3.79 11.96
N HIS A 334 -38.12 2.94 11.49
CA HIS A 334 -38.07 1.52 11.88
C HIS A 334 -38.31 0.64 10.67
N ILE A 335 -37.97 -0.65 10.78
CA ILE A 335 -38.28 -1.64 9.77
C ILE A 335 -39.62 -2.31 10.13
N ASN A 336 -40.37 -2.73 9.11
CA ASN A 336 -41.73 -3.27 9.27
C ASN A 336 -41.86 -4.68 8.64
N ILE A 337 -41.76 -5.68 9.51
CA ILE A 337 -41.80 -7.10 9.14
C ILE A 337 -43.18 -7.70 9.38
N SER A 338 -43.82 -8.22 8.34
CA SER A 338 -45.17 -8.81 8.49
C SER A 338 -45.15 -9.89 9.54
N ARG A 339 -46.26 -10.04 10.25
CA ARG A 339 -46.44 -11.22 11.10
C ARG A 339 -46.37 -12.50 10.30
N ASN A 340 -46.67 -12.47 9.00
CA ASN A 340 -46.64 -13.71 8.18
C ASN A 340 -45.24 -14.29 7.99
N PHE A 341 -44.20 -13.52 8.34
CA PHE A 341 -42.88 -14.09 8.44
C PHE A 341 -42.83 -15.31 9.40
N SER A 342 -43.68 -15.32 10.42
CA SER A 342 -43.72 -16.47 11.36
C SER A 342 -44.13 -17.75 10.66
N LYS A 343 -44.73 -17.64 9.47
CA LYS A 343 -45.07 -18.82 8.66
C LYS A 343 -43.92 -19.50 7.88
N LEU A 344 -42.74 -18.91 7.87
CA LEU A 344 -41.58 -19.44 7.12
C LEU A 344 -40.88 -20.39 8.06
N LEU A 345 -41.52 -21.54 8.25
CA LEU A 345 -41.15 -22.43 9.34
C LEU A 345 -39.76 -23.01 9.12
N SER A 346 -39.35 -23.26 7.85
CA SER A 346 -37.99 -23.79 7.56
C SER A 346 -36.88 -22.76 7.39
N LEU A 347 -37.15 -21.50 7.71
CA LEU A 347 -36.22 -20.46 7.27
C LEU A 347 -34.93 -20.57 8.06
N ARG A 348 -33.80 -20.59 7.34
CA ARG A 348 -32.44 -20.68 7.90
C ARG A 348 -31.69 -19.37 7.81
N ALA A 349 -31.88 -18.65 6.69
CA ALA A 349 -31.20 -17.39 6.47
C ALA A 349 -32.10 -16.28 5.83
N LEU A 350 -32.13 -15.12 6.47
CA LEU A 350 -32.87 -13.99 6.00
C LEU A 350 -31.93 -12.82 5.72
N HIS A 351 -31.83 -12.44 4.45
CA HIS A 351 -31.01 -11.30 4.05
C HIS A 351 -31.90 -10.09 3.80
N LEU A 352 -31.60 -9.03 4.55
CA LEU A 352 -32.34 -7.76 4.57
C LEU A 352 -31.36 -6.60 4.53
N ARG A 353 -30.32 -6.74 3.70
CA ARG A 353 -29.42 -5.62 3.46
C ARG A 353 -30.17 -4.54 2.72
N GLY A 354 -29.73 -3.29 2.89
CA GLY A 354 -30.17 -2.19 2.03
C GLY A 354 -31.66 -1.96 2.04
N TYR A 355 -32.31 -2.25 3.15
CA TYR A 355 -33.68 -1.76 3.37
C TYR A 355 -33.70 -0.27 3.75
N VAL A 356 -32.77 0.14 4.62
CA VAL A 356 -32.50 1.55 5.05
C VAL A 356 -33.48 2.05 6.15
N PHE A 357 -33.05 2.00 7.41
CA PHE A 357 -33.88 2.40 8.55
C PHE A 357 -33.02 2.65 9.79
N GLN A 358 -33.57 3.40 10.74
CA GLN A 358 -32.76 4.08 11.78
C GLN A 358 -32.55 3.29 13.06
N GLU A 359 -33.54 2.48 13.41
CA GLU A 359 -33.57 1.84 14.69
C GLU A 359 -34.18 0.47 14.60
N LEU A 360 -33.56 -0.47 15.29
CA LEU A 360 -34.10 -1.82 15.41
C LEU A 360 -34.57 -1.98 16.86
N ARG A 361 -35.86 -2.21 17.06
CA ARG A 361 -36.45 -2.47 18.41
C ARG A 361 -36.67 -3.97 18.68
N GLU A 362 -36.79 -4.33 19.96
CA GLU A 362 -37.13 -5.70 20.34
C GLU A 362 -38.40 -6.17 19.65
N ASP A 363 -39.33 -5.24 19.44
CA ASP A 363 -40.64 -5.62 18.98
C ASP A 363 -40.67 -5.84 17.47
N ASP A 364 -39.77 -5.17 16.76
CA ASP A 364 -39.92 -5.13 15.33
C ASP A 364 -39.60 -6.46 14.72
N PHE A 365 -38.97 -7.36 15.47
CA PHE A 365 -38.60 -8.70 14.97
C PHE A 365 -39.37 -9.86 15.62
N GLN A 366 -40.47 -9.55 16.27
CA GLN A 366 -41.28 -10.60 16.91
C GLN A 366 -41.65 -11.70 15.96
N PRO A 367 -42.06 -11.38 14.74
CA PRO A 367 -42.41 -12.48 13.82
C PRO A 367 -41.28 -13.49 13.54
N LEU A 368 -40.03 -13.08 13.69
CA LEU A 368 -38.90 -13.96 13.43
C LEU A 368 -38.54 -14.83 14.65
N MET A 369 -38.96 -14.40 15.83
CA MET A 369 -38.47 -15.01 17.07
C MET A 369 -38.84 -16.45 17.39
N GLN A 370 -39.91 -17.00 16.81
CA GLN A 370 -40.25 -18.41 17.06
C GLN A 370 -39.80 -19.35 15.95
N LEU A 371 -39.08 -18.87 14.94
CA LEU A 371 -38.65 -19.78 13.87
C LEU A 371 -37.51 -20.68 14.41
N PRO A 372 -37.70 -22.02 14.36
CA PRO A 372 -36.74 -22.93 14.98
C PRO A 372 -35.36 -22.96 14.34
N ASN A 373 -35.24 -22.68 13.04
CA ASN A 373 -34.02 -22.97 12.27
C ASN A 373 -33.32 -21.75 11.69
N LEU A 374 -33.83 -20.59 12.09
CA LEU A 374 -33.34 -19.35 11.57
C LEU A 374 -32.00 -19.07 12.25
N SER A 375 -30.91 -19.20 11.49
CA SER A 375 -29.58 -19.11 12.08
C SER A 375 -28.78 -17.93 11.60
N THR A 376 -29.24 -17.28 10.54
CA THR A 376 -28.60 -16.12 9.96
C THR A 376 -29.59 -15.02 9.80
N ILE A 377 -29.23 -13.86 10.34
CA ILE A 377 -29.91 -12.64 10.06
C ILE A 377 -28.86 -11.70 9.60
N ASN A 378 -29.11 -11.12 8.41
CA ASN A 378 -28.21 -10.19 7.80
C ASN A 378 -28.84 -8.80 7.54
N LEU A 379 -28.38 -7.82 8.32
CA LEU A 379 -28.80 -6.42 8.23
C LEU A 379 -27.67 -5.47 7.87
N GLY A 380 -26.75 -5.92 7.05
CA GLY A 380 -25.70 -5.05 6.64
C GLY A 380 -26.20 -3.97 5.70
N ILE A 381 -25.56 -2.80 5.77
CA ILE A 381 -25.78 -1.68 4.84
C ILE A 381 -27.19 -1.15 4.93
N ASN A 382 -27.61 -0.80 6.13
CA ASN A 382 -28.91 -0.25 6.39
C ASN A 382 -28.86 1.11 7.07
N PHE A 383 -27.65 1.61 7.34
CA PHE A 383 -27.43 2.85 8.08
C PHE A 383 -28.18 2.88 9.40
N ILE A 384 -28.19 1.75 10.09
CA ILE A 384 -28.85 1.64 11.38
C ILE A 384 -28.07 2.42 12.39
N LYS A 385 -28.75 3.26 13.16
CA LYS A 385 -28.08 4.07 14.16
C LYS A 385 -28.15 3.46 15.55
N GLN A 386 -29.10 2.57 15.81
CA GLN A 386 -29.28 2.03 17.15
C GLN A 386 -29.96 0.69 17.16
N ILE A 387 -29.54 -0.19 18.05
CA ILE A 387 -30.14 -1.49 18.18
C ILE A 387 -30.28 -1.91 19.63
N ASP A 388 -31.41 -2.52 19.91
CA ASP A 388 -31.69 -3.12 21.18
C ASP A 388 -31.20 -4.58 21.15
N PHE A 389 -29.95 -4.78 21.56
CA PHE A 389 -29.29 -6.09 21.46
C PHE A 389 -29.96 -7.22 22.22
N LYS A 390 -30.78 -6.89 23.21
CA LYS A 390 -31.42 -7.94 23.99
C LYS A 390 -32.34 -8.76 23.11
N LEU A 391 -32.91 -8.14 22.08
CA LEU A 391 -33.81 -8.86 21.20
C LEU A 391 -33.17 -10.17 20.76
N PHE A 392 -31.90 -10.13 20.37
CA PHE A 392 -31.24 -11.30 19.77
C PHE A 392 -31.28 -12.60 20.59
N GLN A 393 -31.28 -12.46 21.91
CA GLN A 393 -31.43 -13.56 22.88
C GLN A 393 -32.80 -14.23 22.90
N ASN A 394 -33.84 -13.49 22.52
CA ASN A 394 -35.18 -14.05 22.34
C ASN A 394 -35.30 -15.04 21.14
N PHE A 395 -34.20 -15.48 20.50
CA PHE A 395 -34.32 -16.41 19.34
C PHE A 395 -33.93 -17.85 19.64
N SER A 396 -34.38 -18.77 18.79
CA SER A 396 -34.09 -20.19 19.01
C SER A 396 -32.61 -20.59 18.84
N ASN A 397 -32.06 -20.46 17.63
CA ASN A 397 -30.62 -20.67 17.43
C ASN A 397 -29.97 -19.78 16.33
N LEU A 398 -30.01 -18.46 16.55
CA LEU A 398 -29.16 -17.56 15.76
C LEU A 398 -27.72 -17.91 16.00
N GLU A 399 -27.01 -18.26 14.92
CA GLU A 399 -25.57 -18.47 14.90
C GLU A 399 -24.79 -17.28 14.29
N ILE A 400 -25.43 -16.50 13.40
CA ILE A 400 -24.76 -15.39 12.69
C ILE A 400 -25.61 -14.14 12.68
N ILE A 401 -25.07 -13.10 13.31
CA ILE A 401 -25.73 -11.82 13.47
C ILE A 401 -24.84 -10.82 12.76
N TYR A 402 -25.23 -10.46 11.55
CA TYR A 402 -24.38 -9.69 10.68
C TYR A 402 -24.89 -8.27 10.65
N LEU A 403 -24.13 -7.37 11.26
CA LEU A 403 -24.52 -5.96 11.28
C LEU A 403 -23.50 -5.07 10.66
N SER A 404 -22.65 -5.59 9.79
CA SER A 404 -21.61 -4.81 9.20
C SER A 404 -22.18 -3.65 8.38
N GLU A 405 -21.44 -2.54 8.43
CA GLU A 405 -21.65 -1.42 7.55
C GLU A 405 -22.95 -0.73 7.88
N ASN A 406 -22.99 -0.13 9.04
CA ASN A 406 -24.13 0.58 9.53
C ASN A 406 -23.64 1.87 10.21
N ARG A 407 -24.50 2.48 11.02
CA ARG A 407 -24.14 3.69 11.76
C ARG A 407 -24.10 3.44 13.27
N ILE A 408 -23.91 2.21 13.70
CA ILE A 408 -24.04 1.94 15.15
C ILE A 408 -22.96 2.63 15.98
N SER A 409 -23.35 3.25 17.09
CA SER A 409 -22.41 3.95 17.97
C SER A 409 -22.49 3.41 19.42
N PRO A 410 -21.72 3.99 20.36
CA PRO A 410 -21.70 3.41 21.72
C PRO A 410 -23.05 3.26 22.48
N GLU A 438 -16.32 -6.63 -16.49
CA GLU A 438 -16.04 -6.56 -15.06
C GLU A 438 -16.87 -7.53 -14.21
N PHE A 439 -17.56 -8.46 -14.85
CA PHE A 439 -18.54 -9.29 -14.16
C PHE A 439 -18.23 -10.72 -14.50
N ASP A 440 -17.62 -11.45 -13.56
CA ASP A 440 -17.38 -12.89 -13.71
C ASP A 440 -18.68 -13.52 -14.20
N PRO A 441 -18.64 -14.15 -15.40
CA PRO A 441 -19.81 -14.83 -15.97
C PRO A 441 -20.23 -16.06 -15.22
N HIS A 442 -19.32 -16.59 -14.40
CA HIS A 442 -19.61 -17.82 -13.73
C HIS A 442 -20.01 -17.52 -12.31
N SER A 443 -20.24 -16.25 -11.97
CA SER A 443 -20.59 -15.92 -10.59
C SER A 443 -21.88 -15.20 -10.45
N ASN A 444 -22.44 -15.22 -9.25
CA ASN A 444 -23.72 -14.54 -8.99
C ASN A 444 -23.58 -13.09 -9.37
N PHE A 445 -24.52 -12.58 -10.13
CA PHE A 445 -24.41 -11.20 -10.58
C PHE A 445 -24.90 -10.20 -9.56
N TYR A 446 -25.82 -10.58 -8.69
CA TYR A 446 -26.38 -9.55 -7.81
C TYR A 446 -25.61 -9.34 -6.49
N HIS A 447 -24.74 -10.28 -6.10
CA HIS A 447 -23.95 -10.09 -4.87
C HIS A 447 -22.74 -11.01 -4.82
N PHE A 448 -21.83 -10.72 -3.89
CA PHE A 448 -20.71 -11.63 -3.67
C PHE A 448 -21.23 -12.88 -2.98
N THR A 449 -20.49 -13.97 -3.14
CA THR A 449 -20.92 -15.25 -2.59
C THR A 449 -19.96 -15.75 -1.51
N ARG A 450 -19.03 -14.93 -1.05
CA ARG A 450 -18.14 -15.39 0.03
C ARG A 450 -18.97 -15.43 1.32
N PRO A 451 -18.62 -16.30 2.29
CA PRO A 451 -19.48 -16.36 3.46
C PRO A 451 -19.49 -15.01 4.18
N LEU A 452 -20.52 -14.77 4.98
CA LEU A 452 -20.62 -13.52 5.73
C LEU A 452 -19.47 -13.35 6.74
N ILE A 453 -19.25 -14.38 7.54
CA ILE A 453 -18.18 -14.42 8.54
C ILE A 453 -17.07 -15.34 8.01
N LYS A 454 -15.82 -14.93 8.06
CA LYS A 454 -14.71 -15.88 7.86
C LYS A 454 -15.04 -17.19 8.57
N PRO A 455 -14.81 -18.35 7.91
CA PRO A 455 -15.19 -19.64 8.53
C PRO A 455 -14.31 -20.03 9.71
N GLN A 456 -13.07 -19.55 9.69
CA GLN A 456 -12.22 -19.72 10.85
C GLN A 456 -12.82 -19.09 12.10
N CYS A 457 -13.59 -18.01 11.96
CA CYS A 457 -14.17 -17.30 13.12
C CYS A 457 -15.51 -17.96 13.48
N ALA A 458 -16.28 -18.28 12.46
CA ALA A 458 -17.62 -18.85 12.66
C ALA A 458 -17.58 -20.25 13.29
N ALA A 459 -16.61 -21.08 12.90
CA ALA A 459 -16.40 -22.39 13.52
C ALA A 459 -16.42 -22.38 15.06
N TYR A 460 -16.05 -21.28 15.68
CA TYR A 460 -16.03 -21.22 17.16
C TYR A 460 -17.36 -21.18 17.89
N GLY A 461 -18.44 -20.79 17.22
CA GLY A 461 -19.76 -20.65 17.85
C GLY A 461 -20.54 -19.44 17.32
N LYS A 462 -21.44 -18.92 18.14
CA LYS A 462 -22.23 -17.74 17.82
C LYS A 462 -21.36 -16.57 17.41
N ALA A 463 -21.65 -15.98 16.25
CA ALA A 463 -20.88 -14.85 15.72
C ALA A 463 -21.69 -13.57 15.61
N LEU A 464 -21.02 -12.45 15.85
CA LEU A 464 -21.63 -11.14 15.89
C LEU A 464 -20.75 -10.18 15.14
N ASP A 465 -21.22 -9.61 14.05
CA ASP A 465 -20.31 -8.86 13.22
C ASP A 465 -20.76 -7.42 13.24
N LEU A 466 -19.95 -6.60 13.91
CA LEU A 466 -20.25 -5.21 14.06
C LEU A 466 -19.22 -4.37 13.30
N SER A 467 -18.52 -4.99 12.34
CA SER A 467 -17.50 -4.26 11.64
C SER A 467 -18.07 -3.07 10.85
N LEU A 468 -17.19 -2.13 10.54
CA LEU A 468 -17.50 -0.96 9.74
C LEU A 468 -18.69 -0.23 10.32
N ASN A 469 -18.59 0.02 11.62
CA ASN A 469 -19.54 0.87 12.29
C ASN A 469 -18.87 2.12 12.90
N SER A 470 -19.48 2.75 13.92
CA SER A 470 -18.92 3.92 14.57
C SER A 470 -18.86 3.68 16.10
N ILE A 471 -18.54 2.44 16.46
CA ILE A 471 -18.47 2.05 17.88
C ILE A 471 -17.11 2.52 18.40
N PHE A 472 -16.99 3.83 18.67
CA PHE A 472 -15.66 4.40 18.87
C PHE A 472 -15.15 4.21 20.27
N PHE A 473 -15.98 3.75 21.19
CA PHE A 473 -15.59 3.51 22.56
C PHE A 473 -16.52 2.43 23.04
N ILE A 474 -15.97 1.36 23.65
CA ILE A 474 -16.80 0.37 24.32
C ILE A 474 -17.03 0.69 25.80
N GLY A 475 -18.28 0.98 26.13
CA GLY A 475 -18.72 1.31 27.47
C GLY A 475 -19.33 0.12 28.20
N PRO A 476 -19.62 0.32 29.49
CA PRO A 476 -19.76 -0.79 30.44
C PRO A 476 -20.91 -1.72 30.18
N ASN A 477 -21.97 -1.23 29.55
CA ASN A 477 -23.12 -2.05 29.25
C ASN A 477 -23.27 -2.33 27.73
N GLN A 478 -22.31 -1.88 26.94
CA GLN A 478 -22.37 -2.08 25.50
C GLN A 478 -22.73 -3.50 25.05
N PHE A 479 -22.26 -4.53 25.74
CA PHE A 479 -22.55 -5.90 25.35
C PHE A 479 -23.51 -6.71 26.22
N GLU A 480 -24.21 -6.06 27.15
CA GLU A 480 -25.10 -6.84 28.01
C GLU A 480 -26.30 -7.30 27.16
N ASN A 481 -27.04 -8.27 27.69
CA ASN A 481 -28.20 -8.82 27.00
C ASN A 481 -27.85 -9.44 25.65
N LEU A 482 -26.60 -9.89 25.51
CA LEU A 482 -26.19 -10.59 24.31
C LEU A 482 -26.13 -12.07 24.57
N PRO A 483 -26.20 -12.88 23.51
CA PRO A 483 -25.99 -14.31 23.71
C PRO A 483 -24.54 -14.57 23.99
N ASP A 484 -24.19 -15.84 24.11
CA ASP A 484 -22.80 -16.26 24.36
C ASP A 484 -21.98 -16.25 23.07
N ILE A 485 -21.48 -15.07 22.72
CA ILE A 485 -20.73 -14.85 21.48
C ILE A 485 -19.37 -15.50 21.54
N ALA A 486 -19.07 -16.33 20.55
CA ALA A 486 -17.76 -16.96 20.35
C ALA A 486 -16.80 -16.20 19.39
N CYS A 487 -17.37 -15.38 18.52
CA CYS A 487 -16.68 -14.79 17.39
C CYS A 487 -17.21 -13.39 17.30
N LEU A 488 -16.30 -12.42 17.39
CA LEU A 488 -16.72 -11.04 17.40
C LEU A 488 -15.86 -10.23 16.47
N ASN A 489 -16.53 -9.46 15.61
CA ASN A 489 -15.87 -8.56 14.68
C ASN A 489 -16.15 -7.07 15.01
N LEU A 490 -15.13 -6.38 15.50
CA LEU A 490 -15.18 -4.96 15.72
C LEU A 490 -14.29 -4.19 14.76
N SER A 491 -13.88 -4.85 13.71
CA SER A 491 -13.01 -4.26 12.73
C SER A 491 -13.57 -2.97 12.19
N ALA A 492 -12.73 -1.96 12.00
CA ALA A 492 -13.05 -0.67 11.33
C ALA A 492 -14.13 0.12 12.01
N ASN A 493 -13.95 0.37 13.30
CA ASN A 493 -14.89 1.14 14.08
C ASN A 493 -14.29 2.47 14.59
N SER A 494 -13.13 2.86 14.08
CA SER A 494 -12.52 4.11 14.48
C SER A 494 -12.34 4.09 16.00
N ASN A 495 -12.09 2.90 16.54
CA ASN A 495 -12.06 2.76 17.98
C ASN A 495 -10.72 3.19 18.53
N ALA A 496 -10.67 4.25 19.33
CA ALA A 496 -9.41 4.65 19.97
C ALA A 496 -9.33 4.44 21.48
N GLN A 497 -10.07 3.54 22.09
CA GLN A 497 -10.03 3.53 23.56
C GLN A 497 -8.78 2.86 24.12
N VAL A 498 -8.56 3.07 25.41
CA VAL A 498 -7.58 2.30 26.17
C VAL A 498 -8.29 1.10 26.76
N LEU A 499 -8.04 -0.10 26.22
CA LEU A 499 -8.70 -1.28 26.75
C LEU A 499 -8.02 -1.64 28.08
N SER A 500 -8.81 -2.02 29.08
CA SER A 500 -8.29 -2.08 30.44
C SER A 500 -8.78 -3.27 31.24
N GLY A 501 -9.40 -4.24 30.58
CA GLY A 501 -9.67 -5.52 31.23
C GLY A 501 -11.10 -5.74 31.67
N THR A 502 -12.01 -4.86 31.28
CA THR A 502 -13.39 -4.99 31.67
C THR A 502 -14.38 -4.81 30.53
N GLU A 503 -13.91 -4.39 29.36
CA GLU A 503 -14.83 -4.01 28.32
C GLU A 503 -15.60 -5.22 27.76
N PHE A 504 -15.02 -6.41 27.90
CA PHE A 504 -15.63 -7.64 27.37
C PHE A 504 -16.19 -8.60 28.41
N SER A 505 -16.42 -8.11 29.62
CA SER A 505 -16.83 -8.99 30.73
C SER A 505 -18.26 -9.53 30.62
N ALA A 506 -19.12 -8.94 29.78
CA ALA A 506 -20.48 -9.48 29.55
C ALA A 506 -20.46 -10.59 28.52
N ILE A 507 -19.39 -10.71 27.76
CA ILE A 507 -19.28 -11.83 26.81
C ILE A 507 -17.92 -12.41 26.96
N PRO A 508 -17.68 -13.06 28.10
CA PRO A 508 -16.30 -13.28 28.42
C PRO A 508 -15.72 -14.48 27.73
N HIS A 509 -16.53 -15.19 26.93
CA HIS A 509 -16.10 -16.43 26.27
C HIS A 509 -15.75 -16.29 24.81
N VAL A 510 -15.57 -15.07 24.33
CA VAL A 510 -15.08 -14.87 22.97
C VAL A 510 -13.82 -15.67 22.69
N LYS A 511 -13.81 -16.36 21.57
CA LYS A 511 -12.65 -17.11 21.17
C LYS A 511 -11.87 -16.54 19.97
N TYR A 512 -12.50 -15.70 19.17
CA TYR A 512 -11.85 -15.13 17.98
C TYR A 512 -12.36 -13.71 17.99
N LEU A 513 -11.40 -12.79 18.11
CA LEU A 513 -11.70 -11.38 18.24
C LEU A 513 -10.99 -10.61 17.14
N ASP A 514 -11.78 -9.98 16.26
CA ASP A 514 -11.25 -9.17 15.19
C ASP A 514 -11.35 -7.70 15.59
N LEU A 515 -10.19 -7.05 15.69
CA LEU A 515 -10.11 -5.65 16.09
C LEU A 515 -9.34 -4.83 15.06
N THR A 516 -9.23 -5.37 13.87
CA THR A 516 -8.44 -4.78 12.85
C THR A 516 -8.96 -3.40 12.47
N ASN A 517 -8.05 -2.58 11.93
CA ASN A 517 -8.41 -1.27 11.36
C ASN A 517 -9.09 -0.33 12.33
N ASN A 518 -8.55 -0.24 13.53
CA ASN A 518 -9.07 0.73 14.49
C ASN A 518 -7.87 1.66 14.80
N ARG A 519 -7.96 2.39 15.90
CA ARG A 519 -6.88 3.26 16.36
C ARG A 519 -6.70 3.03 17.86
N LEU A 520 -6.53 1.75 18.20
CA LEU A 520 -6.51 1.33 19.60
C LEU A 520 -5.31 1.92 20.34
N ASP A 521 -5.56 2.42 21.55
CA ASP A 521 -4.51 3.01 22.42
C ASP A 521 -4.14 1.99 23.48
N PHE A 522 -3.01 1.32 23.25
CA PHE A 522 -2.50 0.26 24.14
C PHE A 522 -1.71 0.78 25.32
N ASP A 523 -2.45 1.47 26.17
CA ASP A 523 -1.96 2.11 27.38
C ASP A 523 -2.37 1.41 28.69
N ASN A 524 -2.60 0.10 28.68
CA ASN A 524 -2.87 -0.63 29.93
C ASN A 524 -2.58 -2.13 29.76
N ALA A 525 -1.85 -2.66 30.71
CA ALA A 525 -1.33 -4.02 30.67
C ALA A 525 -2.38 -5.10 30.94
N SER A 526 -3.60 -4.66 31.28
CA SER A 526 -4.70 -5.57 31.60
C SER A 526 -5.72 -5.62 30.44
N ALA A 527 -5.41 -4.98 29.31
CA ALA A 527 -6.29 -5.03 28.13
C ALA A 527 -6.68 -6.44 27.76
N LEU A 528 -7.94 -6.66 27.41
CA LEU A 528 -8.45 -7.98 26.92
C LEU A 528 -8.32 -9.21 27.84
N THR A 529 -7.80 -9.03 29.06
CA THR A 529 -7.53 -10.19 29.96
C THR A 529 -8.74 -10.86 30.62
N GLU A 530 -9.91 -10.24 30.55
CA GLU A 530 -11.19 -10.91 30.81
C GLU A 530 -11.52 -12.08 29.83
N LEU A 531 -10.96 -12.08 28.63
CA LEU A 531 -11.28 -13.11 27.66
C LEU A 531 -10.38 -14.33 27.84
N SER A 532 -10.64 -15.12 28.88
CA SER A 532 -9.67 -16.16 29.21
C SER A 532 -9.66 -17.33 28.23
N ASP A 533 -10.70 -17.47 27.39
CA ASP A 533 -10.69 -18.52 26.39
C ASP A 533 -10.19 -18.07 25.06
N LEU A 534 -9.66 -16.86 24.98
CA LEU A 534 -9.31 -16.30 23.68
C LEU A 534 -8.34 -17.21 22.98
N GLU A 535 -8.61 -17.47 21.69
CA GLU A 535 -7.70 -18.28 20.87
C GLU A 535 -7.04 -17.52 19.71
N VAL A 536 -7.74 -16.52 19.20
CA VAL A 536 -7.27 -15.79 18.01
C VAL A 536 -7.51 -14.31 18.23
N LEU A 537 -6.43 -13.55 18.18
CA LEU A 537 -6.55 -12.10 18.36
C LEU A 537 -5.97 -11.40 17.12
N ASP A 538 -6.81 -10.61 16.44
CA ASP A 538 -6.32 -9.91 15.24
C ASP A 538 -6.32 -8.41 15.57
N LEU A 539 -5.10 -7.85 15.61
CA LEU A 539 -4.89 -6.43 15.90
C LEU A 539 -4.26 -5.66 14.71
N SER A 540 -4.24 -6.25 13.51
CA SER A 540 -3.75 -5.56 12.30
C SER A 540 -4.31 -4.14 12.10
N TYR A 541 -3.47 -3.26 11.55
CA TYR A 541 -3.83 -1.92 11.11
C TYR A 541 -4.33 -1.07 12.25
N ASN A 542 -3.63 -1.14 13.39
CA ASN A 542 -3.87 -0.29 14.56
C ASN A 542 -2.66 0.66 14.82
N SER A 543 -2.10 1.20 13.75
CA SER A 543 -0.85 1.93 13.80
C SER A 543 -0.95 3.34 14.37
N HIS A 544 -2.14 3.93 14.40
CA HIS A 544 -2.36 5.27 14.86
C HIS A 544 -1.47 5.70 16.07
N TYR A 545 -1.46 4.90 17.14
CA TYR A 545 -0.75 5.30 18.35
C TYR A 545 0.64 4.68 18.36
N PHE A 546 0.79 3.50 17.79
CA PHE A 546 2.12 2.92 17.64
C PHE A 546 3.09 3.85 16.91
N ARG A 547 2.65 4.55 15.87
CA ARG A 547 3.57 5.42 15.13
C ARG A 547 4.09 6.66 15.94
N ILE A 548 3.46 7.01 17.06
CA ILE A 548 3.90 8.14 17.88
C ILE A 548 4.88 7.68 19.00
N ALA A 549 6.10 8.18 18.96
CA ALA A 549 7.13 7.76 19.94
C ALA A 549 6.74 8.18 21.34
N GLY A 550 6.24 9.41 21.44
CA GLY A 550 5.95 10.04 22.73
C GLY A 550 4.78 9.54 23.56
N VAL A 551 4.00 8.59 23.05
CA VAL A 551 2.91 8.02 23.83
C VAL A 551 3.36 6.66 24.29
N THR A 552 2.81 6.16 25.40
CA THR A 552 3.19 4.83 25.85
C THR A 552 2.50 3.73 25.04
N HIS A 553 3.10 2.56 25.13
CA HIS A 553 2.68 1.39 24.37
C HIS A 553 2.96 0.13 25.18
N HIS A 554 1.88 -0.55 25.54
CA HIS A 554 1.91 -1.70 26.46
C HIS A 554 1.36 -2.95 25.76
N LEU A 555 2.25 -3.85 25.39
CA LEU A 555 1.86 -5.18 24.89
C LEU A 555 1.99 -6.36 25.91
N GLU A 556 2.03 -6.06 27.22
CA GLU A 556 2.22 -7.08 28.25
C GLU A 556 1.07 -8.12 28.42
N PHE A 557 -0.16 -7.73 28.14
CA PHE A 557 -1.36 -8.56 28.28
C PHE A 557 -1.28 -9.83 27.47
N ILE A 558 -0.42 -9.86 26.49
CA ILE A 558 -0.25 -11.06 25.69
C ILE A 558 0.00 -12.27 26.58
N GLN A 559 0.92 -12.17 27.54
CA GLN A 559 1.23 -13.31 28.41
C GLN A 559 0.06 -13.83 29.29
N ASN A 560 -0.98 -13.05 29.46
CA ASN A 560 -2.06 -13.46 30.35
C ASN A 560 -3.05 -14.43 29.73
N PHE A 561 -2.84 -14.86 28.49
CA PHE A 561 -3.75 -15.84 27.87
C PHE A 561 -3.20 -17.26 27.92
N THR A 562 -4.01 -18.22 28.35
CA THR A 562 -3.56 -19.59 28.38
C THR A 562 -3.95 -20.41 27.19
N ASN A 563 -4.86 -19.93 26.33
CA ASN A 563 -5.28 -20.69 25.14
C ASN A 563 -4.95 -19.95 23.83
N LEU A 564 -4.25 -18.81 23.92
CA LEU A 564 -4.09 -17.94 22.76
C LEU A 564 -3.14 -18.63 21.82
N LYS A 565 -3.55 -18.85 20.57
CA LYS A 565 -2.72 -19.55 19.60
C LYS A 565 -2.28 -18.69 18.42
N VAL A 566 -3.09 -17.73 18.02
CA VAL A 566 -2.74 -16.94 16.83
C VAL A 566 -2.87 -15.47 17.18
N LEU A 567 -1.83 -14.69 16.93
CA LEU A 567 -1.90 -13.23 17.14
C LEU A 567 -1.38 -12.51 15.93
N ASN A 568 -2.13 -11.54 15.44
CA ASN A 568 -1.72 -10.82 14.27
C ASN A 568 -1.46 -9.40 14.72
N LEU A 569 -0.20 -8.96 14.60
CA LEU A 569 0.16 -7.57 14.91
C LEU A 569 0.58 -6.77 13.64
N SER A 570 0.16 -7.22 12.47
CA SER A 570 0.69 -6.64 11.23
C SER A 570 0.25 -5.20 10.99
N HIS A 571 1.13 -4.42 10.38
CA HIS A 571 0.84 -3.08 9.88
C HIS A 571 0.45 -2.14 11.01
N ASN A 572 1.17 -2.30 12.10
CA ASN A 572 0.97 -1.50 13.22
C ASN A 572 2.11 -0.48 13.40
N ASN A 573 3.11 -0.55 12.55
CA ASN A 573 4.22 0.34 12.63
C ASN A 573 4.88 0.33 14.00
N ILE A 574 5.08 -0.88 14.53
CA ILE A 574 5.66 -1.02 15.86
C ILE A 574 7.16 -0.78 15.79
N TYR A 575 7.65 0.24 16.50
CA TYR A 575 9.11 0.43 16.63
C TYR A 575 9.60 0.79 18.03
N THR A 576 8.71 0.94 18.99
CA THR A 576 9.06 1.26 20.36
C THR A 576 7.94 0.86 21.34
N LEU A 577 8.35 0.38 22.51
CA LEU A 577 7.40 -0.06 23.55
C LEU A 577 7.79 0.50 24.91
N THR A 578 6.84 0.58 25.81
CA THR A 578 7.12 1.10 27.12
C THR A 578 7.45 0.00 28.12
N ASP A 579 8.59 0.13 28.82
CA ASP A 579 8.90 -0.72 29.98
C ASP A 579 9.17 -2.17 29.61
N LYS A 580 8.22 -2.87 29.04
CA LYS A 580 8.43 -4.27 28.72
C LYS A 580 8.75 -4.49 27.24
N TYR A 581 9.95 -4.98 26.97
CA TYR A 581 10.43 -5.05 25.61
C TYR A 581 10.19 -6.40 24.94
N ASN A 582 9.68 -7.35 25.72
CA ASN A 582 9.49 -8.70 25.22
C ASN A 582 8.03 -9.05 25.04
N LEU A 583 7.75 -9.80 23.98
CA LEU A 583 6.46 -10.46 23.87
C LEU A 583 6.58 -11.83 24.51
N GLU A 584 5.65 -12.14 25.40
CA GLU A 584 5.68 -13.46 26.11
C GLU A 584 4.32 -14.15 26.08
N SER A 585 4.33 -15.42 25.68
CA SER A 585 3.19 -16.32 25.84
C SER A 585 3.71 -17.74 25.89
N LYS A 586 3.07 -18.55 26.71
CA LYS A 586 3.33 -19.99 26.70
C LYS A 586 2.54 -20.74 25.64
N SER A 587 1.41 -20.21 25.20
CA SER A 587 0.52 -20.99 24.28
C SER A 587 0.79 -20.73 22.84
N LEU A 588 1.31 -19.54 22.54
CA LEU A 588 1.16 -18.94 21.21
C LEU A 588 1.83 -19.78 20.15
N VAL A 589 1.13 -20.08 19.05
CA VAL A 589 1.76 -20.89 17.97
C VAL A 589 2.01 -20.11 16.67
N GLU A 590 1.23 -19.08 16.40
CA GLU A 590 1.56 -18.24 15.24
C GLU A 590 1.53 -16.79 15.60
N LEU A 591 2.60 -16.07 15.27
CA LEU A 591 2.65 -14.60 15.39
C LEU A 591 2.86 -13.97 14.02
N VAL A 592 2.00 -13.03 13.67
CA VAL A 592 2.17 -12.33 12.40
C VAL A 592 2.63 -10.94 12.73
N PHE A 593 3.85 -10.61 12.28
CA PHE A 593 4.46 -9.36 12.68
C PHE A 593 4.83 -8.48 11.49
N SER A 594 4.23 -8.77 10.33
CA SER A 594 4.57 -8.01 9.10
C SER A 594 4.25 -6.51 9.22
N GLY A 595 4.88 -5.64 8.44
CA GLY A 595 4.52 -4.21 8.47
C GLY A 595 4.78 -3.48 9.75
N ASN A 596 5.83 -3.87 10.44
CA ASN A 596 6.28 -3.13 11.61
C ASN A 596 7.72 -2.66 11.37
N ARG A 597 8.46 -2.27 12.42
CA ARG A 597 9.77 -1.71 12.15
C ARG A 597 10.86 -2.39 12.94
N LEU A 598 11.10 -3.66 12.65
CA LEU A 598 12.18 -4.43 13.28
C LEU A 598 13.56 -3.87 12.97
N ASP A 599 13.68 -3.29 11.80
CA ASP A 599 14.90 -2.61 11.42
C ASP A 599 15.24 -1.57 12.48
N ILE A 600 14.25 -0.89 13.04
CA ILE A 600 14.46 0.05 14.15
C ILE A 600 14.61 -0.66 15.47
N LEU A 601 13.74 -1.63 15.74
CA LEU A 601 13.78 -2.38 17.02
C LEU A 601 15.10 -3.07 17.20
N TRP A 602 15.55 -3.78 16.18
CA TRP A 602 16.88 -4.38 16.14
C TRP A 602 18.04 -3.53 15.59
N ASN A 603 17.96 -2.20 15.69
CA ASN A 603 19.13 -1.34 15.34
C ASN A 603 20.42 -1.90 16.02
N ASP A 604 21.58 -1.90 15.35
CA ASP A 604 22.84 -2.43 15.94
C ASP A 604 23.21 -1.79 17.27
N ASP A 605 22.83 -0.53 17.45
CA ASP A 605 23.12 0.22 18.65
C ASP A 605 22.12 0.13 19.78
N ASP A 606 21.13 -0.74 19.64
CA ASP A 606 20.12 -0.95 20.70
C ASP A 606 19.98 -2.44 20.97
N ASN A 607 20.07 -2.79 22.25
CA ASN A 607 20.00 -4.18 22.68
C ASN A 607 18.67 -4.52 23.37
N ARG A 608 17.83 -3.54 23.64
CA ARG A 608 16.58 -3.75 24.41
C ARG A 608 15.57 -4.76 23.81
N TYR A 609 15.49 -4.84 22.49
CA TYR A 609 14.57 -5.70 21.70
C TYR A 609 15.26 -6.99 21.21
N ILE A 610 16.46 -7.24 21.68
CA ILE A 610 17.22 -8.39 21.21
C ILE A 610 16.57 -9.79 21.43
N SER A 611 15.66 -9.85 22.40
CA SER A 611 14.93 -11.06 22.82
C SER A 611 13.42 -10.97 22.66
N ILE A 612 12.99 -10.07 21.78
CA ILE A 612 11.58 -9.69 21.63
C ILE A 612 10.63 -10.87 21.45
N PHE A 613 11.03 -11.88 20.69
CA PHE A 613 10.18 -13.04 20.45
C PHE A 613 10.54 -14.30 21.22
N LYS A 614 11.70 -14.31 21.88
CA LYS A 614 12.20 -15.51 22.58
C LYS A 614 11.23 -16.16 23.58
N GLY A 615 10.48 -15.36 24.33
CA GLY A 615 9.52 -15.87 25.29
C GLY A 615 8.22 -16.39 24.70
N LEU A 616 8.15 -16.51 23.37
CA LEU A 616 7.00 -17.13 22.71
C LEU A 616 7.40 -18.56 22.60
N LYS A 617 7.23 -19.24 23.72
CA LYS A 617 7.83 -20.54 23.96
C LYS A 617 7.33 -21.65 23.03
N ASN A 618 6.11 -21.49 22.52
CA ASN A 618 5.46 -22.49 21.70
C ASN A 618 5.35 -22.16 20.21
N LEU A 619 6.06 -21.10 19.77
CA LEU A 619 5.83 -20.53 18.43
C LEU A 619 6.36 -21.46 17.36
N THR A 620 5.58 -21.73 16.34
CA THR A 620 6.00 -22.56 15.21
C THR A 620 6.00 -21.79 13.87
N ARG A 621 5.25 -20.70 13.84
CA ARG A 621 5.05 -19.89 12.63
C ARG A 621 5.22 -18.39 12.94
N LEU A 622 6.22 -17.76 12.31
CA LEU A 622 6.53 -16.34 12.48
C LEU A 622 6.72 -15.61 11.15
N ASP A 623 5.99 -14.50 10.98
CA ASP A 623 5.99 -13.75 9.71
C ASP A 623 6.60 -12.40 10.00
N LEU A 624 7.81 -12.16 9.47
CA LEU A 624 8.50 -10.87 9.63
C LEU A 624 8.60 -10.08 8.31
N SER A 625 7.74 -10.40 7.35
CA SER A 625 7.82 -9.67 6.08
C SER A 625 7.65 -8.18 6.30
N LEU A 626 8.06 -7.36 5.34
CA LEU A 626 7.70 -5.91 5.26
C LEU A 626 8.09 -5.17 6.52
N ASN A 627 9.31 -5.47 6.96
CA ASN A 627 9.88 -4.84 8.15
C ASN A 627 11.15 -4.03 7.85
N ARG A 628 11.49 -3.87 6.56
CA ARG A 628 12.51 -2.90 6.12
C ARG A 628 13.90 -3.30 6.56
N LEU A 629 14.04 -4.59 6.79
CA LEU A 629 15.25 -5.20 7.36
C LEU A 629 16.35 -5.33 6.32
N LYS A 630 17.45 -4.64 6.60
CA LYS A 630 18.70 -4.71 5.83
C LYS A 630 19.61 -5.88 6.25
N HIS A 631 19.62 -6.13 7.55
CA HIS A 631 20.38 -7.25 8.10
C HIS A 631 19.81 -7.57 9.46
N ILE A 632 19.94 -8.81 9.89
CA ILE A 632 19.47 -9.22 11.21
C ILE A 632 20.68 -9.45 12.07
N PRO A 633 20.72 -8.83 13.26
CA PRO A 633 21.86 -9.06 14.13
C PRO A 633 21.90 -10.49 14.56
N ASN A 634 23.09 -11.08 14.54
CA ASN A 634 23.24 -12.50 14.85
C ASN A 634 22.63 -12.85 16.20
N GLU A 635 22.71 -11.95 17.16
CA GLU A 635 22.18 -12.26 18.50
C GLU A 635 20.65 -12.32 18.43
N ALA A 636 20.06 -11.36 17.72
CA ALA A 636 18.61 -11.29 17.56
C ALA A 636 18.06 -12.52 16.80
N PHE A 637 18.73 -12.96 15.75
CA PHE A 637 18.31 -14.14 15.03
C PHE A 637 18.35 -15.42 15.89
N LEU A 638 19.38 -15.55 16.71
CA LEU A 638 19.51 -16.70 17.59
C LEU A 638 18.52 -16.70 18.76
N ASN A 639 17.96 -15.54 19.05
CA ASN A 639 16.90 -15.41 20.04
C ASN A 639 15.47 -15.61 19.52
N LEU A 640 15.33 -16.00 18.25
CA LEU A 640 14.03 -16.44 17.73
C LEU A 640 13.71 -17.82 18.33
N PRO A 641 12.46 -18.08 18.73
CA PRO A 641 12.12 -19.38 19.33
C PRO A 641 12.64 -20.59 18.54
N ALA A 642 13.27 -21.53 19.22
CA ALA A 642 13.79 -22.73 18.55
C ALA A 642 12.74 -23.74 18.09
N SER A 643 11.49 -23.54 18.47
CA SER A 643 10.38 -24.38 18.04
C SER A 643 9.85 -24.03 16.64
N LEU A 644 10.47 -23.09 15.95
CA LEU A 644 9.96 -22.67 14.64
C LEU A 644 10.06 -23.75 13.58
N THR A 645 8.97 -23.84 12.84
CA THR A 645 8.86 -24.69 11.70
C THR A 645 8.63 -23.90 10.45
N GLU A 646 8.20 -22.66 10.60
CA GLU A 646 7.94 -21.80 9.44
C GLU A 646 8.41 -20.39 9.75
N LEU A 647 9.29 -19.84 8.91
CA LEU A 647 9.79 -18.50 9.12
C LEU A 647 9.77 -17.71 7.82
N HIS A 648 9.08 -16.57 7.82
CA HIS A 648 8.99 -15.70 6.65
C HIS A 648 9.72 -14.39 6.91
N ILE A 649 10.66 -14.10 6.03
CA ILE A 649 11.35 -12.83 6.11
C ILE A 649 11.33 -12.19 4.74
N ASN A 650 10.29 -12.45 3.98
CA ASN A 650 10.21 -11.95 2.64
C ASN A 650 9.85 -10.47 2.64
N ASP A 651 10.13 -9.83 1.50
CA ASP A 651 9.77 -8.44 1.20
C ASP A 651 10.37 -7.49 2.21
N ASN A 652 11.62 -7.77 2.56
CA ASN A 652 12.48 -6.89 3.33
C ASN A 652 13.58 -6.39 2.39
N MET A 653 14.68 -5.86 2.89
CA MET A 653 15.73 -5.39 1.97
C MET A 653 17.04 -6.03 2.32
N LEU A 654 16.97 -7.34 2.57
CA LEU A 654 18.09 -8.07 3.19
C LEU A 654 19.19 -8.19 2.14
N LYS A 655 20.37 -7.80 2.58
CA LYS A 655 21.58 -7.81 1.77
C LYS A 655 22.52 -8.90 2.31
N PHE A 656 22.05 -9.67 3.28
CA PHE A 656 22.89 -10.51 4.08
C PHE A 656 21.99 -11.45 4.89
N PHE A 657 22.27 -12.74 4.83
CA PHE A 657 21.63 -13.70 5.73
C PHE A 657 22.72 -14.61 6.26
N ASN A 658 22.87 -14.69 7.58
CA ASN A 658 23.80 -15.68 8.18
C ASN A 658 23.22 -17.12 8.18
N TRP A 659 23.65 -17.90 7.19
CA TRP A 659 23.13 -19.25 7.04
C TRP A 659 23.49 -20.17 8.20
N THR A 660 24.55 -19.84 8.91
CA THR A 660 25.07 -20.70 9.95
C THR A 660 24.05 -20.85 11.05
N LEU A 661 23.32 -19.79 11.35
CA LEU A 661 22.51 -19.79 12.58
C LEU A 661 21.36 -20.81 12.48
N LEU A 662 21.07 -21.31 11.28
CA LEU A 662 20.05 -22.35 11.10
C LEU A 662 20.32 -23.59 11.97
N GLN A 663 21.57 -23.76 12.38
CA GLN A 663 21.95 -24.88 13.23
C GLN A 663 21.19 -24.88 14.52
N GLN A 664 20.73 -23.71 14.96
CA GLN A 664 19.89 -23.61 16.16
C GLN A 664 18.40 -23.81 15.94
N PHE A 665 18.02 -24.26 14.75
CA PHE A 665 16.60 -24.39 14.36
C PHE A 665 16.32 -25.76 13.79
N PRO A 666 16.39 -26.79 14.66
CA PRO A 666 16.29 -28.18 14.23
C PRO A 666 14.92 -28.60 13.75
N ARG A 667 13.90 -27.77 13.91
CA ARG A 667 12.55 -28.05 13.39
C ARG A 667 12.09 -27.21 12.19
N LEU A 668 12.93 -26.29 11.72
CA LEU A 668 12.54 -25.35 10.65
C LEU A 668 12.39 -26.05 9.31
N GLU A 669 11.20 -25.96 8.74
CA GLU A 669 10.91 -26.67 7.51
C GLU A 669 10.79 -25.73 6.33
N LEU A 670 10.43 -24.48 6.61
CA LEU A 670 10.20 -23.53 5.54
C LEU A 670 10.95 -22.27 5.91
N LEU A 671 11.74 -21.78 4.97
CA LEU A 671 12.40 -20.50 5.11
C LEU A 671 12.07 -19.73 3.87
N ASP A 672 11.52 -18.55 4.06
CA ASP A 672 11.01 -17.75 2.98
C ASP A 672 11.80 -16.46 3.02
N LEU A 673 12.66 -16.29 2.03
CA LEU A 673 13.47 -15.09 1.89
C LEU A 673 13.17 -14.35 0.60
N ARG A 674 11.99 -14.57 0.05
CA ARG A 674 11.67 -13.94 -1.21
C ARG A 674 11.65 -12.43 -1.11
N GLY A 675 11.98 -11.81 -2.23
CA GLY A 675 11.78 -10.38 -2.41
C GLY A 675 12.72 -9.56 -1.59
N ASN A 676 13.97 -10.00 -1.55
CA ASN A 676 15.01 -9.34 -0.76
C ASN A 676 16.12 -8.88 -1.72
N LYS A 677 17.36 -8.72 -1.24
CA LYS A 677 18.46 -8.35 -2.12
C LYS A 677 19.70 -9.20 -1.86
N LEU A 678 19.49 -10.49 -1.58
CA LEU A 678 20.59 -11.40 -1.23
C LEU A 678 21.35 -11.79 -2.49
N LEU A 679 22.65 -11.91 -2.35
CA LEU A 679 23.50 -12.22 -3.49
C LEU A 679 24.47 -13.40 -3.29
N PHE A 680 24.48 -14.00 -2.12
CA PHE A 680 25.30 -15.19 -1.85
C PHE A 680 24.45 -16.28 -1.23
N LEU A 681 24.51 -17.48 -1.79
CA LEU A 681 24.11 -18.68 -1.06
C LEU A 681 25.34 -19.36 -0.43
N THR A 682 25.22 -19.69 0.84
CA THR A 682 26.18 -20.59 1.48
C THR A 682 26.41 -21.83 0.58
N ASP A 683 27.55 -22.47 0.77
CA ASP A 683 27.90 -23.67 0.03
C ASP A 683 27.79 -24.90 0.93
N SER A 684 27.41 -24.68 2.20
CA SER A 684 27.49 -25.72 3.24
C SER A 684 26.17 -25.91 4.01
N LEU A 685 25.07 -25.84 3.28
CA LEU A 685 23.73 -25.96 3.88
C LEU A 685 23.47 -27.31 4.60
N SER A 686 23.96 -28.41 4.03
CA SER A 686 23.91 -29.73 4.70
C SER A 686 24.43 -29.71 6.13
N ASP A 687 25.35 -28.80 6.41
CA ASP A 687 25.88 -28.69 7.76
C ASP A 687 24.98 -27.93 8.72
N PHE A 688 24.05 -27.13 8.20
CA PHE A 688 23.38 -26.11 9.02
C PHE A 688 21.92 -26.42 9.39
N THR A 689 21.34 -27.36 8.65
CA THR A 689 19.99 -27.81 8.86
C THR A 689 19.86 -29.26 8.37
N SER A 690 18.94 -30.02 8.94
CA SER A 690 18.53 -31.30 8.36
C SER A 690 17.02 -31.46 8.30
N SER A 691 16.30 -30.37 8.54
CA SER A 691 14.83 -30.37 8.53
C SER A 691 14.25 -29.56 7.35
N LEU A 692 15.04 -28.66 6.78
CA LEU A 692 14.56 -27.70 5.79
C LEU A 692 13.99 -28.38 4.52
N ARG A 693 12.71 -28.11 4.24
CA ARG A 693 12.01 -28.74 3.12
C ARG A 693 11.84 -27.82 1.94
N THR A 694 11.63 -26.54 2.27
CA THR A 694 11.29 -25.51 1.30
C THR A 694 12.10 -24.24 1.56
N LEU A 695 12.86 -23.84 0.56
CA LEU A 695 13.61 -22.62 0.62
C LEU A 695 13.12 -21.74 -0.52
N LEU A 696 12.62 -20.56 -0.17
CA LEU A 696 12.00 -19.66 -1.11
C LEU A 696 12.87 -18.40 -1.29
N LEU A 697 13.52 -18.35 -2.43
CA LEU A 697 14.54 -17.37 -2.68
C LEU A 697 14.32 -16.52 -3.93
N SER A 698 13.12 -16.54 -4.51
CA SER A 698 12.85 -15.73 -5.67
C SER A 698 12.81 -14.21 -5.39
N HIS A 699 13.07 -13.43 -6.45
CA HIS A 699 13.26 -11.97 -6.39
C HIS A 699 14.37 -11.51 -5.43
N ASN A 700 15.54 -12.13 -5.58
CA ASN A 700 16.77 -11.65 -4.96
C ASN A 700 17.73 -11.44 -6.09
N ARG A 701 18.98 -11.21 -5.76
CA ARG A 701 19.95 -10.85 -6.78
C ARG A 701 21.06 -11.91 -6.80
N ILE A 702 20.63 -13.16 -6.79
CA ILE A 702 21.55 -14.28 -6.69
C ILE A 702 22.10 -14.47 -8.09
N SER A 703 23.43 -14.43 -8.16
CA SER A 703 24.11 -14.41 -9.44
C SER A 703 24.78 -15.75 -9.69
N HIS A 704 25.26 -16.39 -8.63
CA HIS A 704 26.03 -17.62 -8.72
C HIS A 704 25.43 -18.68 -7.79
N LEU A 705 25.17 -19.88 -8.29
CA LEU A 705 24.87 -21.04 -7.41
C LEU A 705 26.14 -21.83 -7.10
N PRO A 706 26.63 -21.81 -5.83
CA PRO A 706 27.93 -22.44 -5.49
C PRO A 706 27.98 -23.94 -5.78
N SER A 707 29.18 -24.44 -6.08
CA SER A 707 29.33 -25.88 -6.28
C SER A 707 29.20 -26.57 -4.93
N GLY A 708 28.60 -27.76 -4.92
CA GLY A 708 28.29 -28.44 -3.67
C GLY A 708 27.17 -27.81 -2.85
N PHE A 709 26.32 -27.00 -3.48
CA PHE A 709 25.19 -26.34 -2.80
C PHE A 709 24.20 -27.37 -2.25
N LEU A 710 23.75 -28.26 -3.12
CA LEU A 710 22.91 -29.41 -2.76
C LEU A 710 23.63 -30.41 -1.88
N SER A 711 24.95 -30.51 -2.05
CA SER A 711 25.84 -31.13 -1.06
C SER A 711 25.22 -32.45 -0.56
N GLU A 712 24.73 -32.44 0.67
CA GLU A 712 23.89 -33.53 1.15
C GLU A 712 22.68 -32.98 1.93
N VAL A 713 21.91 -32.11 1.26
CA VAL A 713 20.66 -31.60 1.81
C VAL A 713 19.53 -32.56 1.37
N SER A 714 19.37 -33.63 2.14
CA SER A 714 18.45 -34.71 1.78
C SER A 714 17.01 -34.26 1.92
N SER A 715 16.72 -33.46 2.95
CA SER A 715 15.36 -33.05 3.27
C SER A 715 14.74 -32.04 2.28
N LEU A 716 15.55 -31.24 1.60
CA LEU A 716 14.99 -30.14 0.81
C LEU A 716 14.24 -30.65 -0.41
N LYS A 717 12.98 -30.25 -0.57
CA LYS A 717 12.17 -30.72 -1.68
C LYS A 717 11.80 -29.65 -2.69
N HIS A 718 11.62 -28.43 -2.19
CA HIS A 718 11.19 -27.34 -3.04
C HIS A 718 12.19 -26.22 -2.89
N LEU A 719 12.82 -25.88 -4.01
CA LEU A 719 13.82 -24.85 -4.08
C LEU A 719 13.40 -23.86 -5.15
N ASP A 720 13.13 -22.64 -4.74
CA ASP A 720 12.64 -21.62 -5.67
C ASP A 720 13.67 -20.50 -5.83
N LEU A 721 14.22 -20.46 -7.05
CA LEU A 721 15.28 -19.52 -7.42
C LEU A 721 14.85 -18.76 -8.68
N SER A 722 13.55 -18.64 -8.88
CA SER A 722 13.07 -17.83 -9.99
C SER A 722 13.43 -16.40 -9.70
N SER A 723 13.37 -15.59 -10.75
CA SER A 723 13.61 -14.14 -10.71
C SER A 723 14.84 -13.73 -9.92
N ASN A 724 15.97 -14.31 -10.33
CA ASN A 724 17.26 -14.00 -9.75
C ASN A 724 18.23 -13.60 -10.86
N LEU A 725 19.52 -13.54 -10.59
CA LEU A 725 20.46 -13.09 -11.62
C LEU A 725 21.35 -14.23 -12.12
N LEU A 726 20.79 -15.43 -12.19
CA LEU A 726 21.55 -16.60 -12.61
C LEU A 726 21.77 -16.58 -14.12
N LYS A 727 23.02 -16.60 -14.52
CA LYS A 727 23.37 -16.66 -15.93
C LYS A 727 23.57 -18.10 -16.40
N THR A 728 23.83 -18.98 -15.44
CA THR A 728 24.08 -20.38 -15.72
C THR A 728 24.02 -21.20 -14.43
N ILE A 729 23.83 -22.49 -14.61
CA ILE A 729 24.04 -23.44 -13.54
C ILE A 729 25.07 -24.49 -13.99
N ASN A 730 26.05 -24.74 -13.13
CA ASN A 730 27.11 -25.72 -13.40
C ASN A 730 26.86 -27.05 -12.66
N LYS A 731 27.39 -28.12 -13.26
CA LYS A 731 27.38 -29.49 -12.73
C LYS A 731 27.41 -29.67 -11.19
N SER A 732 28.44 -29.17 -10.51
CA SER A 732 28.64 -29.47 -9.10
C SER A 732 27.76 -28.59 -8.20
N ALA A 733 27.17 -27.55 -8.78
CA ALA A 733 26.10 -26.85 -8.09
C ALA A 733 24.96 -27.84 -7.86
N LEU A 734 24.78 -28.73 -8.84
CA LEU A 734 23.68 -29.71 -8.90
C LEU A 734 23.98 -31.05 -8.17
N GLU A 735 25.25 -31.49 -8.15
CA GLU A 735 25.61 -32.79 -7.60
C GLU A 735 25.24 -33.01 -6.14
N THR A 736 24.35 -33.99 -5.91
CA THR A 736 24.22 -34.65 -4.61
C THR A 736 24.72 -36.05 -4.84
N LYS A 737 25.53 -36.54 -3.91
CA LYS A 737 25.92 -37.94 -3.89
C LYS A 737 25.07 -38.67 -2.83
N THR A 738 24.39 -37.89 -2.00
CA THR A 738 23.40 -38.40 -1.06
C THR A 738 22.15 -38.90 -1.75
N THR A 739 21.15 -39.25 -0.94
CA THR A 739 19.78 -39.43 -1.40
C THR A 739 18.98 -38.15 -1.19
N THR A 740 18.64 -37.48 -2.29
CA THR A 740 17.86 -36.25 -2.26
C THR A 740 16.34 -36.46 -2.39
N LYS A 741 15.58 -35.55 -1.77
CA LYS A 741 14.13 -35.45 -1.88
C LYS A 741 13.66 -34.33 -2.83
N LEU A 742 14.58 -33.64 -3.49
CA LEU A 742 14.21 -32.49 -4.32
C LEU A 742 13.24 -32.94 -5.39
N SER A 743 12.07 -32.29 -5.47
CA SER A 743 11.11 -32.54 -6.56
C SER A 743 10.67 -31.32 -7.34
N MET A 744 11.01 -30.13 -6.88
CA MET A 744 10.46 -28.93 -7.50
C MET A 744 11.55 -27.87 -7.49
N LEU A 745 11.85 -27.31 -8.65
CA LEU A 745 12.95 -26.38 -8.77
C LEU A 745 12.52 -25.28 -9.68
N GLU A 746 12.52 -24.05 -9.19
CA GLU A 746 11.99 -22.96 -10.00
C GLU A 746 13.13 -22.06 -10.43
N LEU A 747 13.19 -21.79 -11.73
CA LEU A 747 14.25 -21.03 -12.35
C LEU A 747 13.77 -20.00 -13.38
N HIS A 748 12.48 -19.95 -13.68
CA HIS A 748 11.98 -18.94 -14.61
C HIS A 748 12.42 -17.51 -14.17
N GLY A 749 12.57 -16.63 -15.16
CA GLY A 749 13.01 -15.25 -14.93
C GLY A 749 14.47 -15.04 -14.53
N ASN A 750 15.37 -15.94 -14.92
CA ASN A 750 16.80 -15.71 -14.80
C ASN A 750 17.31 -15.41 -16.19
N PRO A 751 18.37 -14.56 -16.31
CA PRO A 751 18.93 -14.18 -17.60
C PRO A 751 19.95 -15.20 -18.07
N PHE A 752 19.47 -16.39 -18.43
CA PHE A 752 20.35 -17.48 -18.80
C PHE A 752 21.19 -17.21 -20.05
N GLU A 753 22.46 -17.58 -19.96
CA GLU A 753 23.41 -17.46 -21.07
C GLU A 753 23.27 -18.71 -21.90
N CYS A 754 22.87 -18.53 -23.15
CA CYS A 754 22.62 -19.69 -24.01
C CYS A 754 23.76 -19.98 -24.99
N THR A 755 24.96 -19.99 -24.43
CA THR A 755 26.14 -20.57 -25.03
C THR A 755 26.22 -22.05 -24.65
N CYS A 756 27.38 -22.61 -24.89
CA CYS A 756 27.60 -24.02 -24.65
C CYS A 756 27.73 -24.28 -23.18
N ASP A 757 27.91 -23.23 -22.38
CA ASP A 757 27.95 -23.41 -20.93
C ASP A 757 26.59 -23.80 -20.32
N ILE A 758 25.51 -23.71 -21.11
CA ILE A 758 24.17 -24.08 -20.64
C ILE A 758 23.90 -25.59 -20.69
N GLY A 759 24.74 -26.33 -21.43
CA GLY A 759 24.56 -27.77 -21.66
C GLY A 759 24.64 -28.73 -20.47
N ASP A 760 25.50 -28.45 -19.50
CA ASP A 760 25.55 -29.28 -18.30
C ASP A 760 24.22 -29.23 -17.51
N PHE A 761 23.53 -28.08 -17.55
CA PHE A 761 22.17 -28.00 -17.00
C PHE A 761 21.10 -28.66 -17.88
N ARG A 762 21.11 -28.41 -19.18
CA ARG A 762 20.20 -29.14 -20.10
C ARG A 762 20.29 -30.65 -19.94
N ARG A 763 21.53 -31.15 -19.91
CA ARG A 763 21.83 -32.55 -19.61
C ARG A 763 21.32 -32.95 -18.22
N TRP A 764 21.50 -32.10 -17.21
CA TRP A 764 20.97 -32.37 -15.87
C TRP A 764 19.43 -32.51 -15.85
N MET A 765 18.75 -31.77 -16.71
CA MET A 765 17.29 -31.86 -16.79
C MET A 765 16.88 -33.25 -17.26
N ASP A 766 17.47 -33.71 -18.35
CA ASP A 766 17.32 -35.11 -18.80
C ASP A 766 17.74 -36.15 -17.76
N GLU A 767 18.85 -35.88 -17.05
CA GLU A 767 19.37 -36.76 -15.98
C GLU A 767 18.44 -36.90 -14.77
N HIS A 768 17.57 -35.91 -14.54
CA HIS A 768 16.68 -35.93 -13.39
C HIS A 768 15.25 -35.51 -13.71
N LEU A 769 14.55 -36.34 -14.48
CA LEU A 769 13.16 -36.09 -14.85
C LEU A 769 12.15 -36.16 -13.68
N ASN A 770 12.55 -36.74 -12.54
CA ASN A 770 11.83 -36.69 -11.27
C ASN A 770 11.70 -35.29 -10.60
N VAL A 771 12.57 -34.37 -10.97
CA VAL A 771 12.52 -32.99 -10.49
C VAL A 771 11.74 -32.12 -11.45
N LYS A 772 10.59 -31.60 -11.01
CA LYS A 772 9.79 -30.79 -11.90
C LYS A 772 10.38 -29.41 -11.88
N ILE A 773 10.49 -28.83 -13.09
CA ILE A 773 10.85 -27.44 -13.32
C ILE A 773 9.61 -26.81 -13.91
N PRO A 774 8.86 -26.01 -13.14
CA PRO A 774 7.69 -25.43 -13.80
C PRO A 774 7.97 -24.29 -14.79
N ARG A 775 6.99 -24.00 -15.63
CA ARG A 775 7.04 -22.86 -16.50
C ARG A 775 8.31 -22.85 -17.34
N LEU A 776 8.58 -23.95 -18.01
CA LEU A 776 9.75 -24.07 -18.85
C LEU A 776 9.75 -23.00 -19.91
N VAL A 777 8.56 -22.67 -20.39
CA VAL A 777 8.45 -21.62 -21.41
C VAL A 777 8.79 -20.25 -20.88
N ASP A 778 8.93 -20.12 -19.55
CA ASP A 778 9.42 -18.88 -18.95
C ASP A 778 10.85 -19.01 -18.47
N VAL A 779 11.50 -20.13 -18.78
CA VAL A 779 12.91 -20.33 -18.43
C VAL A 779 13.63 -20.00 -19.73
N ILE A 780 14.07 -18.75 -19.84
CA ILE A 780 14.35 -18.10 -21.14
C ILE A 780 15.80 -17.59 -21.33
N CYS A 781 16.30 -17.68 -22.57
CA CYS A 781 17.65 -17.22 -22.88
C CYS A 781 17.73 -15.68 -22.90
N ALA A 782 18.62 -15.10 -22.11
CA ALA A 782 18.90 -13.66 -22.18
C ALA A 782 19.76 -13.36 -23.40
N SER A 783 20.95 -13.93 -23.39
CA SER A 783 21.89 -13.81 -24.49
C SER A 783 22.12 -15.18 -25.12
N PRO A 784 22.65 -15.21 -26.37
CA PRO A 784 22.88 -14.08 -27.29
C PRO A 784 21.60 -13.61 -27.96
N GLY A 785 21.70 -12.64 -28.86
CA GLY A 785 20.50 -11.98 -29.43
C GLY A 785 19.55 -12.78 -30.30
N ASP A 786 20.06 -13.83 -30.93
CA ASP A 786 19.23 -14.78 -31.69
C ASP A 786 18.55 -15.76 -30.73
N GLN A 787 19.28 -16.19 -29.72
CA GLN A 787 18.73 -17.01 -28.65
C GLN A 787 17.78 -16.16 -27.79
N ARG A 788 18.03 -14.85 -27.70
CA ARG A 788 17.21 -13.96 -26.88
C ARG A 788 15.73 -14.20 -27.11
N GLY A 789 15.07 -14.74 -26.09
CA GLY A 789 13.64 -15.01 -26.16
C GLY A 789 13.30 -16.48 -26.32
N LYS A 790 14.32 -17.30 -26.60
CA LYS A 790 14.19 -18.75 -26.65
C LYS A 790 14.08 -19.29 -25.23
N SER A 791 13.20 -20.26 -25.08
CA SER A 791 13.24 -21.15 -23.93
C SER A 791 14.51 -21.95 -24.02
N ILE A 792 15.16 -22.17 -22.88
CA ILE A 792 16.43 -22.91 -22.88
C ILE A 792 16.35 -24.35 -23.40
N VAL A 793 15.21 -25.04 -23.23
CA VAL A 793 15.05 -26.39 -23.80
C VAL A 793 14.91 -26.44 -25.33
N SER A 794 14.57 -25.31 -25.93
CA SER A 794 14.39 -25.21 -27.35
C SER A 794 15.68 -24.87 -28.13
N LEU A 795 16.85 -25.25 -27.60
CA LEU A 795 18.14 -24.85 -28.19
C LEU A 795 18.99 -26.04 -28.65
N GLU A 796 19.51 -25.98 -29.88
CA GLU A 796 20.49 -26.96 -30.38
C GLU A 796 21.82 -26.80 -29.64
N LEU A 797 22.11 -27.76 -28.76
CA LEU A 797 23.43 -27.86 -28.10
C LEU A 797 24.38 -28.70 -28.95
N SER B 9 35.52 13.12 -24.36
CA SER B 9 34.48 12.14 -23.93
C SER B 9 33.45 12.80 -22.99
N ARG B 10 32.62 11.97 -22.37
CA ARG B 10 31.71 12.39 -21.32
C ARG B 10 32.43 12.06 -20.02
N SER B 11 32.23 12.83 -18.97
CA SER B 11 32.86 12.48 -17.69
C SER B 11 32.33 11.13 -17.20
N TYR B 12 33.16 10.40 -16.48
CA TYR B 12 32.88 9.02 -16.11
C TYR B 12 33.92 8.50 -15.14
N PRO B 13 33.49 7.93 -14.00
CA PRO B 13 32.10 7.66 -13.63
C PRO B 13 31.30 8.83 -13.08
N CYS B 14 31.94 9.94 -12.77
CA CYS B 14 31.24 11.00 -12.09
C CYS B 14 30.39 11.84 -13.05
N ASP B 15 29.33 12.47 -12.52
CA ASP B 15 28.59 13.51 -13.21
C ASP B 15 29.30 14.82 -12.96
N GLU B 16 29.60 15.60 -14.00
CA GLU B 16 30.20 16.94 -13.80
C GLU B 16 29.24 18.11 -14.09
N LYS B 17 29.11 19.02 -13.14
CA LYS B 17 28.36 20.26 -13.32
C LYS B 17 29.07 21.47 -12.70
N LYS B 18 28.57 22.66 -13.04
CA LYS B 18 29.14 23.93 -12.57
C LYS B 18 28.23 24.52 -11.52
N GLN B 19 28.77 24.96 -10.40
CA GLN B 19 27.94 25.72 -9.48
C GLN B 19 28.76 26.67 -8.61
N ASN B 20 28.13 27.78 -8.25
CA ASN B 20 28.79 28.95 -7.70
C ASN B 20 29.34 29.78 -8.85
N VAL B 23 32.94 24.01 -10.11
CA VAL B 23 32.99 22.66 -10.67
C VAL B 23 32.77 21.57 -9.62
N ILE B 24 31.60 20.93 -9.66
CA ILE B 24 31.30 19.79 -8.76
C ILE B 24 31.24 18.49 -9.55
N ALA B 25 31.87 17.43 -9.02
CA ALA B 25 31.80 16.11 -9.65
C ALA B 25 31.06 15.13 -8.75
N GLU B 26 29.82 14.85 -9.10
CA GLU B 26 28.97 13.94 -8.35
C GLU B 26 29.38 12.52 -8.66
N CYS B 27 29.90 11.83 -7.66
CA CYS B 27 30.42 10.47 -7.84
C CYS B 27 29.91 9.52 -6.79
N SER B 28 28.75 9.88 -6.23
CA SER B 28 28.11 9.16 -5.14
C SER B 28 27.43 7.85 -5.58
N ASN B 29 27.29 6.92 -4.64
CA ASN B 29 26.44 5.72 -4.78
C ASN B 29 26.58 4.96 -6.09
N ARG B 30 27.79 4.57 -6.47
CA ARG B 30 28.00 3.87 -7.74
C ARG B 30 28.70 2.52 -7.66
N ARG B 31 28.94 2.00 -6.45
CA ARG B 31 29.70 0.77 -6.27
C ARG B 31 31.11 0.98 -6.80
N LEU B 32 31.72 2.10 -6.43
CA LEU B 32 33.11 2.34 -6.77
C LEU B 32 34.02 1.62 -5.76
N GLN B 33 34.88 0.75 -6.29
CA GLN B 33 35.86 0.02 -5.51
C GLN B 33 37.06 0.87 -5.14
N GLU B 34 37.23 1.99 -5.83
CA GLU B 34 38.31 2.90 -5.52
C GLU B 34 38.11 4.26 -6.16
N VAL B 35 38.87 5.24 -5.70
CA VAL B 35 38.87 6.57 -6.30
C VAL B 35 39.18 6.42 -7.80
N PRO B 36 38.52 7.21 -8.66
CA PRO B 36 38.90 7.08 -10.07
C PRO B 36 40.12 7.94 -10.36
N GLN B 37 40.79 7.62 -11.47
CA GLN B 37 41.91 8.42 -11.95
C GLN B 37 41.49 9.07 -13.28
N THR B 38 40.18 9.05 -13.49
CA THR B 38 39.52 9.61 -14.64
C THR B 38 38.74 10.85 -14.19
N VAL B 39 39.22 11.50 -13.14
CA VAL B 39 38.58 12.70 -12.63
C VAL B 39 39.08 13.90 -13.41
N GLY B 40 38.15 14.73 -13.87
CA GLY B 40 38.47 15.97 -14.57
C GLY B 40 39.36 16.88 -13.74
N LYS B 41 40.60 17.07 -14.19
CA LYS B 41 41.56 17.98 -13.55
C LYS B 41 40.98 19.36 -13.18
N TYR B 42 39.87 19.73 -13.83
CA TYR B 42 39.11 20.95 -13.50
C TYR B 42 38.23 20.84 -12.24
N VAL B 43 38.15 19.65 -11.64
CA VAL B 43 37.30 19.42 -10.47
C VAL B 43 37.79 20.17 -9.22
N THR B 44 36.85 20.76 -8.49
CA THR B 44 37.12 21.41 -7.18
C THR B 44 36.34 20.80 -6.02
N GLU B 45 35.22 20.15 -6.30
CA GLU B 45 34.48 19.44 -5.28
C GLU B 45 34.18 18.01 -5.73
N LEU B 46 34.68 17.07 -4.95
CA LEU B 46 34.56 15.67 -5.23
C LEU B 46 33.78 14.90 -4.15
N ASP B 47 32.53 14.57 -4.49
CA ASP B 47 31.65 13.73 -3.68
C ASP B 47 31.74 12.25 -4.05
N LEU B 48 32.43 11.48 -3.21
CA LEU B 48 32.57 10.03 -3.42
C LEU B 48 31.84 9.21 -2.34
N SER B 49 30.78 9.77 -1.78
CA SER B 49 30.11 9.12 -0.67
C SER B 49 29.36 7.88 -1.13
N ASP B 50 29.18 6.91 -0.22
CA ASP B 50 28.33 5.74 -0.48
C ASP B 50 28.80 4.88 -1.63
N ASN B 51 30.05 4.48 -1.55
CA ASN B 51 30.61 3.52 -2.49
C ASN B 51 31.26 2.39 -1.69
N PHE B 52 32.13 1.63 -2.34
CA PHE B 52 32.89 0.59 -1.67
C PHE B 52 34.39 0.89 -1.57
N ILE B 53 34.74 2.13 -1.28
CA ILE B 53 36.16 2.47 -1.07
C ILE B 53 36.65 2.07 0.33
N THR B 54 37.73 1.28 0.34
CA THR B 54 38.29 0.62 1.53
C THR B 54 39.72 1.13 1.90
N HIS B 55 40.43 1.64 0.89
CA HIS B 55 41.76 2.25 1.06
C HIS B 55 41.87 3.68 0.49
N ILE B 56 42.46 4.58 1.25
CA ILE B 56 42.82 5.90 0.75
C ILE B 56 44.33 6.06 0.93
N THR B 57 45.01 6.57 -0.09
CA THR B 57 46.48 6.66 -0.08
C THR B 57 46.95 8.04 -0.55
N ASN B 58 48.26 8.28 -0.48
CA ASN B 58 48.86 9.50 -1.06
C ASN B 58 48.86 9.53 -2.61
N GLU B 59 48.47 8.43 -3.24
CA GLU B 59 48.37 8.32 -4.71
C GLU B 59 46.93 8.32 -5.18
N SER B 60 45.98 8.32 -4.24
CA SER B 60 44.55 8.22 -4.55
C SER B 60 44.07 9.46 -5.28
N PHE B 61 44.52 10.62 -4.81
CA PHE B 61 44.17 11.88 -5.43
C PHE B 61 45.37 12.52 -6.15
N GLN B 62 46.10 11.69 -6.91
CA GLN B 62 47.43 12.05 -7.45
C GLN B 62 47.46 13.29 -8.33
N GLY B 63 46.65 13.33 -9.38
CA GLY B 63 46.68 14.46 -10.32
C GLY B 63 45.51 15.39 -10.10
N LEU B 64 45.41 15.99 -8.90
CA LEU B 64 44.20 16.69 -8.44
C LEU B 64 44.41 17.79 -7.38
N GLN B 65 45.20 18.78 -7.75
CA GLN B 65 45.55 19.95 -6.91
C GLN B 65 44.37 20.85 -6.55
N ASN B 66 43.39 20.90 -7.44
CA ASN B 66 42.36 21.95 -7.40
C ASN B 66 41.19 21.67 -6.48
N LEU B 67 41.24 20.56 -5.73
CA LEU B 67 40.15 20.21 -4.82
C LEU B 67 40.12 21.10 -3.58
N THR B 68 38.96 21.73 -3.36
CA THR B 68 38.67 22.44 -2.12
C THR B 68 37.78 21.64 -1.16
N LYS B 69 37.15 20.57 -1.63
CA LYS B 69 36.17 19.83 -0.86
C LYS B 69 36.22 18.40 -1.28
N ILE B 70 36.28 17.50 -0.30
CA ILE B 70 36.04 16.09 -0.59
C ILE B 70 35.04 15.46 0.37
N ASN B 71 34.09 14.74 -0.20
CA ASN B 71 33.16 13.94 0.58
C ASN B 71 33.33 12.44 0.34
N LEU B 72 33.69 11.74 1.42
CA LEU B 72 33.85 10.31 1.43
C LEU B 72 33.01 9.62 2.48
N ASN B 73 31.87 10.19 2.84
CA ASN B 73 31.03 9.51 3.80
C ASN B 73 30.59 8.11 3.35
N HIS B 74 30.33 7.23 4.31
CA HIS B 74 29.62 5.96 4.11
C HIS B 74 30.42 5.10 3.12
N ASN B 75 31.73 5.05 3.34
CA ASN B 75 32.64 4.17 2.61
C ASN B 75 33.41 3.33 3.63
N PRO B 76 33.53 2.02 3.38
CA PRO B 76 32.75 1.34 2.38
C PRO B 76 31.36 1.15 2.94
N ASN B 77 30.35 1.29 2.08
CA ASN B 77 29.06 0.71 2.38
C ASN B 77 29.34 -0.77 2.65
N VAL B 78 28.42 -1.46 3.32
CA VAL B 78 28.63 -2.87 3.67
C VAL B 78 28.30 -3.73 2.47
N GLY B 91 36.20 -1.67 7.23
CA GLY B 91 36.42 -0.25 7.58
C GLY B 91 37.13 0.55 6.49
N LEU B 92 37.19 1.88 6.61
CA LEU B 92 37.98 2.67 5.63
C LEU B 92 39.39 2.91 6.14
N ASN B 93 40.38 2.59 5.32
CA ASN B 93 41.81 2.59 5.70
C ASN B 93 42.58 3.77 5.06
N ILE B 94 43.06 4.70 5.89
CA ILE B 94 43.71 5.94 5.40
C ILE B 94 45.08 6.23 6.02
N THR B 95 46.10 6.35 5.18
CA THR B 95 47.48 6.57 5.63
C THR B 95 47.76 7.99 6.09
N ASP B 96 48.70 8.12 7.03
CA ASP B 96 49.39 9.39 7.31
C ASP B 96 49.56 10.19 6.04
N GLY B 97 49.17 11.45 6.05
CA GLY B 97 49.47 12.33 4.92
C GLY B 97 48.98 11.93 3.55
N ALA B 98 47.95 11.09 3.50
CA ALA B 98 47.34 10.75 2.23
C ALA B 98 46.76 12.05 1.68
N PHE B 99 46.42 12.98 2.58
CA PHE B 99 45.77 14.22 2.20
C PHE B 99 46.63 15.47 2.06
N LEU B 100 47.73 15.59 2.80
CA LEU B 100 48.36 16.90 2.91
C LEU B 100 48.83 17.49 1.59
N ASN B 101 49.14 16.64 0.61
CA ASN B 101 49.48 17.07 -0.78
C ASN B 101 48.40 17.89 -1.53
N LEU B 102 47.24 18.05 -0.88
CA LEU B 102 46.16 18.84 -1.42
C LEU B 102 46.12 20.18 -0.66
N LYS B 103 46.83 21.17 -1.23
CA LYS B 103 47.01 22.51 -0.66
C LYS B 103 45.75 23.37 -0.59
N ASN B 104 44.80 23.11 -1.48
CA ASN B 104 43.54 23.87 -1.55
C ASN B 104 42.35 23.26 -0.79
N LEU B 105 42.50 22.04 -0.26
CA LEU B 105 41.45 21.36 0.53
C LEU B 105 41.13 22.13 1.80
N ARG B 106 39.88 22.59 1.86
CA ARG B 106 39.32 23.28 3.02
C ARG B 106 38.37 22.40 3.81
N GLU B 107 37.69 21.49 3.12
CA GLU B 107 36.54 20.79 3.69
C GLU B 107 36.64 19.30 3.39
N LEU B 108 36.55 18.51 4.43
CA LEU B 108 36.88 17.11 4.35
C LEU B 108 35.88 16.33 5.19
N LEU B 109 35.07 15.52 4.52
CA LEU B 109 33.97 14.83 5.16
C LEU B 109 34.22 13.34 5.19
N LEU B 110 34.39 12.84 6.42
CA LEU B 110 34.69 11.45 6.66
C LEU B 110 33.71 10.85 7.68
N GLU B 111 32.42 11.03 7.43
CA GLU B 111 31.37 10.47 8.29
C GLU B 111 31.14 9.02 7.99
N ASP B 112 30.88 8.23 9.02
CA ASP B 112 30.41 6.83 8.85
C ASP B 112 31.40 5.97 8.08
N ASN B 113 32.65 6.00 8.48
CA ASN B 113 33.66 5.27 7.76
C ASN B 113 34.31 4.22 8.64
N GLN B 114 33.76 4.01 9.84
CA GLN B 114 34.35 3.11 10.82
C GLN B 114 35.84 3.39 10.97
N LEU B 115 36.17 4.58 11.45
CA LEU B 115 37.58 4.92 11.64
C LEU B 115 37.98 4.70 13.10
N PRO B 116 39.12 4.03 13.33
CA PRO B 116 39.63 3.84 14.68
C PRO B 116 40.25 5.10 15.25
N GLN B 117 40.64 6.02 14.36
CA GLN B 117 41.55 7.12 14.68
C GLN B 117 41.28 8.37 13.83
N ILE B 118 41.41 9.53 14.48
CA ILE B 118 41.57 10.78 13.77
C ILE B 118 42.82 10.55 12.96
N PRO B 119 42.72 10.46 11.64
CA PRO B 119 43.95 10.05 10.94
C PRO B 119 45.00 11.18 10.82
N SER B 120 46.17 10.82 10.32
CA SER B 120 47.38 11.65 10.53
C SER B 120 47.74 12.55 9.35
N GLY B 121 48.35 13.68 9.67
CA GLY B 121 48.88 14.57 8.65
C GLY B 121 47.80 15.07 7.71
N LEU B 122 46.71 15.54 8.29
CA LEU B 122 45.70 16.18 7.50
C LEU B 122 46.20 17.59 7.21
N PRO B 123 45.90 18.12 6.01
CA PRO B 123 46.43 19.40 5.55
C PRO B 123 46.05 20.58 6.44
N GLU B 124 46.94 21.54 6.51
CA GLU B 124 46.81 22.70 7.38
C GLU B 124 45.75 23.64 6.83
N SER B 125 45.44 23.48 5.54
CA SER B 125 44.43 24.28 4.88
C SER B 125 43.00 24.08 5.43
N LEU B 126 42.73 22.94 6.08
CA LEU B 126 41.36 22.60 6.46
C LEU B 126 40.67 23.69 7.26
N THR B 127 39.46 24.02 6.83
CA THR B 127 38.60 24.90 7.60
C THR B 127 37.40 24.11 8.16
N GLU B 128 37.18 22.89 7.68
CA GLU B 128 36.03 22.09 8.08
C GLU B 128 36.37 20.64 8.02
N LEU B 129 36.21 19.95 9.14
CA LEU B 129 36.44 18.52 9.11
C LEU B 129 35.30 17.79 9.79
N SER B 130 34.82 16.71 9.18
CA SER B 130 33.76 15.91 9.79
C SER B 130 34.16 14.48 10.01
N LEU B 131 34.12 14.08 11.28
CA LEU B 131 34.36 12.71 11.67
C LEU B 131 33.17 12.13 12.43
N ILE B 132 31.97 12.60 12.12
CA ILE B 132 30.76 12.05 12.71
C ILE B 132 30.60 10.55 12.38
N GLN B 133 30.18 9.76 13.37
CA GLN B 133 29.74 8.38 13.12
C GLN B 133 30.85 7.34 12.91
N ASN B 134 31.95 7.48 13.62
CA ASN B 134 33.09 6.58 13.50
C ASN B 134 33.36 5.90 14.87
N ASN B 135 34.58 5.43 15.12
CA ASN B 135 34.92 4.68 16.32
C ASN B 135 36.12 5.31 16.99
N ILE B 136 36.02 6.61 17.23
CA ILE B 136 37.13 7.40 17.69
C ILE B 136 36.92 7.83 19.12
N TYR B 137 37.79 7.41 20.01
CA TYR B 137 37.67 7.72 21.43
C TYR B 137 38.86 8.54 21.95
N ASN B 138 39.75 8.91 21.04
CA ASN B 138 40.93 9.72 21.31
C ASN B 138 41.06 10.96 20.43
N ILE B 139 40.67 12.11 21.00
CA ILE B 139 40.94 13.42 20.40
C ILE B 139 42.31 13.91 20.90
N THR B 140 43.34 13.74 20.08
CA THR B 140 44.70 14.06 20.49
C THR B 140 45.23 15.36 19.85
N LYS B 141 46.21 15.98 20.50
CA LYS B 141 46.98 17.06 19.88
C LYS B 141 47.53 16.60 18.53
N GLU B 142 47.95 15.35 18.46
CA GLU B 142 48.64 14.87 17.27
C GLU B 142 47.77 15.00 16.05
N GLY B 143 46.48 14.69 16.22
CA GLY B 143 45.51 14.74 15.13
C GLY B 143 44.98 16.14 14.86
N ILE B 144 44.77 16.89 15.91
CA ILE B 144 43.93 18.09 15.88
C ILE B 144 44.65 19.43 16.00
N SER B 145 45.73 19.51 16.78
CA SER B 145 46.24 20.82 17.19
C SER B 145 47.07 21.54 16.15
N ARG B 146 47.66 20.82 15.20
CA ARG B 146 48.25 21.46 14.03
C ARG B 146 47.24 22.16 13.10
N LEU B 147 45.94 21.89 13.20
CA LEU B 147 45.01 22.35 12.16
C LEU B 147 44.41 23.70 12.55
N ILE B 148 45.22 24.75 12.54
CA ILE B 148 44.83 26.00 13.18
C ILE B 148 43.86 26.80 12.33
N ASN B 149 43.72 26.41 11.07
CA ASN B 149 42.70 27.03 10.23
C ASN B 149 41.23 26.51 10.40
N LEU B 150 41.01 25.46 11.20
CA LEU B 150 39.64 24.97 11.45
C LEU B 150 38.61 26.01 11.92
N LYS B 151 37.48 26.02 11.21
CA LYS B 151 36.30 26.76 11.64
C LYS B 151 35.22 25.85 12.22
N ASN B 152 34.92 24.73 11.57
CA ASN B 152 33.97 23.72 12.09
C ASN B 152 34.63 22.37 12.25
N LEU B 153 34.55 21.83 13.48
CA LEU B 153 35.00 20.48 13.80
C LEU B 153 33.80 19.65 14.34
N TYR B 154 33.39 18.64 13.59
CA TYR B 154 32.22 17.81 13.95
C TYR B 154 32.79 16.48 14.39
N LEU B 155 32.59 16.17 15.66
CA LEU B 155 33.11 14.95 16.26
C LEU B 155 32.04 14.09 16.94
N ALA B 156 30.78 14.26 16.55
CA ALA B 156 29.63 13.70 17.28
C ALA B 156 29.37 12.22 16.95
N TRP B 157 28.60 11.53 17.79
CA TRP B 157 28.14 10.18 17.49
C TRP B 157 29.28 9.19 17.23
N ASN B 158 30.28 9.14 18.10
CA ASN B 158 31.27 8.05 18.06
C ASN B 158 31.02 7.00 19.19
N CYS B 159 30.46 7.47 20.31
CA CYS B 159 30.21 6.60 21.48
C CYS B 159 28.88 6.90 22.20
N TYR B 160 27.92 6.01 22.01
CA TYR B 160 26.54 6.30 22.41
C TYR B 160 25.69 5.04 22.45
N PHE B 161 24.57 5.17 23.16
CA PHE B 161 23.52 4.17 23.24
C PHE B 161 24.13 2.87 23.74
N ASN B 162 23.93 1.74 23.03
CA ASN B 162 24.51 0.46 23.44
C ASN B 162 25.56 -0.01 22.43
N LYS B 163 26.33 0.90 21.85
CA LYS B 163 27.44 0.50 20.98
C LYS B 163 28.55 0.02 21.88
N VAL B 164 29.32 -0.98 21.45
CA VAL B 164 30.57 -1.36 22.16
C VAL B 164 31.54 -0.19 22.01
N CYS B 165 32.11 0.25 23.14
CA CYS B 165 32.40 1.65 23.28
C CYS B 165 33.25 2.02 24.46
N GLU B 166 34.38 2.70 24.21
CA GLU B 166 35.17 3.28 25.31
C GLU B 166 34.90 4.77 25.46
N LYS B 167 35.16 5.28 26.67
CA LYS B 167 34.94 6.69 27.01
C LYS B 167 35.79 7.55 26.11
N THR B 168 35.40 8.79 25.92
CA THR B 168 36.15 9.66 25.05
C THR B 168 37.23 10.34 25.87
N ASN B 169 38.48 10.16 25.42
CA ASN B 169 39.64 10.80 26.01
C ASN B 169 40.01 12.02 25.19
N ILE B 170 39.85 13.19 25.79
CA ILE B 170 40.14 14.47 25.16
C ILE B 170 41.48 15.02 25.70
N GLU B 171 42.56 14.80 24.96
CA GLU B 171 43.94 15.23 25.35
C GLU B 171 43.97 16.66 25.85
N ASP B 172 44.69 16.92 26.94
CA ASP B 172 44.61 18.22 27.61
C ASP B 172 45.00 19.38 26.67
N GLY B 173 44.15 20.43 26.64
CA GLY B 173 44.36 21.63 25.82
C GLY B 173 44.36 21.45 24.32
N VAL B 174 43.80 20.32 23.84
CA VAL B 174 43.85 19.95 22.40
C VAL B 174 43.11 20.88 21.45
N PHE B 175 42.15 21.62 21.98
CA PHE B 175 41.42 22.62 21.21
C PHE B 175 41.87 24.05 21.45
N GLU B 176 42.84 24.29 22.33
CA GLU B 176 43.21 25.68 22.62
C GLU B 176 43.97 26.42 21.51
N THR B 177 44.65 25.69 20.62
CA THR B 177 45.39 26.29 19.51
C THR B 177 44.53 26.62 18.27
N LEU B 178 43.29 26.16 18.26
CA LEU B 178 42.42 26.34 17.10
C LEU B 178 41.67 27.65 17.30
N THR B 179 42.42 28.75 17.23
CA THR B 179 41.87 30.04 17.62
C THR B 179 41.02 30.61 16.50
N ASN B 180 40.93 29.88 15.40
CA ASN B 180 39.87 30.08 14.40
C ASN B 180 38.62 29.20 14.58
N LEU B 181 38.54 28.40 15.63
CA LEU B 181 37.39 27.49 15.78
C LEU B 181 36.10 28.21 16.15
N GLU B 182 35.12 28.16 15.25
CA GLU B 182 33.78 28.67 15.55
C GLU B 182 32.76 27.58 15.96
N LEU B 183 32.91 26.36 15.48
CA LEU B 183 31.92 25.32 15.79
C LEU B 183 32.62 24.04 16.19
N LEU B 184 32.23 23.59 17.39
CA LEU B 184 32.68 22.32 17.94
C LEU B 184 31.49 21.48 18.38
N SER B 185 31.34 20.34 17.73
CA SER B 185 30.33 19.42 18.11
C SER B 185 30.93 18.11 18.58
N LEU B 186 30.70 17.81 19.86
CA LEU B 186 31.10 16.55 20.48
C LEU B 186 29.91 15.74 21.06
N SER B 187 28.69 16.08 20.65
CA SER B 187 27.49 15.48 21.19
C SER B 187 27.46 13.95 20.95
N PHE B 188 26.78 13.17 21.79
CA PHE B 188 26.70 11.70 21.54
C PHE B 188 28.07 10.99 21.59
N ASN B 189 28.75 11.29 22.70
CA ASN B 189 30.00 10.67 23.07
C ASN B 189 30.00 10.69 24.57
N SER B 190 30.81 9.83 25.18
CA SER B 190 30.93 9.79 26.65
C SER B 190 32.08 10.65 27.16
N LEU B 191 31.74 11.80 27.71
CA LEU B 191 32.73 12.78 28.15
C LEU B 191 32.84 12.97 29.68
N SER B 192 31.70 13.00 30.38
CA SER B 192 31.63 13.26 31.83
C SER B 192 31.88 14.71 32.29
N HIS B 193 32.60 15.50 31.53
CA HIS B 193 32.69 16.94 31.83
C HIS B 193 33.01 17.72 30.58
N VAL B 194 32.68 19.00 30.62
CA VAL B 194 33.05 19.88 29.54
C VAL B 194 34.56 19.89 29.45
N PRO B 195 35.12 19.68 28.25
CA PRO B 195 36.56 19.79 28.21
C PRO B 195 37.01 21.22 28.51
N PRO B 196 38.13 21.38 29.24
CA PRO B 196 38.60 22.74 29.46
C PRO B 196 39.48 23.23 28.32
N LYS B 197 39.85 24.49 28.38
CA LYS B 197 40.76 25.09 27.39
C LYS B 197 40.18 25.04 25.98
N LEU B 198 39.07 25.76 25.83
CA LEU B 198 38.40 25.89 24.54
C LEU B 198 38.55 27.31 24.03
N PRO B 199 38.84 27.45 22.72
CA PRO B 199 39.14 28.72 22.02
C PRO B 199 38.00 29.74 22.06
N SER B 200 38.32 31.01 22.33
CA SER B 200 37.29 31.97 22.69
C SER B 200 36.60 32.49 21.45
N SER B 201 37.09 32.07 20.29
CA SER B 201 36.40 32.26 19.02
C SER B 201 35.09 31.44 18.86
N LEU B 202 34.91 30.38 19.65
CA LEU B 202 33.68 29.55 19.56
C LEU B 202 32.36 30.35 19.49
N ARG B 203 31.62 30.15 18.40
CA ARG B 203 30.22 30.62 18.30
C ARG B 203 29.21 29.55 18.76
N LYS B 204 29.46 28.28 18.42
CA LYS B 204 28.45 27.23 18.62
C LYS B 204 29.02 25.98 19.28
N LEU B 205 28.44 25.59 20.42
CA LEU B 205 29.00 24.46 21.17
C LEU B 205 27.97 23.38 21.45
N PHE B 206 28.14 22.22 20.80
CA PHE B 206 27.24 21.06 20.94
C PHE B 206 27.77 19.94 21.82
N LEU B 207 27.16 19.77 23.00
CA LEU B 207 27.54 18.75 23.98
C LEU B 207 26.28 17.95 24.46
N SER B 208 25.40 17.60 23.54
CA SER B 208 24.20 16.83 23.88
C SER B 208 24.60 15.38 24.10
N ASN B 209 23.98 14.76 25.09
CA ASN B 209 24.13 13.32 25.31
C ASN B 209 25.62 12.98 25.48
N THR B 210 26.28 13.64 26.41
CA THR B 210 27.72 13.38 26.63
C THR B 210 28.05 12.86 28.04
N GLN B 211 27.00 12.58 28.81
CA GLN B 211 27.10 12.00 30.15
C GLN B 211 27.64 12.98 31.14
N ILE B 212 27.18 14.20 31.02
CA ILE B 212 27.59 15.26 31.88
C ILE B 212 26.46 15.52 32.85
N LYS B 213 26.80 15.56 34.13
CA LYS B 213 25.82 15.73 35.20
C LYS B 213 25.99 17.08 35.89
N TYR B 214 27.15 17.68 35.70
CA TYR B 214 27.50 18.92 36.43
C TYR B 214 28.14 19.91 35.49
N ILE B 215 27.64 21.14 35.53
CA ILE B 215 28.21 22.24 34.73
C ILE B 215 28.71 23.27 35.71
N SER B 216 30.02 23.51 35.61
CA SER B 216 30.74 24.28 36.59
C SER B 216 30.81 25.76 36.22
N GLU B 217 30.95 26.56 37.25
CA GLU B 217 31.35 27.94 37.16
C GLU B 217 32.38 28.20 36.05
N GLU B 218 33.27 27.24 35.82
CA GLU B 218 34.46 27.47 35.03
C GLU B 218 34.38 26.88 33.62
N ASP B 219 33.38 26.04 33.35
CA ASP B 219 33.35 25.31 32.09
C ASP B 219 33.15 26.19 30.85
N PHE B 220 32.56 27.37 31.01
CA PHE B 220 32.30 28.24 29.84
C PHE B 220 32.80 29.69 29.91
N LYS B 221 33.57 30.05 30.92
CA LYS B 221 33.68 31.48 31.26
C LYS B 221 34.52 32.34 30.30
N GLY B 222 35.38 31.71 29.48
CA GLY B 222 36.10 32.43 28.43
C GLY B 222 35.39 32.53 27.08
N LEU B 223 34.16 32.02 27.00
CA LEU B 223 33.46 31.95 25.71
C LEU B 223 32.48 33.09 25.52
N ILE B 224 32.98 34.32 25.59
CA ILE B 224 32.12 35.50 25.44
C ILE B 224 31.46 35.64 24.06
N ASN B 225 31.90 34.85 23.08
CA ASN B 225 31.34 34.84 21.73
C ASN B 225 30.21 33.82 21.39
N LEU B 226 29.85 32.98 22.36
CA LEU B 226 28.86 31.94 22.13
C LEU B 226 27.45 32.49 21.86
N THR B 227 26.93 32.10 20.70
CA THR B 227 25.54 32.37 20.34
C THR B 227 24.62 31.15 20.61
N LEU B 228 25.21 29.94 20.49
CA LEU B 228 24.54 28.64 20.76
C LEU B 228 25.23 27.70 21.78
N LEU B 229 24.50 27.25 22.78
CA LEU B 229 24.98 26.16 23.65
C LEU B 229 23.95 25.00 23.73
N ASP B 230 24.39 23.78 23.40
CA ASP B 230 23.54 22.56 23.52
C ASP B 230 24.03 21.59 24.58
N LEU B 231 23.29 21.53 25.67
CA LEU B 231 23.51 20.62 26.81
C LEU B 231 22.38 19.60 27.01
N SER B 232 21.58 19.40 25.97
CA SER B 232 20.52 18.42 26.01
C SER B 232 21.00 16.98 26.22
N GLY B 233 20.14 16.21 26.90
CA GLY B 233 20.34 14.77 27.14
C GLY B 233 21.41 14.45 28.16
N ASN B 234 21.69 15.40 29.03
CA ASN B 234 22.60 15.22 30.15
C ASN B 234 21.72 15.18 31.38
N CYS B 235 21.76 14.06 32.12
CA CYS B 235 20.71 13.65 33.07
C CYS B 235 19.31 13.51 32.38
N PRO B 236 19.23 12.64 31.37
CA PRO B 236 17.97 12.50 30.65
C PRO B 236 16.76 12.06 31.49
N ARG B 237 15.58 12.46 31.04
CA ARG B 237 14.32 11.92 31.48
C ARG B 237 14.10 10.67 30.62
N CYS B 238 14.18 9.49 31.23
CA CYS B 238 14.28 8.28 30.43
C CYS B 238 12.99 7.53 30.22
N PHE B 239 11.91 7.93 30.88
CA PHE B 239 10.71 7.15 30.84
C PHE B 239 10.17 7.12 29.42
N ASN B 240 9.90 5.92 28.90
CA ASN B 240 9.34 5.73 27.55
C ASN B 240 10.23 6.27 26.45
N ALA B 241 11.55 6.16 26.62
CA ALA B 241 12.48 6.68 25.64
C ALA B 241 12.53 5.73 24.47
N PRO B 242 12.65 6.26 23.26
CA PRO B 242 12.77 5.45 22.04
C PRO B 242 14.19 5.01 21.70
N PHE B 243 15.10 5.10 22.64
CA PHE B 243 16.49 4.74 22.43
C PHE B 243 16.94 4.35 23.84
N PRO B 244 18.07 3.62 23.94
CA PRO B 244 18.64 3.25 25.25
C PRO B 244 19.07 4.52 25.98
N CYS B 245 18.47 4.74 27.13
CA CYS B 245 18.57 6.00 27.83
C CYS B 245 18.97 5.66 29.26
N VAL B 246 20.01 6.31 29.78
CA VAL B 246 20.48 6.09 31.17
C VAL B 246 20.30 7.36 32.02
N PRO B 247 19.45 7.31 33.03
CA PRO B 247 19.26 8.55 33.80
C PRO B 247 20.47 8.86 34.69
N CYS B 248 20.40 9.97 35.41
CA CYS B 248 21.40 10.30 36.40
C CYS B 248 20.85 9.61 37.64
N ASP B 249 21.74 9.20 38.56
CA ASP B 249 21.32 8.53 39.78
C ASP B 249 20.05 9.14 40.34
N GLY B 250 19.03 8.31 40.56
CA GLY B 250 17.77 8.80 41.16
C GLY B 250 16.94 9.63 40.20
N GLY B 251 17.14 9.41 38.91
CA GLY B 251 16.61 10.32 37.90
C GLY B 251 16.82 11.79 38.25
N ALA B 252 18.06 12.14 38.64
CA ALA B 252 18.35 13.49 39.11
C ALA B 252 18.51 14.43 37.91
N SER B 253 18.22 15.70 38.17
CA SER B 253 18.38 16.84 37.28
C SER B 253 19.84 17.11 36.99
N ILE B 254 20.11 17.68 35.82
CA ILE B 254 21.40 18.21 35.53
C ILE B 254 21.66 19.28 36.58
N ASN B 255 22.92 19.42 36.97
CA ASN B 255 23.32 20.41 38.00
C ASN B 255 24.15 21.52 37.39
N ILE B 256 23.66 22.73 37.47
CA ILE B 256 24.30 23.83 36.72
C ILE B 256 24.54 24.96 37.70
N ASP B 257 25.81 25.27 37.92
CA ASP B 257 26.14 26.35 38.86
C ASP B 257 25.32 27.60 38.52
N ARG B 258 24.75 28.19 39.56
CA ARG B 258 24.11 29.51 39.54
C ARG B 258 24.77 30.49 38.57
N PHE B 259 26.12 30.54 38.56
CA PHE B 259 26.88 31.51 37.78
C PHE B 259 27.50 30.89 36.56
N ALA B 260 26.97 29.75 36.10
CA ALA B 260 27.58 29.04 34.99
C ALA B 260 27.53 29.79 33.65
N PHE B 261 26.45 30.54 33.42
CA PHE B 261 26.27 31.22 32.12
C PHE B 261 26.65 32.70 32.16
N GLN B 262 27.36 33.07 33.22
CA GLN B 262 27.65 34.44 33.64
C GLN B 262 28.12 35.33 32.48
N ASN B 263 29.11 34.85 31.70
CA ASN B 263 29.73 35.60 30.60
C ASN B 263 29.23 35.17 29.20
N LEU B 264 28.08 34.48 29.14
CA LEU B 264 27.43 34.11 27.87
C LEU B 264 26.45 35.20 27.35
N THR B 265 26.97 36.41 27.19
CA THR B 265 26.15 37.59 26.92
C THR B 265 25.52 37.51 25.53
N GLN B 266 26.18 36.78 24.64
CA GLN B 266 25.81 36.65 23.25
C GLN B 266 24.92 35.44 22.90
N LEU B 267 24.47 34.71 23.93
CA LEU B 267 23.66 33.52 23.66
C LEU B 267 22.30 33.89 23.02
N ARG B 268 22.06 33.31 21.86
CA ARG B 268 20.77 33.36 21.17
C ARG B 268 19.97 32.06 21.35
N TYR B 269 20.69 30.94 21.28
CA TYR B 269 20.13 29.59 21.33
C TYR B 269 20.64 28.77 22.53
N LEU B 270 19.73 28.42 23.45
CA LEU B 270 20.03 27.44 24.54
C LEU B 270 19.20 26.15 24.48
N ASN B 271 19.86 25.00 24.29
CA ASN B 271 19.18 23.70 24.29
C ASN B 271 19.40 22.92 25.62
N LEU B 272 18.34 22.83 26.42
CA LEU B 272 18.34 22.09 27.71
C LEU B 272 17.34 20.90 27.77
N SER B 273 17.01 20.34 26.60
CA SER B 273 16.02 19.30 26.52
C SER B 273 16.55 18.08 27.22
N SER B 274 15.62 17.31 27.78
CA SER B 274 15.95 16.10 28.44
C SER B 274 17.19 16.23 29.32
N THR B 275 17.05 17.08 30.32
CA THR B 275 18.06 17.26 31.37
C THR B 275 17.36 17.20 32.74
N SER B 276 16.22 16.51 32.80
CA SER B 276 15.42 16.31 34.01
C SER B 276 15.16 17.51 34.93
N LEU B 277 15.14 18.70 34.36
CA LEU B 277 14.88 19.89 35.14
C LEU B 277 13.49 19.91 35.80
N ARG B 278 13.44 20.26 37.08
CA ARG B 278 12.20 20.65 37.80
C ARG B 278 12.16 22.14 38.13
N LYS B 279 13.36 22.73 38.14
CA LYS B 279 13.52 24.11 38.57
C LYS B 279 14.35 24.74 37.50
N ILE B 280 13.93 25.93 37.10
CA ILE B 280 14.72 26.75 36.21
C ILE B 280 15.14 27.96 37.06
N ASN B 281 16.44 28.07 37.28
CA ASN B 281 16.96 29.24 37.96
C ASN B 281 16.86 30.46 37.07
N ALA B 282 15.94 31.35 37.43
CA ALA B 282 15.83 32.62 36.76
C ALA B 282 17.21 33.32 36.68
N ALA B 283 18.14 32.93 37.55
CA ALA B 283 19.48 33.54 37.60
C ALA B 283 20.34 33.23 36.39
N TRP B 284 20.07 32.10 35.74
CA TRP B 284 20.85 31.70 34.57
C TRP B 284 20.78 32.68 33.41
N PHE B 285 19.71 33.47 33.38
CA PHE B 285 19.46 34.42 32.30
C PHE B 285 19.81 35.87 32.63
N LYS B 286 20.40 36.13 33.80
CA LYS B 286 20.60 37.52 34.28
C LYS B 286 21.31 38.37 33.22
N ASN B 287 22.39 37.81 32.66
CA ASN B 287 23.21 38.42 31.62
C ASN B 287 23.08 37.75 30.24
N MET B 288 21.86 37.37 29.87
CA MET B 288 21.55 36.72 28.58
C MET B 288 20.45 37.54 27.88
N PRO B 289 20.71 38.82 27.60
CA PRO B 289 19.60 39.66 27.17
C PRO B 289 19.18 39.40 25.70
N HIS B 290 19.99 38.67 24.95
CA HIS B 290 19.67 38.37 23.55
C HIS B 290 18.97 37.02 23.33
N LEU B 291 18.63 36.29 24.39
CA LEU B 291 18.16 34.91 24.20
C LEU B 291 16.86 34.90 23.42
N LYS B 292 16.92 34.15 22.34
CA LYS B 292 15.89 34.11 21.32
C LYS B 292 15.09 32.77 21.25
N VAL B 293 15.81 31.63 21.30
CA VAL B 293 15.28 30.26 21.33
C VAL B 293 15.71 29.41 22.57
N LEU B 294 14.72 28.92 23.31
CA LEU B 294 14.94 28.12 24.52
C LEU B 294 14.22 26.77 24.40
N ASP B 295 14.98 25.72 24.14
CA ASP B 295 14.42 24.39 24.02
C ASP B 295 14.51 23.69 25.40
N LEU B 296 13.36 23.54 26.05
CA LEU B 296 13.25 22.80 27.32
C LEU B 296 12.39 21.52 27.26
N GLU B 297 12.37 20.88 26.11
CA GLU B 297 11.55 19.68 25.93
C GLU B 297 11.94 18.57 26.91
N PHE B 298 10.98 17.72 27.29
CA PHE B 298 11.30 16.47 27.98
C PHE B 298 11.99 16.71 29.34
N ASN B 299 11.48 17.67 30.12
CA ASN B 299 11.84 17.83 31.54
C ASN B 299 10.62 17.60 32.48
N TYR B 300 10.64 18.14 33.70
CA TYR B 300 9.56 17.92 34.65
C TYR B 300 9.00 19.27 35.10
N LEU B 301 8.69 20.10 34.10
CA LEU B 301 8.50 21.52 34.37
C LEU B 301 7.07 21.96 34.56
N VAL B 302 6.16 21.00 34.74
CA VAL B 302 4.76 21.40 34.96
C VAL B 302 4.61 22.42 36.10
N GLY B 303 5.45 22.28 37.15
CA GLY B 303 5.42 23.20 38.28
C GLY B 303 5.94 24.56 37.88
N GLU B 304 7.10 24.59 37.22
CA GLU B 304 7.63 25.84 36.67
C GLU B 304 6.69 26.54 35.67
N ILE B 305 6.02 25.77 34.81
CA ILE B 305 5.12 26.36 33.83
C ILE B 305 4.01 27.05 34.57
N ALA B 306 3.64 26.50 35.73
CA ALA B 306 2.55 27.02 36.57
C ALA B 306 2.95 28.25 37.37
N SER B 307 4.24 28.36 37.69
CA SER B 307 4.80 29.51 38.34
C SER B 307 6.27 29.61 37.96
N GLY B 308 6.58 30.35 36.89
CA GLY B 308 7.96 30.44 36.45
C GLY B 308 8.42 31.85 36.66
N ALA B 309 9.37 32.05 37.57
CA ALA B 309 10.05 33.32 37.72
C ALA B 309 11.00 33.55 36.54
N PHE B 310 11.57 32.46 36.01
CA PHE B 310 12.47 32.59 34.85
C PHE B 310 11.80 33.21 33.61
N LEU B 311 10.46 33.22 33.58
CA LEU B 311 9.73 33.85 32.47
C LEU B 311 9.91 35.35 32.41
N THR B 312 10.13 36.00 33.56
CA THR B 312 10.31 37.44 33.62
C THR B 312 11.68 37.83 33.13
N MET B 313 12.55 36.86 32.85
CA MET B 313 13.90 37.18 32.44
C MET B 313 14.10 37.15 30.95
N LEU B 314 13.05 37.01 30.15
CA LEU B 314 13.26 36.69 28.74
C LEU B 314 12.42 37.51 27.73
N PRO B 315 12.49 38.85 27.80
CA PRO B 315 11.70 39.70 26.90
C PRO B 315 12.09 39.69 25.43
N ARG B 316 13.22 39.11 25.04
CA ARG B 316 13.41 38.95 23.61
C ARG B 316 13.23 37.53 23.11
N LEU B 317 12.68 36.63 23.93
CA LEU B 317 12.54 35.23 23.52
C LEU B 317 11.51 35.19 22.41
N GLU B 318 11.86 34.46 21.35
CA GLU B 318 11.00 34.29 20.19
C GLU B 318 10.36 32.90 20.08
N ILE B 319 11.12 31.86 20.42
CA ILE B 319 10.63 30.50 20.38
C ILE B 319 10.84 29.87 21.77
N LEU B 320 9.75 29.40 22.36
CA LEU B 320 9.78 28.64 23.62
C LEU B 320 9.17 27.26 23.46
N ASP B 321 10.01 26.23 23.59
CA ASP B 321 9.58 24.85 23.42
C ASP B 321 9.54 24.11 24.77
N LEU B 322 8.33 23.89 25.26
CA LEU B 322 8.10 23.26 26.53
C LEU B 322 7.46 21.89 26.37
N SER B 323 7.69 21.23 25.24
CA SER B 323 6.97 20.00 24.93
C SER B 323 7.35 18.79 25.81
N PHE B 324 6.44 17.82 25.93
CA PHE B 324 6.74 16.57 26.63
C PHE B 324 7.32 16.72 28.04
N ASN B 325 6.60 17.52 28.82
CA ASN B 325 6.89 17.76 30.20
C ASN B 325 5.78 17.19 31.10
N TYR B 326 4.97 16.31 30.52
CA TYR B 326 3.86 15.69 31.24
C TYR B 326 4.31 14.98 32.51
N ILE B 327 3.46 15.04 33.52
CA ILE B 327 3.63 14.15 34.67
C ILE B 327 3.06 12.77 34.35
N LYS B 328 3.93 11.77 34.40
CA LYS B 328 3.56 10.41 34.12
C LYS B 328 2.36 9.98 34.93
N GLY B 329 1.44 9.29 34.27
CA GLY B 329 0.18 8.89 34.87
C GLY B 329 -0.79 10.00 35.23
N SER B 330 -0.55 11.27 34.87
CA SER B 330 -1.58 12.25 35.19
C SER B 330 -2.35 12.80 33.98
N TYR B 331 -3.65 12.92 34.15
CA TYR B 331 -4.51 13.45 33.12
C TYR B 331 -5.28 14.59 33.71
N PRO B 332 -4.58 15.69 33.99
CA PRO B 332 -5.23 16.83 34.63
C PRO B 332 -6.33 17.44 33.79
N GLN B 333 -7.28 18.07 34.45
CA GLN B 333 -8.41 18.64 33.76
C GLN B 333 -8.01 19.78 32.83
N HIS B 334 -7.12 20.64 33.32
CA HIS B 334 -6.68 21.86 32.65
C HIS B 334 -5.17 22.03 32.71
N ILE B 335 -4.66 22.81 31.79
CA ILE B 335 -3.26 23.17 31.75
C ILE B 335 -3.10 24.47 32.56
N ASN B 336 -2.02 24.56 33.33
CA ASN B 336 -1.84 25.73 34.22
C ASN B 336 -0.72 26.71 33.76
N ILE B 337 -1.16 27.78 33.09
CA ILE B 337 -0.24 28.77 32.53
C ILE B 337 -0.02 29.87 33.56
N SER B 338 1.21 30.00 34.01
CA SER B 338 1.59 31.09 34.87
C SER B 338 1.32 32.40 34.17
N ARG B 339 0.78 33.34 34.94
CA ARG B 339 0.54 34.71 34.46
C ARG B 339 1.83 35.41 34.02
N ASN B 340 3.00 34.91 34.47
CA ASN B 340 4.32 35.36 33.99
C ASN B 340 4.58 35.18 32.51
N PHE B 341 3.80 34.32 31.84
CA PHE B 341 3.92 34.17 30.39
C PHE B 341 3.71 35.48 29.66
N SER B 342 2.96 36.40 30.29
CA SER B 342 2.65 37.68 29.68
C SER B 342 3.83 38.63 29.62
N LYS B 343 4.96 38.29 30.26
CA LYS B 343 6.20 39.07 30.12
C LYS B 343 7.08 38.67 28.91
N LEU B 344 6.65 37.67 28.14
CA LEU B 344 7.41 37.26 26.97
C LEU B 344 6.91 38.08 25.76
N LEU B 345 7.36 39.33 25.67
CA LEU B 345 6.68 40.24 24.76
C LEU B 345 7.17 40.00 23.32
N SER B 346 8.28 39.27 23.18
CA SER B 346 8.77 38.91 21.85
C SER B 346 8.46 37.49 21.35
N LEU B 347 7.63 36.74 22.06
CA LEU B 347 7.40 35.33 21.72
C LEU B 347 6.64 35.21 20.39
N ARG B 348 7.27 34.54 19.43
CA ARG B 348 6.62 34.18 18.15
C ARG B 348 5.90 32.81 18.14
N ALA B 349 6.48 31.82 18.83
CA ALA B 349 5.96 30.45 18.85
C ALA B 349 6.14 29.80 20.24
N LEU B 350 5.12 29.03 20.62
CA LEU B 350 5.02 28.35 21.90
C LEU B 350 4.58 26.94 21.64
N HIS B 351 5.48 26.00 21.90
CA HIS B 351 5.22 24.61 21.71
C HIS B 351 5.00 23.90 23.05
N LEU B 352 3.77 23.44 23.26
CA LEU B 352 3.31 22.70 24.42
C LEU B 352 2.63 21.39 24.02
N ARG B 353 3.24 20.62 23.15
CA ARG B 353 2.83 19.27 22.92
C ARG B 353 3.08 18.46 24.18
N GLY B 354 2.34 17.35 24.38
CA GLY B 354 2.76 16.36 25.37
C GLY B 354 2.83 16.86 26.80
N TYR B 355 1.94 17.77 27.16
CA TYR B 355 1.76 18.23 28.54
C TYR B 355 0.73 17.32 29.16
N VAL B 356 -0.35 17.06 28.40
CA VAL B 356 -1.41 16.08 28.70
C VAL B 356 -2.47 16.62 29.67
N PHE B 357 -3.65 16.88 29.12
CA PHE B 357 -4.70 17.51 29.83
C PHE B 357 -5.99 17.45 29.00
N GLN B 358 -7.13 17.55 29.68
CA GLN B 358 -8.44 17.15 29.11
C GLN B 358 -9.27 18.28 28.48
N GLU B 359 -9.13 19.52 28.96
CA GLU B 359 -9.97 20.59 28.45
C GLU B 359 -9.20 21.88 28.48
N LEU B 360 -9.24 22.60 27.36
CA LEU B 360 -8.68 23.97 27.25
C LEU B 360 -9.78 24.99 27.38
N ARG B 361 -9.69 25.80 28.43
CA ARG B 361 -10.71 26.79 28.69
C ARG B 361 -10.20 28.19 28.39
N GLU B 362 -11.16 29.07 28.10
CA GLU B 362 -10.89 30.44 27.73
C GLU B 362 -9.93 31.09 28.70
N ASP B 363 -10.10 30.78 29.99
CA ASP B 363 -9.32 31.43 31.05
C ASP B 363 -7.88 30.92 31.16
N ASP B 364 -7.68 29.63 30.85
CA ASP B 364 -6.36 29.00 30.91
C ASP B 364 -5.25 29.78 30.15
N PHE B 365 -5.62 30.38 29.03
CA PHE B 365 -4.66 31.07 28.16
C PHE B 365 -4.67 32.61 28.26
N GLN B 366 -5.35 33.16 29.25
CA GLN B 366 -5.35 34.63 29.45
C GLN B 366 -3.97 35.24 29.34
N PRO B 367 -2.97 34.71 30.06
CA PRO B 367 -1.62 35.27 29.94
C PRO B 367 -1.05 35.46 28.51
N LEU B 368 -1.43 34.57 27.59
CA LEU B 368 -0.88 34.57 26.25
C LEU B 368 -1.47 35.64 25.32
N MET B 369 -2.60 36.21 25.71
CA MET B 369 -3.51 36.85 24.77
C MET B 369 -3.18 38.27 24.36
N GLN B 370 -2.38 38.93 25.17
CA GLN B 370 -1.90 40.25 24.85
C GLN B 370 -0.47 40.23 24.33
N LEU B 371 0.08 39.04 24.09
CA LEU B 371 1.37 38.97 23.39
C LEU B 371 1.20 39.37 21.92
N PRO B 372 1.91 40.44 21.49
CA PRO B 372 1.69 41.04 20.17
C PRO B 372 2.05 40.15 18.99
N ASN B 373 3.20 39.47 19.04
CA ASN B 373 3.64 38.61 17.95
C ASN B 373 3.49 37.06 18.11
N LEU B 374 2.71 36.56 19.08
CA LEU B 374 2.52 35.09 19.20
C LEU B 374 1.71 34.57 18.00
N SER B 375 2.40 33.98 17.02
CA SER B 375 1.72 33.53 15.81
C SER B 375 1.41 32.03 15.72
N THR B 376 2.20 31.19 16.40
CA THR B 376 2.07 29.73 16.36
C THR B 376 1.84 29.14 17.73
N ILE B 377 0.64 28.60 17.98
CA ILE B 377 0.39 27.85 19.21
C ILE B 377 0.26 26.38 18.87
N ASN B 378 1.10 25.55 19.48
CA ASN B 378 1.15 24.14 19.17
C ASN B 378 0.78 23.26 20.35
N LEU B 379 -0.33 22.53 20.23
CA LEU B 379 -0.89 21.71 21.31
C LEU B 379 -1.12 20.27 20.85
N GLY B 380 -0.36 19.86 19.86
CA GLY B 380 -0.38 18.45 19.46
C GLY B 380 -0.18 17.49 20.61
N ILE B 381 -0.91 16.39 20.58
CA ILE B 381 -0.66 15.24 21.46
C ILE B 381 -0.80 15.57 22.94
N ASN B 382 -1.93 16.13 23.32
CA ASN B 382 -2.23 16.38 24.70
C ASN B 382 -3.45 15.55 25.13
N PHE B 383 -3.98 14.70 24.26
CA PHE B 383 -5.27 14.03 24.51
C PHE B 383 -6.38 14.94 24.98
N ILE B 384 -6.43 16.15 24.43
CA ILE B 384 -7.47 17.12 24.79
C ILE B 384 -8.84 16.66 24.24
N LYS B 385 -9.88 16.82 25.04
CA LYS B 385 -11.23 16.38 24.70
C LYS B 385 -12.15 17.53 24.38
N GLN B 386 -12.00 18.64 25.06
CA GLN B 386 -12.90 19.79 24.84
C GLN B 386 -12.12 21.07 24.70
N ILE B 387 -12.53 21.91 23.74
CA ILE B 387 -11.92 23.23 23.55
C ILE B 387 -12.91 24.36 23.51
N ASP B 388 -12.51 25.48 24.06
CA ASP B 388 -13.32 26.65 24.05
C ASP B 388 -12.82 27.48 22.89
N PHE B 389 -13.29 27.19 21.68
CA PHE B 389 -12.68 27.79 20.49
C PHE B 389 -12.72 29.33 20.43
N LYS B 390 -13.70 29.96 21.06
CA LYS B 390 -13.78 31.42 20.98
C LYS B 390 -12.58 32.07 21.62
N LEU B 391 -11.92 31.36 22.54
CA LEU B 391 -10.68 31.88 23.13
C LEU B 391 -9.67 32.33 22.07
N PHE B 392 -9.63 31.66 20.92
CA PHE B 392 -8.61 31.99 19.89
C PHE B 392 -8.77 33.36 19.23
N GLN B 393 -10.00 33.85 19.16
CA GLN B 393 -10.26 35.21 18.66
C GLN B 393 -9.52 36.31 19.44
N ASN B 394 -9.23 36.05 20.72
CA ASN B 394 -8.73 37.08 21.66
C ASN B 394 -7.24 37.35 21.55
N PHE B 395 -6.56 36.68 20.62
CA PHE B 395 -5.13 36.89 20.40
C PHE B 395 -4.88 37.96 19.36
N SER B 396 -3.67 38.46 19.38
CA SER B 396 -3.31 39.60 18.59
C SER B 396 -3.21 39.16 17.13
N ASN B 397 -2.24 38.33 16.80
CA ASN B 397 -2.20 37.75 15.46
C ASN B 397 -1.74 36.30 15.37
N LEU B 398 -2.55 35.37 15.86
CA LEU B 398 -2.28 33.93 15.61
C LEU B 398 -2.42 33.60 14.12
N GLU B 399 -1.37 33.05 13.51
CA GLU B 399 -1.45 32.51 12.16
C GLU B 399 -1.63 30.99 12.11
N ILE B 400 -1.12 30.24 13.11
CA ILE B 400 -1.10 28.77 13.13
C ILE B 400 -1.63 28.25 14.45
N ILE B 401 -2.68 27.43 14.36
CA ILE B 401 -3.33 26.83 15.52
C ILE B 401 -3.24 25.31 15.34
N TYR B 402 -2.21 24.71 15.94
CA TYR B 402 -1.90 23.32 15.67
C TYR B 402 -2.46 22.50 16.83
N LEU B 403 -3.54 21.79 16.53
CA LEU B 403 -4.27 20.97 17.45
C LEU B 403 -4.35 19.50 16.98
N SER B 404 -3.45 19.11 16.08
CA SER B 404 -3.36 17.72 15.60
C SER B 404 -3.08 16.68 16.72
N GLU B 405 -3.69 15.50 16.61
CA GLU B 405 -3.48 14.37 17.51
C GLU B 405 -3.95 14.58 18.93
N ASN B 406 -5.27 14.57 19.12
CA ASN B 406 -5.89 14.81 20.43
C ASN B 406 -7.16 13.98 20.50
N ARG B 407 -8.19 14.44 21.20
CA ARG B 407 -9.47 13.72 21.31
C ARG B 407 -10.66 14.63 21.06
N ILE B 408 -10.49 15.67 20.26
CA ILE B 408 -11.60 16.55 19.99
C ILE B 408 -12.69 15.82 19.20
N SER B 409 -13.92 16.03 19.63
CA SER B 409 -15.11 15.37 19.10
C SER B 409 -16.14 16.47 18.92
N PRO B 410 -17.30 16.14 18.26
CA PRO B 410 -18.29 17.12 17.78
C PRO B 410 -18.58 18.37 18.63
N GLU B 438 19.71 5.30 12.40
CA GLU B 438 18.39 5.78 12.04
C GLU B 438 18.31 7.28 12.23
N PHE B 439 18.74 7.71 13.41
CA PHE B 439 18.73 9.10 13.89
C PHE B 439 19.78 9.91 13.08
N ASP B 440 19.35 10.51 11.97
CA ASP B 440 20.20 11.40 11.17
C ASP B 440 21.04 12.36 12.06
N PRO B 441 22.38 12.27 11.96
CA PRO B 441 23.18 13.12 12.87
C PRO B 441 23.12 14.61 12.54
N HIS B 442 22.59 14.98 11.37
CA HIS B 442 22.44 16.40 11.09
C HIS B 442 21.07 16.96 11.36
N SER B 443 20.23 16.20 12.05
CA SER B 443 18.90 16.64 12.36
C SER B 443 18.77 16.90 13.83
N ASN B 444 17.76 17.64 14.19
CA ASN B 444 17.36 17.78 15.59
C ASN B 444 16.87 16.44 16.17
N PHE B 445 17.40 16.08 17.34
CA PHE B 445 17.24 14.76 17.86
C PHE B 445 15.92 14.74 18.58
N TYR B 446 15.52 15.87 19.16
CA TYR B 446 14.33 15.81 20.00
C TYR B 446 12.99 15.91 19.28
N HIS B 447 13.00 16.38 18.03
CA HIS B 447 11.76 16.45 17.25
C HIS B 447 12.09 16.65 15.77
N PHE B 448 11.08 16.45 14.93
CA PHE B 448 11.20 16.74 13.49
C PHE B 448 11.15 18.25 13.28
N THR B 449 11.86 18.73 12.28
CA THR B 449 11.95 20.18 12.01
C THR B 449 11.00 20.63 10.90
N ARG B 450 10.55 19.68 10.09
CA ARG B 450 9.55 19.92 9.06
C ARG B 450 8.42 20.84 9.57
N PRO B 451 7.82 21.68 8.70
CA PRO B 451 6.76 22.59 9.12
C PRO B 451 5.54 21.88 9.70
N LEU B 452 4.76 22.58 10.51
CA LEU B 452 3.60 22.03 11.17
C LEU B 452 2.41 21.96 10.24
N ILE B 453 2.32 22.96 9.37
CA ILE B 453 1.29 23.04 8.33
C ILE B 453 1.96 23.05 6.96
N LYS B 454 1.54 22.17 6.04
CA LYS B 454 1.95 22.27 4.62
C LYS B 454 2.02 23.76 4.22
N PRO B 455 3.17 24.22 3.75
CA PRO B 455 3.34 25.60 3.29
C PRO B 455 2.32 26.08 2.28
N GLN B 456 1.92 25.20 1.37
CA GLN B 456 0.92 25.57 0.34
C GLN B 456 -0.43 25.91 0.93
N CYS B 457 -0.74 25.31 2.06
CA CYS B 457 -1.95 25.56 2.77
C CYS B 457 -1.75 26.82 3.60
N ALA B 458 -0.66 26.84 4.35
CA ALA B 458 -0.45 27.94 5.31
C ALA B 458 -0.22 29.26 4.56
N ALA B 459 0.24 29.21 3.31
CA ALA B 459 0.32 30.44 2.49
C ALA B 459 -1.00 31.21 2.30
N TYR B 460 -2.14 30.52 2.35
CA TYR B 460 -3.39 31.24 2.20
C TYR B 460 -3.81 32.12 3.38
N GLY B 461 -3.17 31.95 4.54
CA GLY B 461 -3.58 32.67 5.74
C GLY B 461 -3.67 31.79 6.98
N LYS B 462 -4.58 32.19 7.87
CA LYS B 462 -4.72 31.61 9.18
C LYS B 462 -5.04 30.14 9.06
N ALA B 463 -4.24 29.30 9.70
CA ALA B 463 -4.41 27.85 9.61
C ALA B 463 -4.82 27.20 10.93
N LEU B 464 -5.83 26.33 10.84
CA LEU B 464 -6.33 25.52 11.93
C LEU B 464 -6.22 24.03 11.57
N ASP B 465 -5.37 23.29 12.26
CA ASP B 465 -5.12 21.88 11.98
C ASP B 465 -5.79 21.10 13.12
N LEU B 466 -6.76 20.27 12.74
CA LEU B 466 -7.51 19.42 13.62
C LEU B 466 -7.45 18.02 13.06
N SER B 467 -6.38 17.70 12.35
CA SER B 467 -6.15 16.33 11.92
C SER B 467 -5.99 15.41 13.12
N LEU B 468 -6.41 14.16 12.93
CA LEU B 468 -6.18 13.05 13.86
C LEU B 468 -6.87 13.34 15.16
N ASN B 469 -8.14 13.68 15.04
CA ASN B 469 -9.02 13.82 16.17
C ASN B 469 -10.15 12.81 16.03
N SER B 470 -11.27 13.05 16.71
CA SER B 470 -12.49 12.28 16.55
C SER B 470 -13.68 13.16 16.19
N ILE B 471 -13.45 14.15 15.35
CA ILE B 471 -14.53 15.03 14.92
C ILE B 471 -15.22 14.25 13.82
N PHE B 472 -15.90 13.19 14.23
CA PHE B 472 -16.55 12.23 13.34
C PHE B 472 -17.82 12.85 12.74
N PHE B 473 -18.29 13.95 13.33
CA PHE B 473 -19.43 14.65 12.76
C PHE B 473 -19.34 16.16 13.02
N ILE B 474 -19.42 16.94 11.95
CA ILE B 474 -19.45 18.38 12.08
C ILE B 474 -20.88 18.82 12.21
N GLY B 475 -21.21 19.34 13.37
CA GLY B 475 -22.56 19.76 13.66
C GLY B 475 -22.73 21.24 13.53
N PRO B 476 -23.94 21.71 13.84
CA PRO B 476 -24.36 23.05 13.46
C PRO B 476 -23.48 24.20 13.99
N ASN B 477 -22.82 24.00 15.13
CA ASN B 477 -22.00 25.05 15.76
C ASN B 477 -20.54 24.70 15.90
N GLN B 478 -20.07 23.65 15.22
CA GLN B 478 -18.71 23.15 15.44
C GLN B 478 -17.63 24.24 15.35
N PHE B 479 -17.88 25.25 14.52
CA PHE B 479 -16.88 26.22 14.10
C PHE B 479 -17.24 27.66 14.39
N GLU B 480 -18.19 27.87 15.31
CA GLU B 480 -18.59 29.22 15.71
C GLU B 480 -17.47 29.90 16.50
N ASN B 481 -17.40 31.22 16.35
CA ASN B 481 -16.46 32.06 17.09
C ASN B 481 -14.99 31.84 16.78
N LEU B 482 -14.71 31.35 15.57
CA LEU B 482 -13.35 31.13 15.15
C LEU B 482 -12.86 32.35 14.37
N PRO B 483 -11.54 32.54 14.28
CA PRO B 483 -11.09 33.60 13.39
C PRO B 483 -11.37 33.25 11.92
N ASP B 484 -10.95 34.12 11.00
CA ASP B 484 -11.28 33.90 9.60
C ASP B 484 -10.24 32.91 9.09
N ILE B 485 -10.64 31.65 9.04
CA ILE B 485 -9.74 30.58 8.72
C ILE B 485 -9.66 30.40 7.20
N ALA B 486 -8.44 30.29 6.72
CA ALA B 486 -8.16 30.09 5.31
C ALA B 486 -7.70 28.68 5.01
N CYS B 487 -7.21 27.95 6.01
CA CYS B 487 -6.55 26.66 5.73
C CYS B 487 -6.99 25.78 6.84
N LEU B 488 -7.73 24.74 6.50
CA LEU B 488 -8.39 23.94 7.48
C LEU B 488 -8.04 22.50 7.18
N ASN B 489 -7.43 21.85 8.17
CA ASN B 489 -7.07 20.44 8.03
C ASN B 489 -7.93 19.57 8.94
N LEU B 490 -8.78 18.75 8.32
CA LEU B 490 -9.62 17.77 9.04
C LEU B 490 -9.34 16.30 8.67
N SER B 491 -8.15 16.06 8.22
CA SER B 491 -7.71 14.72 7.85
C SER B 491 -7.82 13.78 9.03
N ALA B 492 -8.07 12.50 8.74
CA ALA B 492 -8.17 11.41 9.74
C ALA B 492 -8.95 11.73 10.99
N ASN B 493 -10.23 12.07 10.78
CA ASN B 493 -11.20 12.27 11.85
C ASN B 493 -12.38 11.27 11.89
N SER B 494 -12.23 10.13 11.24
CA SER B 494 -13.29 9.12 11.17
C SER B 494 -14.65 9.72 10.76
N ASN B 495 -14.67 10.72 9.90
CA ASN B 495 -15.89 11.46 9.66
C ASN B 495 -16.66 10.79 8.53
N ALA B 496 -17.91 10.44 8.77
CA ALA B 496 -18.67 9.62 7.83
C ALA B 496 -19.95 10.35 7.39
N GLN B 497 -19.98 11.66 7.57
CA GLN B 497 -21.25 12.33 7.49
C GLN B 497 -21.52 12.66 6.03
N VAL B 498 -22.77 13.00 5.74
CA VAL B 498 -23.17 13.46 4.42
C VAL B 498 -22.97 14.95 4.43
N LEU B 499 -21.91 15.45 3.80
CA LEU B 499 -21.72 16.92 3.74
C LEU B 499 -22.81 17.60 2.91
N SER B 500 -23.49 18.60 3.44
CA SER B 500 -24.71 19.05 2.80
C SER B 500 -24.69 20.50 2.38
N GLY B 501 -23.57 21.19 2.54
CA GLY B 501 -23.47 22.58 2.14
C GLY B 501 -23.63 23.63 3.23
N THR B 502 -23.89 23.21 4.47
CA THR B 502 -24.01 24.16 5.60
C THR B 502 -22.95 24.00 6.71
N GLU B 503 -22.10 22.99 6.60
CA GLU B 503 -21.21 22.65 7.70
C GLU B 503 -20.02 23.60 7.88
N PHE B 504 -19.65 24.37 6.85
CA PHE B 504 -18.56 25.34 6.94
C PHE B 504 -19.02 26.78 6.96
N SER B 505 -20.32 26.97 7.18
CA SER B 505 -20.96 28.26 7.05
C SER B 505 -20.37 29.36 7.97
N ALA B 506 -19.78 28.94 9.10
CA ALA B 506 -19.15 29.88 10.05
C ALA B 506 -17.69 30.24 9.72
N ILE B 507 -17.14 29.58 8.71
CA ILE B 507 -15.80 29.89 8.20
C ILE B 507 -15.85 29.79 6.68
N PRO B 508 -16.65 30.68 6.07
CA PRO B 508 -16.96 30.55 4.67
C PRO B 508 -15.82 30.88 3.72
N HIS B 509 -14.70 31.42 4.22
CA HIS B 509 -13.56 31.86 3.38
C HIS B 509 -12.38 30.91 3.38
N VAL B 510 -12.63 29.66 3.74
CA VAL B 510 -11.61 28.65 3.63
C VAL B 510 -11.26 28.46 2.17
N LYS B 511 -9.96 28.49 1.86
CA LYS B 511 -9.43 28.37 0.50
C LYS B 511 -8.61 27.08 0.23
N TYR B 512 -8.16 26.45 1.31
CA TYR B 512 -7.47 25.18 1.26
C TYR B 512 -8.08 24.22 2.30
N LEU B 513 -8.84 23.23 1.82
CA LEU B 513 -9.48 22.27 2.70
C LEU B 513 -8.86 20.88 2.58
N ASP B 514 -8.37 20.36 3.71
CA ASP B 514 -7.80 19.03 3.73
C ASP B 514 -8.81 18.14 4.41
N LEU B 515 -9.32 17.14 3.68
CA LEU B 515 -10.32 16.19 4.23
C LEU B 515 -9.95 14.74 4.03
N THR B 516 -8.66 14.52 3.89
CA THR B 516 -8.13 13.23 3.53
C THR B 516 -8.34 12.17 4.65
N ASN B 517 -8.35 10.88 4.29
CA ASN B 517 -8.40 9.80 5.26
C ASN B 517 -9.58 9.96 6.23
N ASN B 518 -10.76 10.24 5.71
CA ASN B 518 -11.99 10.14 6.49
C ASN B 518 -12.82 9.00 5.88
N ARG B 519 -14.11 8.94 6.17
CA ARG B 519 -15.05 7.97 5.57
C ARG B 519 -16.27 8.72 4.98
N LEU B 520 -16.01 9.81 4.31
CA LEU B 520 -17.07 10.74 3.89
C LEU B 520 -18.10 10.11 3.00
N ASP B 521 -19.36 10.42 3.28
CA ASP B 521 -20.47 9.85 2.54
C ASP B 521 -20.99 10.92 1.57
N PHE B 522 -20.61 10.77 0.31
CA PHE B 522 -20.91 11.79 -0.69
C PHE B 522 -22.28 11.56 -1.29
N ASP B 523 -23.30 12.00 -0.57
CA ASP B 523 -24.69 11.73 -0.91
C ASP B 523 -25.52 13.00 -1.06
N ASN B 524 -24.92 14.14 -1.37
CA ASN B 524 -25.70 15.37 -1.51
C ASN B 524 -24.90 16.34 -2.35
N ALA B 525 -25.51 16.79 -3.45
CA ALA B 525 -24.84 17.62 -4.48
C ALA B 525 -24.52 19.10 -4.10
N SER B 526 -24.96 19.58 -2.95
CA SER B 526 -24.56 20.90 -2.44
C SER B 526 -23.38 20.85 -1.44
N ALA B 527 -22.82 19.66 -1.19
CA ALA B 527 -21.63 19.52 -0.34
C ALA B 527 -20.60 20.64 -0.59
N LEU B 528 -20.13 21.27 0.48
CA LEU B 528 -19.04 22.25 0.42
C LEU B 528 -19.31 23.55 -0.34
N THR B 529 -20.50 23.70 -0.93
CA THR B 529 -20.74 24.80 -1.84
C THR B 529 -20.84 26.14 -1.13
N GLU B 530 -20.89 26.12 0.21
CA GLU B 530 -20.80 27.33 1.02
C GLU B 530 -19.40 27.94 0.95
N LEU B 531 -18.41 27.15 0.51
CA LEU B 531 -17.05 27.68 0.44
C LEU B 531 -16.76 28.30 -0.93
N SER B 532 -17.35 29.47 -1.18
CA SER B 532 -17.17 30.10 -2.49
C SER B 532 -15.72 30.44 -2.88
N ASP B 533 -14.81 30.63 -1.91
CA ASP B 533 -13.44 30.98 -2.30
C ASP B 533 -12.50 29.78 -2.40
N LEU B 534 -13.03 28.58 -2.29
CA LEU B 534 -12.17 27.38 -2.27
C LEU B 534 -11.39 27.23 -3.55
N GLU B 535 -10.08 27.08 -3.37
CA GLU B 535 -9.11 26.84 -4.41
C GLU B 535 -8.45 25.47 -4.38
N VAL B 536 -8.39 24.84 -3.21
CA VAL B 536 -7.68 23.59 -3.12
C VAL B 536 -8.44 22.67 -2.22
N LEU B 537 -8.75 21.49 -2.75
CA LEU B 537 -9.60 20.54 -2.05
C LEU B 537 -9.00 19.15 -2.17
N ASP B 538 -8.60 18.59 -1.04
CA ASP B 538 -7.99 17.24 -1.01
C ASP B 538 -8.99 16.26 -0.40
N LEU B 539 -9.49 15.34 -1.24
CA LEU B 539 -10.40 14.30 -0.77
C LEU B 539 -9.82 12.87 -0.86
N SER B 540 -8.51 12.74 -1.01
CA SER B 540 -7.78 11.45 -0.97
C SER B 540 -8.17 10.58 0.22
N TYR B 541 -8.08 9.27 -0.02
CA TYR B 541 -8.46 8.22 0.93
C TYR B 541 -9.73 8.45 1.63
N ASN B 542 -10.81 8.70 0.89
CA ASN B 542 -12.14 8.58 1.46
C ASN B 542 -12.91 7.44 0.74
N SER B 543 -12.29 6.30 0.59
CA SER B 543 -12.89 5.23 -0.20
C SER B 543 -14.05 4.46 0.45
N HIS B 544 -14.31 4.69 1.73
CA HIS B 544 -15.27 3.89 2.52
C HIS B 544 -16.60 3.60 1.79
N TYR B 545 -17.26 4.67 1.37
CA TYR B 545 -18.54 4.53 0.74
C TYR B 545 -18.42 4.35 -0.74
N PHE B 546 -17.49 5.04 -1.38
CA PHE B 546 -17.21 4.77 -2.81
C PHE B 546 -17.10 3.28 -3.17
N ARG B 547 -16.53 2.47 -2.29
CA ARG B 547 -16.29 1.07 -2.65
C ARG B 547 -17.57 0.23 -2.62
N ILE B 548 -18.67 0.78 -2.12
CA ILE B 548 -19.93 0.05 -2.01
C ILE B 548 -20.88 0.45 -3.12
N ALA B 549 -21.17 -0.47 -4.04
CA ALA B 549 -21.88 -0.17 -5.30
C ALA B 549 -23.29 0.24 -5.04
N GLY B 550 -23.92 -0.41 -4.08
CA GLY B 550 -25.30 -0.19 -3.78
C GLY B 550 -25.65 1.04 -2.99
N VAL B 551 -24.72 1.85 -2.49
CA VAL B 551 -25.10 3.15 -1.95
C VAL B 551 -24.91 4.23 -3.02
N THR B 552 -25.64 5.34 -2.88
CA THR B 552 -25.51 6.48 -3.81
C THR B 552 -24.20 7.30 -3.62
N HIS B 553 -23.60 7.72 -4.73
CA HIS B 553 -22.37 8.52 -4.75
C HIS B 553 -22.58 9.70 -5.66
N HIS B 554 -22.40 10.91 -5.13
CA HIS B 554 -22.63 12.16 -5.85
C HIS B 554 -21.44 13.12 -5.79
N LEU B 555 -20.93 13.52 -6.96
CA LEU B 555 -19.83 14.46 -7.07
C LEU B 555 -20.20 15.76 -7.87
N GLU B 556 -21.49 16.00 -8.07
CA GLU B 556 -21.95 17.16 -8.82
C GLU B 556 -21.51 18.52 -8.22
N PHE B 557 -21.36 18.59 -6.90
CA PHE B 557 -20.90 19.82 -6.25
C PHE B 557 -19.61 20.42 -6.83
N ILE B 558 -18.79 19.61 -7.49
CA ILE B 558 -17.59 20.11 -8.11
C ILE B 558 -17.84 21.32 -9.04
N GLN B 559 -18.84 21.25 -9.91
CA GLN B 559 -19.08 22.35 -10.85
C GLN B 559 -19.37 23.69 -10.20
N ASN B 560 -19.79 23.69 -8.95
CA ASN B 560 -20.25 24.90 -8.26
C ASN B 560 -19.11 25.88 -7.85
N PHE B 561 -17.87 25.41 -7.81
CA PHE B 561 -16.76 26.24 -7.37
C PHE B 561 -16.17 27.08 -8.48
N THR B 562 -16.16 28.40 -8.29
CA THR B 562 -15.75 29.30 -9.37
C THR B 562 -14.31 29.64 -9.23
N ASN B 563 -13.72 29.24 -8.10
CA ASN B 563 -12.32 29.55 -7.80
C ASN B 563 -11.43 28.32 -7.60
N LEU B 564 -11.97 27.12 -7.80
CA LEU B 564 -11.27 25.89 -7.46
C LEU B 564 -10.20 25.57 -8.46
N LYS B 565 -8.97 25.38 -8.03
CA LYS B 565 -7.86 25.10 -8.93
C LYS B 565 -7.27 23.67 -8.86
N VAL B 566 -7.20 23.11 -7.65
CA VAL B 566 -6.63 21.79 -7.46
C VAL B 566 -7.66 20.90 -6.72
N LEU B 567 -8.00 19.76 -7.32
CA LEU B 567 -8.85 18.75 -6.68
C LEU B 567 -8.14 17.41 -6.70
N ASN B 568 -8.02 16.80 -5.52
CA ASN B 568 -7.39 15.52 -5.38
C ASN B 568 -8.46 14.55 -4.94
N LEU B 569 -8.77 13.61 -5.83
CA LEU B 569 -9.69 12.52 -5.57
C LEU B 569 -8.98 11.16 -5.48
N SER B 570 -7.67 11.18 -5.24
CA SER B 570 -6.88 9.94 -5.26
C SER B 570 -7.30 8.85 -4.21
N HIS B 571 -7.04 7.60 -4.53
CA HIS B 571 -7.26 6.43 -3.67
C HIS B 571 -8.64 6.39 -3.05
N ASN B 572 -9.65 6.71 -3.85
CA ASN B 572 -11.02 6.61 -3.39
C ASN B 572 -11.74 5.38 -3.95
N ASN B 573 -11.12 4.60 -4.83
CA ASN B 573 -11.74 3.40 -5.33
C ASN B 573 -13.02 3.74 -6.11
N ILE B 574 -12.99 4.85 -6.83
CA ILE B 574 -14.17 5.29 -7.54
C ILE B 574 -14.40 4.33 -8.72
N TYR B 575 -15.59 3.74 -8.81
CA TYR B 575 -15.97 2.99 -10.01
C TYR B 575 -17.43 3.10 -10.37
N THR B 576 -18.23 3.92 -9.67
CA THR B 576 -19.65 4.12 -10.02
C THR B 576 -20.13 5.40 -9.32
N LEU B 577 -20.91 6.19 -10.04
CA LEU B 577 -21.59 7.34 -9.45
C LEU B 577 -23.04 7.27 -9.82
N THR B 578 -23.86 8.10 -9.18
CA THR B 578 -25.29 8.09 -9.34
C THR B 578 -25.72 9.24 -10.24
N ASP B 579 -26.50 8.95 -11.28
CA ASP B 579 -27.16 9.96 -12.11
C ASP B 579 -26.25 10.89 -12.91
N LYS B 580 -25.38 11.68 -12.28
CA LYS B 580 -24.39 12.42 -13.05
C LYS B 580 -23.04 11.70 -13.15
N TYR B 581 -22.64 11.29 -14.36
CA TYR B 581 -21.43 10.52 -14.60
C TYR B 581 -20.20 11.35 -15.01
N ASN B 582 -20.33 12.68 -15.14
CA ASN B 582 -19.23 13.54 -15.61
C ASN B 582 -18.76 14.55 -14.57
N LEU B 583 -17.47 14.85 -14.58
CA LEU B 583 -16.95 15.88 -13.70
C LEU B 583 -16.77 17.16 -14.52
N GLU B 584 -17.43 18.21 -14.04
CA GLU B 584 -17.46 19.49 -14.71
C GLU B 584 -17.01 20.66 -13.83
N SER B 585 -16.14 21.48 -14.37
CA SER B 585 -15.73 22.75 -13.75
C SER B 585 -15.08 23.66 -14.77
N LYS B 586 -15.45 24.93 -14.69
CA LYS B 586 -14.86 25.96 -15.57
C LYS B 586 -13.44 26.40 -15.16
N SER B 587 -13.14 26.23 -13.87
CA SER B 587 -11.91 26.75 -13.24
C SER B 587 -10.80 25.73 -13.08
N LEU B 588 -11.16 24.50 -12.71
CA LEU B 588 -10.20 23.48 -12.31
C LEU B 588 -9.08 23.28 -13.32
N VAL B 589 -7.88 23.22 -12.78
CA VAL B 589 -6.63 23.22 -13.48
C VAL B 589 -5.87 21.91 -13.28
N GLU B 590 -6.02 21.32 -12.08
CA GLU B 590 -5.40 20.05 -11.75
C GLU B 590 -6.36 19.07 -11.12
N LEU B 591 -6.42 17.87 -11.67
CA LEU B 591 -7.17 16.78 -11.03
C LEU B 591 -6.28 15.58 -10.89
N VAL B 592 -6.13 15.15 -9.65
CA VAL B 592 -5.48 13.91 -9.36
C VAL B 592 -6.57 12.87 -9.21
N PHE B 593 -6.57 11.87 -10.10
CA PHE B 593 -7.56 10.79 -10.08
C PHE B 593 -6.88 9.42 -9.90
N SER B 594 -5.71 9.49 -9.33
CA SER B 594 -4.95 8.32 -9.09
C SER B 594 -5.58 7.32 -8.09
N GLY B 595 -5.35 6.04 -8.32
CA GLY B 595 -5.83 5.01 -7.41
C GLY B 595 -7.33 4.86 -7.34
N ASN B 596 -8.00 5.06 -8.48
CA ASN B 596 -9.42 4.75 -8.62
C ASN B 596 -9.59 3.57 -9.59
N ARG B 597 -10.80 3.35 -10.15
CA ARG B 597 -11.03 2.25 -11.08
C ARG B 597 -11.57 2.74 -12.44
N LEU B 598 -10.77 3.49 -13.15
CA LEU B 598 -11.09 3.84 -14.50
C LEU B 598 -11.13 2.59 -15.39
N ASP B 599 -10.51 1.48 -14.98
CA ASP B 599 -10.69 0.19 -15.72
C ASP B 599 -12.16 -0.22 -15.71
N ILE B 600 -12.85 0.01 -14.60
CA ILE B 600 -14.28 -0.29 -14.59
C ILE B 600 -15.09 0.81 -15.26
N LEU B 601 -14.80 2.08 -14.95
CA LEU B 601 -15.61 3.19 -15.47
C LEU B 601 -15.64 3.21 -17.03
N TRP B 602 -14.46 3.01 -17.59
CA TRP B 602 -14.29 2.84 -19.02
C TRP B 602 -14.25 1.39 -19.54
N ASN B 603 -14.81 0.41 -18.85
CA ASN B 603 -14.90 -0.95 -19.46
C ASN B 603 -15.62 -0.90 -20.83
N ASP B 604 -15.18 -1.74 -21.77
CA ASP B 604 -15.64 -1.68 -23.18
C ASP B 604 -17.17 -1.62 -23.44
N ASP B 605 -17.97 -2.25 -22.58
CA ASP B 605 -19.40 -2.32 -22.79
C ASP B 605 -20.22 -1.29 -22.02
N ASP B 606 -19.58 -0.23 -21.55
CA ASP B 606 -20.25 0.85 -20.81
C ASP B 606 -19.87 2.17 -21.48
N ASN B 607 -20.86 2.92 -21.94
CA ASN B 607 -20.62 4.21 -22.61
C ASN B 607 -20.84 5.37 -21.64
N ARG B 608 -21.24 5.06 -20.42
CA ARG B 608 -21.68 6.08 -19.49
C ARG B 608 -20.60 7.10 -19.08
N TYR B 609 -19.34 6.68 -18.99
CA TYR B 609 -18.25 7.48 -18.42
C TYR B 609 -17.28 7.90 -19.49
N ILE B 610 -17.71 7.72 -20.73
CA ILE B 610 -16.87 7.99 -21.87
C ILE B 610 -16.40 9.43 -21.95
N SER B 611 -17.16 10.38 -21.38
CA SER B 611 -16.70 11.79 -21.29
C SER B 611 -16.53 12.27 -19.84
N ILE B 612 -16.18 11.37 -18.92
CA ILE B 612 -16.02 11.70 -17.51
C ILE B 612 -15.29 13.01 -17.22
N PHE B 613 -14.16 13.25 -17.87
CA PHE B 613 -13.34 14.41 -17.60
C PHE B 613 -13.51 15.56 -18.60
N LYS B 614 -14.45 15.43 -19.54
CA LYS B 614 -14.52 16.39 -20.63
C LYS B 614 -15.02 17.78 -20.19
N GLY B 615 -15.88 17.83 -19.18
CA GLY B 615 -16.43 19.10 -18.71
C GLY B 615 -15.49 19.92 -17.84
N LEU B 616 -14.27 19.43 -17.67
CA LEU B 616 -13.21 20.16 -16.97
C LEU B 616 -12.51 21.07 -17.98
N LYS B 617 -13.15 22.18 -18.32
CA LYS B 617 -12.74 22.92 -19.53
C LYS B 617 -11.40 23.65 -19.40
N ASN B 618 -10.83 23.70 -18.20
CA ASN B 618 -9.64 24.53 -18.00
C ASN B 618 -8.50 23.67 -17.56
N LEU B 619 -8.68 22.35 -17.62
CA LEU B 619 -7.72 21.42 -17.03
C LEU B 619 -6.44 21.37 -17.82
N THR B 620 -5.31 21.39 -17.12
CA THR B 620 -4.01 21.28 -17.75
C THR B 620 -3.18 20.12 -17.19
N ARG B 621 -3.43 19.71 -15.95
CA ARG B 621 -2.72 18.56 -15.38
C ARG B 621 -3.70 17.48 -14.94
N LEU B 622 -3.61 16.31 -15.55
CA LEU B 622 -4.46 15.18 -15.15
C LEU B 622 -3.61 13.98 -14.81
N ASP B 623 -3.87 13.42 -13.62
CA ASP B 623 -3.18 12.24 -13.18
C ASP B 623 -4.13 11.02 -13.17
N LEU B 624 -3.78 10.02 -14.00
CA LEU B 624 -4.62 8.83 -14.12
C LEU B 624 -3.87 7.59 -13.73
N SER B 625 -2.91 7.71 -12.81
CA SER B 625 -2.06 6.56 -12.47
C SER B 625 -2.79 5.60 -11.57
N LEU B 626 -2.31 4.38 -11.48
CA LEU B 626 -2.82 3.40 -10.54
C LEU B 626 -4.31 3.16 -10.68
N ASN B 627 -4.80 3.14 -11.92
CA ASN B 627 -6.20 2.85 -12.17
C ASN B 627 -6.46 1.47 -12.78
N ARG B 628 -5.43 0.62 -12.79
CA ARG B 628 -5.48 -0.75 -13.37
C ARG B 628 -5.86 -0.79 -14.84
N LEU B 629 -5.52 0.25 -15.61
CA LEU B 629 -5.96 0.36 -17.01
C LEU B 629 -5.14 -0.53 -17.91
N LYS B 630 -5.78 -1.43 -18.62
CA LYS B 630 -5.09 -2.32 -19.57
C LYS B 630 -5.17 -1.78 -20.98
N HIS B 631 -6.20 -0.98 -21.25
CA HIS B 631 -6.27 -0.16 -22.44
C HIS B 631 -7.29 0.98 -22.23
N ILE B 632 -7.05 2.14 -22.83
CA ILE B 632 -8.02 3.19 -22.81
C ILE B 632 -8.72 3.09 -24.13
N PRO B 633 -10.06 3.08 -24.13
CA PRO B 633 -10.71 3.12 -25.43
C PRO B 633 -10.54 4.46 -26.16
N ASN B 634 -10.39 4.37 -27.47
CA ASN B 634 -10.05 5.51 -28.31
C ASN B 634 -10.93 6.73 -27.99
N GLU B 635 -12.24 6.52 -27.95
CA GLU B 635 -13.16 7.63 -27.74
C GLU B 635 -12.95 8.29 -26.36
N ALA B 636 -12.69 7.50 -25.33
CA ALA B 636 -12.56 8.06 -24.00
C ALA B 636 -11.29 8.91 -23.93
N PHE B 637 -10.21 8.41 -24.52
CA PHE B 637 -9.01 9.18 -24.65
C PHE B 637 -9.30 10.49 -25.37
N LEU B 638 -9.97 10.40 -26.50
CA LEU B 638 -10.26 11.58 -27.29
C LEU B 638 -11.12 12.60 -26.54
N ASN B 639 -11.83 12.18 -25.50
CA ASN B 639 -12.68 13.10 -24.74
C ASN B 639 -12.01 13.71 -23.50
N LEU B 640 -10.69 13.54 -23.39
CA LEU B 640 -9.92 14.19 -22.32
C LEU B 640 -9.72 15.64 -22.76
N PRO B 641 -9.70 16.60 -21.80
CA PRO B 641 -9.56 18.03 -22.15
C PRO B 641 -8.46 18.34 -23.16
N ALA B 642 -8.81 19.06 -24.24
CA ALA B 642 -7.84 19.59 -25.23
C ALA B 642 -6.76 20.51 -24.66
N SER B 643 -7.06 21.14 -23.53
CA SER B 643 -6.11 22.02 -22.85
C SER B 643 -4.97 21.28 -22.14
N LEU B 644 -5.09 19.98 -21.98
CA LEU B 644 -4.00 19.28 -21.27
C LEU B 644 -2.62 19.73 -21.71
N THR B 645 -1.79 20.05 -20.72
CA THR B 645 -0.36 20.19 -20.92
C THR B 645 0.44 19.02 -20.28
N GLU B 646 -0.15 18.31 -19.32
CA GLU B 646 0.56 17.25 -18.57
C GLU B 646 -0.36 16.05 -18.30
N LEU B 647 -0.03 14.87 -18.82
CA LEU B 647 -0.86 13.68 -18.59
C LEU B 647 -0.05 12.54 -18.01
N HIS B 648 -0.45 12.05 -16.85
CA HIS B 648 0.26 10.96 -16.22
C HIS B 648 -0.62 9.74 -16.33
N ILE B 649 -0.15 8.70 -17.01
CA ILE B 649 -0.89 7.47 -17.02
C ILE B 649 -0.01 6.33 -16.56
N ASN B 650 0.85 6.64 -15.60
CA ASN B 650 1.80 5.68 -15.11
C ASN B 650 1.21 4.64 -14.15
N ASP B 651 1.87 3.48 -14.16
CA ASP B 651 1.66 2.41 -13.20
C ASP B 651 0.28 1.80 -13.36
N ASN B 652 0.01 1.42 -14.59
CA ASN B 652 -1.23 0.82 -14.98
C ASN B 652 -0.73 -0.44 -15.64
N MET B 653 -1.50 -1.05 -16.53
CA MET B 653 -1.04 -2.26 -17.17
C MET B 653 -1.27 -2.13 -18.65
N LEU B 654 -0.96 -0.96 -19.20
CA LEU B 654 -1.30 -0.71 -20.60
C LEU B 654 -0.39 -1.51 -21.53
N LYS B 655 -1.03 -2.28 -22.41
CA LYS B 655 -0.37 -3.09 -23.43
C LYS B 655 -0.21 -2.30 -24.74
N PHE B 656 -1.16 -1.44 -25.07
CA PHE B 656 -1.08 -0.66 -26.31
C PHE B 656 -1.35 0.83 -26.04
N PHE B 657 -0.80 1.71 -26.87
CA PHE B 657 -1.14 3.12 -26.81
C PHE B 657 -1.39 3.71 -28.21
N ASN B 658 -2.54 4.36 -28.40
CA ASN B 658 -2.84 4.91 -29.71
C ASN B 658 -2.21 6.31 -29.84
N TRP B 659 -1.01 6.31 -30.40
CA TRP B 659 -0.18 7.51 -30.56
C TRP B 659 -0.80 8.57 -31.46
N THR B 660 -1.67 8.11 -32.36
CA THR B 660 -2.30 8.93 -33.38
C THR B 660 -3.20 9.97 -32.72
N LEU B 661 -3.68 9.60 -31.54
CA LEU B 661 -4.69 10.35 -30.80
C LEU B 661 -4.12 11.62 -30.20
N LEU B 662 -2.79 11.65 -30.07
CA LEU B 662 -2.09 12.84 -29.59
C LEU B 662 -2.30 14.02 -30.48
N GLN B 663 -2.78 13.75 -31.70
CA GLN B 663 -3.20 14.79 -32.61
C GLN B 663 -4.28 15.69 -32.08
N GLN B 664 -5.01 15.26 -31.05
CA GLN B 664 -6.07 16.08 -30.48
C GLN B 664 -5.60 16.99 -29.35
N PHE B 665 -4.34 16.87 -28.97
CA PHE B 665 -3.87 17.55 -27.76
C PHE B 665 -2.71 18.46 -28.14
N PRO B 666 -3.00 19.56 -28.82
CA PRO B 666 -1.92 20.41 -29.35
C PRO B 666 -1.01 21.03 -28.28
N ARG B 667 -1.52 21.20 -27.06
CA ARG B 667 -0.74 21.82 -26.00
C ARG B 667 0.01 20.81 -25.16
N LEU B 668 -0.33 19.54 -25.31
CA LEU B 668 0.31 18.52 -24.51
C LEU B 668 1.82 18.59 -24.56
N GLU B 669 2.44 18.84 -23.41
CA GLU B 669 3.91 18.95 -23.31
C GLU B 669 4.62 17.79 -22.59
N LEU B 670 3.93 17.11 -21.70
CA LEU B 670 4.52 16.02 -20.92
C LEU B 670 3.58 14.82 -20.94
N LEU B 671 4.15 13.64 -21.23
CA LEU B 671 3.40 12.38 -21.25
C LEU B 671 4.14 11.35 -20.45
N ASP B 672 3.48 10.84 -19.41
CA ASP B 672 4.13 9.96 -18.48
C ASP B 672 3.44 8.59 -18.60
N LEU B 673 4.17 7.61 -19.15
CA LEU B 673 3.64 6.27 -19.37
C LEU B 673 4.50 5.30 -18.63
N ARG B 674 5.27 5.77 -17.66
CA ARG B 674 6.15 4.88 -16.92
C ARG B 674 5.34 3.78 -16.26
N GLY B 675 5.96 2.61 -16.18
CA GLY B 675 5.44 1.50 -15.38
C GLY B 675 4.22 0.84 -15.99
N ASN B 676 4.17 0.74 -17.31
CA ASN B 676 3.10 0.01 -18.00
C ASN B 676 3.65 -1.28 -18.66
N LYS B 677 3.04 -1.78 -19.74
CA LYS B 677 3.52 -2.99 -20.40
C LYS B 677 3.61 -2.77 -21.91
N LEU B 678 3.99 -1.55 -22.33
CA LEU B 678 3.92 -1.18 -23.74
C LEU B 678 5.09 -1.76 -24.49
N LEU B 679 4.81 -2.47 -25.58
CA LEU B 679 5.83 -3.07 -26.42
C LEU B 679 6.13 -2.20 -27.64
N PHE B 680 5.18 -1.35 -28.04
CA PHE B 680 5.20 -0.67 -29.33
C PHE B 680 5.43 0.83 -29.21
N LEU B 681 6.39 1.35 -29.97
CA LEU B 681 6.52 2.78 -30.25
C LEU B 681 6.08 3.02 -31.68
N THR B 682 5.44 4.16 -31.93
CA THR B 682 5.08 4.52 -33.29
C THR B 682 6.35 4.89 -34.03
N ASP B 683 6.28 4.82 -35.34
CA ASP B 683 7.40 5.21 -36.20
C ASP B 683 7.12 6.58 -36.85
N SER B 684 5.94 7.14 -36.55
CA SER B 684 5.47 8.34 -37.23
C SER B 684 5.04 9.43 -36.23
N LEU B 685 5.80 9.58 -35.15
CA LEU B 685 5.40 10.44 -34.05
C LEU B 685 5.12 11.90 -34.44
N SER B 686 6.04 12.52 -35.18
CA SER B 686 5.92 13.94 -35.51
C SER B 686 4.74 14.18 -36.44
N ASP B 687 4.19 13.09 -36.98
CA ASP B 687 2.87 13.13 -37.62
C ASP B 687 1.77 13.48 -36.61
N PHE B 688 1.98 13.17 -35.33
CA PHE B 688 0.96 13.33 -34.29
C PHE B 688 1.25 14.32 -33.15
N THR B 689 2.49 14.80 -33.03
CA THR B 689 2.75 15.86 -32.07
C THR B 689 3.86 16.87 -32.49
N SER B 690 3.58 18.15 -32.25
CA SER B 690 4.53 19.27 -32.37
C SER B 690 4.89 19.87 -31.00
N SER B 691 4.18 19.45 -29.95
CA SER B 691 4.27 20.07 -28.61
C SER B 691 5.06 19.29 -27.56
N LEU B 692 5.11 17.97 -27.68
CA LEU B 692 5.61 17.16 -26.58
C LEU B 692 7.06 17.52 -26.25
N ARG B 693 7.34 17.83 -24.99
CA ARG B 693 8.75 18.03 -24.61
C ARG B 693 9.30 16.89 -23.76
N THR B 694 8.45 16.26 -22.94
CA THR B 694 8.89 15.13 -22.12
C THR B 694 8.05 13.86 -22.35
N LEU B 695 8.72 12.75 -22.65
CA LEU B 695 8.06 11.48 -22.80
C LEU B 695 8.74 10.49 -21.87
N LEU B 696 7.99 10.02 -20.87
CA LEU B 696 8.57 9.13 -19.87
C LEU B 696 8.04 7.74 -20.18
N LEU B 697 8.95 6.82 -20.46
CA LEU B 697 8.57 5.46 -20.86
C LEU B 697 9.29 4.43 -20.03
N SER B 698 9.88 4.81 -18.91
CA SER B 698 10.66 3.85 -18.20
C SER B 698 9.78 2.72 -17.66
N HIS B 699 10.39 1.54 -17.55
CA HIS B 699 9.76 0.34 -16.97
C HIS B 699 8.59 -0.09 -17.83
N ASN B 700 8.86 -0.30 -19.11
CA ASN B 700 7.91 -0.86 -20.07
C ASN B 700 8.61 -2.05 -20.78
N ARG B 701 8.12 -2.45 -21.94
CA ARG B 701 8.65 -3.62 -22.63
C ARG B 701 9.07 -3.31 -24.05
N ILE B 702 9.82 -2.23 -24.25
CA ILE B 702 10.26 -1.87 -25.56
C ILE B 702 11.64 -2.51 -25.74
N SER B 703 11.83 -3.21 -26.85
CA SER B 703 13.13 -3.77 -27.23
C SER B 703 13.52 -3.34 -28.63
N HIS B 704 12.84 -2.35 -29.19
CA HIS B 704 13.23 -1.81 -30.47
C HIS B 704 12.79 -0.36 -30.59
N LEU B 705 13.70 0.49 -31.10
CA LEU B 705 13.37 1.89 -31.42
C LEU B 705 13.20 2.07 -32.92
N PRO B 706 12.11 2.72 -33.33
CA PRO B 706 11.85 2.82 -34.76
C PRO B 706 12.93 3.61 -35.48
N SER B 707 13.15 3.26 -36.74
CA SER B 707 13.96 4.07 -37.63
C SER B 707 13.59 5.56 -37.48
N GLY B 708 14.62 6.40 -37.34
CA GLY B 708 14.46 7.85 -37.26
C GLY B 708 13.96 8.41 -35.95
N PHE B 709 13.63 7.53 -34.99
CA PHE B 709 12.77 7.88 -33.86
C PHE B 709 13.20 9.17 -33.16
N LEU B 710 14.44 9.23 -32.70
CA LEU B 710 14.97 10.48 -32.14
C LEU B 710 15.27 11.42 -33.31
N SER B 711 14.93 12.70 -33.14
CA SER B 711 14.87 13.72 -34.22
C SER B 711 13.58 13.68 -35.05
N GLU B 712 12.79 12.62 -34.88
CA GLU B 712 11.36 12.70 -35.08
C GLU B 712 10.87 13.74 -34.09
N VAL B 713 11.53 13.72 -32.95
CA VAL B 713 11.14 14.35 -31.70
C VAL B 713 10.83 15.84 -31.74
N SER B 714 11.58 16.61 -32.53
CA SER B 714 11.34 18.05 -32.72
C SER B 714 11.34 18.85 -31.39
N SER B 715 10.20 18.92 -30.71
CA SER B 715 10.09 19.70 -29.47
C SER B 715 10.55 18.87 -28.29
N LEU B 716 10.67 17.56 -28.51
CA LEU B 716 11.06 16.65 -27.44
C LEU B 716 12.42 17.06 -26.91
N LYS B 717 12.41 17.49 -25.66
CA LYS B 717 13.64 17.72 -24.92
C LYS B 717 14.09 16.51 -24.09
N HIS B 718 13.12 15.79 -23.49
CA HIS B 718 13.45 14.71 -22.54
C HIS B 718 12.76 13.38 -22.93
N LEU B 719 13.57 12.36 -23.23
CA LEU B 719 13.10 11.01 -23.46
C LEU B 719 13.65 10.06 -22.41
N ASP B 720 12.75 9.41 -21.67
CA ASP B 720 13.14 8.40 -20.69
C ASP B 720 12.71 7.00 -21.15
N LEU B 721 13.71 6.19 -21.49
CA LEU B 721 13.55 4.81 -21.92
C LEU B 721 14.28 3.86 -21.02
N SER B 722 14.60 4.27 -19.79
CA SER B 722 15.25 3.35 -18.85
C SER B 722 14.37 2.12 -18.53
N SER B 723 15.01 1.08 -18.00
CA SER B 723 14.34 -0.16 -17.65
C SER B 723 13.37 -0.67 -18.73
N ASN B 724 13.86 -0.89 -19.94
CA ASN B 724 13.10 -1.58 -20.98
C ASN B 724 13.84 -2.84 -21.43
N LEU B 725 13.66 -3.24 -22.68
CA LEU B 725 14.24 -4.50 -23.16
C LEU B 725 15.17 -4.26 -24.36
N LEU B 726 15.80 -3.10 -24.43
CA LEU B 726 16.56 -2.74 -25.62
C LEU B 726 17.85 -3.55 -25.65
N LYS B 727 18.14 -4.16 -26.79
CA LYS B 727 19.41 -4.83 -27.00
C LYS B 727 20.42 -3.92 -27.68
N THR B 728 19.92 -3.06 -28.57
CA THR B 728 20.78 -2.10 -29.25
C THR B 728 20.02 -0.80 -29.47
N ILE B 729 20.74 0.17 -30.03
CA ILE B 729 20.10 1.17 -30.86
C ILE B 729 20.81 1.17 -32.21
N ASN B 730 20.05 0.66 -33.19
CA ASN B 730 20.53 0.52 -34.55
C ASN B 730 20.70 1.89 -35.20
N LYS B 731 21.62 1.96 -36.14
CA LYS B 731 21.94 3.20 -36.81
C LYS B 731 20.70 3.85 -37.35
N SER B 732 19.79 3.04 -37.90
CA SER B 732 18.44 3.50 -38.23
C SER B 732 17.84 4.38 -37.13
N ALA B 733 17.76 3.85 -35.91
CA ALA B 733 17.07 4.55 -34.82
C ALA B 733 17.65 5.93 -34.52
N LEU B 734 18.97 6.03 -34.63
CA LEU B 734 19.71 7.28 -34.42
C LEU B 734 19.96 8.00 -35.73
N GLU B 735 19.41 7.47 -36.83
CA GLU B 735 19.69 7.98 -38.17
C GLU B 735 19.33 9.45 -38.26
N THR B 736 18.12 9.78 -37.80
CA THR B 736 17.65 11.17 -37.67
C THR B 736 17.67 11.98 -38.99
N LYS B 737 16.49 12.27 -39.57
CA LYS B 737 16.48 13.12 -40.77
C LYS B 737 17.09 14.51 -40.47
N THR B 738 16.75 15.06 -39.31
CA THR B 738 17.23 16.38 -38.91
C THR B 738 18.27 16.20 -37.79
N THR B 739 18.44 17.22 -36.96
CA THR B 739 19.32 17.14 -35.83
C THR B 739 18.36 17.16 -34.62
N THR B 740 18.50 16.18 -33.73
CA THR B 740 17.65 16.04 -32.52
C THR B 740 17.67 17.28 -31.60
N LYS B 741 16.53 17.58 -30.98
CA LYS B 741 16.41 18.66 -29.99
C LYS B 741 16.54 18.14 -28.55
N LEU B 742 16.82 16.84 -28.45
CA LEU B 742 16.95 16.17 -27.18
C LEU B 742 18.07 16.76 -26.32
N SER B 743 17.79 17.04 -25.06
CA SER B 743 18.85 17.38 -24.10
C SER B 743 19.01 16.34 -23.01
N MET B 744 18.03 15.45 -22.86
CA MET B 744 18.21 14.34 -21.92
C MET B 744 17.63 13.07 -22.47
N LEU B 745 18.44 12.02 -22.41
CA LEU B 745 18.04 10.69 -22.81
C LEU B 745 18.42 9.74 -21.67
N GLU B 746 17.44 8.96 -21.21
CA GLU B 746 17.67 7.95 -20.17
C GLU B 746 17.54 6.54 -20.75
N LEU B 747 18.52 5.68 -20.45
CA LEU B 747 18.67 4.35 -21.06
C LEU B 747 19.19 3.27 -20.10
N HIS B 748 19.45 3.64 -18.85
CA HIS B 748 20.02 2.69 -17.94
C HIS B 748 19.08 1.52 -17.72
N GLY B 749 19.63 0.47 -17.14
CA GLY B 749 18.90 -0.76 -16.86
C GLY B 749 18.25 -1.39 -18.06
N ASN B 750 18.68 -1.07 -19.29
CA ASN B 750 18.27 -1.86 -20.45
C ASN B 750 19.25 -3.02 -20.58
N PRO B 751 18.87 -4.11 -21.29
CA PRO B 751 19.72 -5.31 -21.44
C PRO B 751 20.53 -5.26 -22.74
N PHE B 752 21.48 -4.34 -22.78
CA PHE B 752 22.20 -4.01 -24.02
C PHE B 752 23.14 -5.13 -24.41
N GLU B 753 23.31 -5.29 -25.72
CA GLU B 753 24.24 -6.29 -26.26
C GLU B 753 25.52 -5.65 -26.76
N CYS B 754 26.57 -5.81 -25.96
CA CYS B 754 27.84 -5.14 -26.20
C CYS B 754 28.74 -5.93 -27.13
N THR B 755 28.43 -5.84 -28.42
CA THR B 755 29.26 -6.36 -29.48
C THR B 755 29.51 -5.17 -30.39
N CYS B 756 30.31 -5.35 -31.44
CA CYS B 756 30.61 -4.24 -32.36
C CYS B 756 29.33 -3.66 -32.98
N ASP B 757 28.21 -4.34 -32.73
CA ASP B 757 26.84 -3.89 -33.04
C ASP B 757 26.41 -2.56 -32.37
N ILE B 758 27.05 -2.24 -31.25
CA ILE B 758 26.75 -1.02 -30.50
C ILE B 758 27.71 0.15 -30.76
N GLY B 759 28.70 -0.06 -31.63
CA GLY B 759 29.63 1.01 -31.99
C GLY B 759 28.92 2.25 -32.50
N ASP B 760 27.96 2.02 -33.40
CA ASP B 760 27.10 3.06 -33.96
C ASP B 760 26.65 4.06 -32.89
N PHE B 761 25.98 3.51 -31.88
CA PHE B 761 25.43 4.27 -30.77
C PHE B 761 26.48 5.02 -29.97
N ARG B 762 27.60 4.35 -29.67
CA ARG B 762 28.72 4.99 -28.97
C ARG B 762 29.23 6.21 -29.71
N ARG B 763 29.36 6.05 -31.02
CA ARG B 763 29.75 7.16 -31.87
C ARG B 763 28.62 8.19 -31.94
N TRP B 764 27.37 7.73 -31.81
CA TRP B 764 26.28 8.68 -31.63
C TRP B 764 26.52 9.43 -30.33
N MET B 765 26.73 8.68 -29.25
CA MET B 765 26.99 9.25 -27.94
C MET B 765 28.19 10.21 -27.95
N ASP B 766 29.24 9.86 -28.68
CA ASP B 766 30.44 10.70 -28.69
C ASP B 766 30.14 12.02 -29.40
N GLU B 767 29.40 11.96 -30.50
CA GLU B 767 29.01 13.19 -31.21
C GLU B 767 28.27 14.14 -30.31
N HIS B 768 27.13 13.69 -29.79
CA HIS B 768 26.14 14.58 -29.22
C HIS B 768 26.32 14.82 -27.72
N LEU B 769 27.37 15.57 -27.38
CA LEU B 769 27.62 15.89 -25.96
C LEU B 769 26.56 16.80 -25.32
N ASN B 770 25.76 17.44 -26.17
CA ASN B 770 24.58 18.18 -25.74
C ASN B 770 23.43 17.31 -25.22
N VAL B 771 23.53 16.00 -25.41
CA VAL B 771 22.49 15.09 -24.92
C VAL B 771 23.04 14.35 -23.69
N LYS B 772 22.65 14.81 -22.50
CA LYS B 772 23.12 14.19 -21.26
C LYS B 772 22.52 12.79 -21.07
N ILE B 773 23.30 11.92 -20.44
CA ILE B 773 22.86 10.56 -20.14
C ILE B 773 23.15 10.31 -18.67
N PRO B 774 22.11 10.26 -17.81
CA PRO B 774 22.49 10.02 -16.41
C PRO B 774 22.94 8.58 -16.22
N ARG B 775 23.54 8.30 -15.07
CA ARG B 775 23.76 6.95 -14.60
C ARG B 775 24.41 6.05 -15.64
N LEU B 776 25.46 6.53 -16.28
CA LEU B 776 26.21 5.73 -17.25
C LEU B 776 26.76 4.45 -16.63
N VAL B 777 27.13 4.51 -15.36
CA VAL B 777 27.48 3.30 -14.61
C VAL B 777 26.40 2.22 -14.69
N ASP B 778 25.14 2.63 -14.79
CA ASP B 778 24.02 1.68 -14.85
C ASP B 778 23.45 1.55 -16.26
N VAL B 779 24.11 2.17 -17.24
CA VAL B 779 23.93 1.84 -18.65
C VAL B 779 24.91 0.74 -18.95
N ILE B 780 24.42 -0.50 -19.03
CA ILE B 780 25.26 -1.66 -18.77
C ILE B 780 25.16 -2.70 -19.87
N CYS B 781 26.24 -3.48 -20.00
CA CYS B 781 26.23 -4.60 -20.89
C CYS B 781 25.47 -5.74 -20.23
N ALA B 782 24.46 -6.23 -20.92
CA ALA B 782 23.79 -7.47 -20.52
C ALA B 782 24.54 -8.65 -21.12
N SER B 783 24.95 -8.51 -22.38
CA SER B 783 25.63 -9.57 -23.10
C SER B 783 26.67 -9.04 -24.11
N PRO B 784 27.63 -9.88 -24.54
CA PRO B 784 27.92 -11.23 -24.01
C PRO B 784 28.58 -11.15 -22.62
N GLY B 785 29.16 -12.24 -22.14
CA GLY B 785 29.86 -12.27 -20.84
C GLY B 785 31.17 -13.06 -20.90
N ASP B 786 32.32 -12.41 -21.05
CA ASP B 786 32.47 -10.97 -20.93
C ASP B 786 31.84 -10.19 -22.09
N GLN B 787 31.18 -9.08 -21.75
CA GLN B 787 31.05 -8.66 -20.37
C GLN B 787 29.67 -8.14 -20.07
N ARG B 788 28.98 -8.82 -19.17
CA ARG B 788 27.86 -8.20 -18.50
C ARG B 788 28.46 -7.27 -17.46
N GLY B 789 27.73 -6.23 -17.13
CA GLY B 789 28.06 -5.42 -15.96
C GLY B 789 29.06 -4.34 -16.27
N LYS B 790 29.78 -4.47 -17.38
CA LYS B 790 30.66 -3.40 -17.81
C LYS B 790 29.83 -2.36 -18.55
N SER B 791 29.97 -1.10 -18.14
CA SER B 791 29.24 -0.01 -18.77
C SER B 791 29.59 0.07 -20.23
N ILE B 792 28.59 0.41 -21.05
CA ILE B 792 28.83 0.52 -22.49
C ILE B 792 29.83 1.64 -22.81
N VAL B 793 30.12 2.48 -21.82
CA VAL B 793 31.13 3.52 -21.97
C VAL B 793 32.55 2.97 -22.06
N SER B 794 32.76 1.75 -21.57
CA SER B 794 34.06 1.09 -21.61
C SER B 794 34.02 -0.25 -22.34
#